data_5UYZ
#
_entry.id   5UYZ
#
_cell.length_a   205.570
_cell.length_b   205.570
_cell.length_c   163.550
_cell.angle_alpha   90.00
_cell.angle_beta   90.00
_cell.angle_gamma   90.00
#
_symmetry.space_group_name_H-M   'P 4 21 2'
#
loop_
_entity.id
_entity.type
_entity.pdbx_description
1 polymer 'T-complex protein 1 subunit epsilon'
2 non-polymer "ADENOSINE-5'-DIPHOSPHATE"
3 non-polymer 'MAGNESIUM ION'
#
_entity_poly.entity_id   1
_entity_poly.type   'polypeptide(L)'
_entity_poly.pdbx_seq_one_letter_code
;MASMGTLAFDEYGRPFLIIKDQDRKSRLMGLEALKSHIMAAKAVANTMRTSLGPNGLDKMMVDKDGDVTVTNDGATILSM
MDVDHQIAKLMVELSKSQDDEIGDGTTGVVVLAGALLEEAEQLLDRGIHPIRIADGYEQAARVAIERLDKISDSVLVDIK
DTEPLIQTAKTTLGSKVVNSCHRQMAEIAVNAVLTVADMERRDVDFELIKVEGKVGGRLEDTKLIKGVIVDKDFSHPQMP
KKVEDAKIAILTCPFEPPKPKTKHKLDVTSVEDYKALQKYEKEKFEEMIQQIKETGANLAICQWGFDDEANHLLLQNNLP
AVRWVGGPEIELIAIATGGRIVPRFSELTAEKLGFAGLVQEISFGTTKDKMLVIEQCKNSRAVTIFIRGGNKMIIEEAKR
SLHDALCVIRNLIRDNRVVYGGGAAEISCALAVSQEADKCPTLEQYAMRAFADALEVIPMALSENSGMNPIQTMTEVRAR
QVKEMNPALGIDCLHKGTNDMKQQHVIETLIGKKQQISLATQMVRMILKIDDIRKPGESEE
;
_entity_poly.pdbx_strand_id   A,B,C,D
#
loop_
_chem_comp.id
_chem_comp.type
_chem_comp.name
_chem_comp.formula
ADP non-polymer ADENOSINE-5'-DIPHOSPHATE 'C10 H15 N5 O10 P2'
MG non-polymer 'MAGNESIUM ION' 'Mg 2'
#
# COMPACT_ATOMS: atom_id res chain seq x y z
N LEU A 31 -0.88 2.77 7.31
CA LEU A 31 -0.20 1.56 7.75
C LEU A 31 1.19 1.86 8.29
N GLU A 32 1.84 2.86 7.71
CA GLU A 32 3.22 3.17 8.09
C GLU A 32 3.34 3.57 9.55
N ALA A 33 2.25 4.03 10.18
CA ALA A 33 2.26 4.23 11.62
C ALA A 33 2.67 2.95 12.35
N LEU A 34 2.17 1.80 11.88
CA LEU A 34 2.56 0.52 12.48
C LEU A 34 4.05 0.28 12.34
N LYS A 35 4.62 0.61 11.18
CA LYS A 35 6.05 0.41 10.98
C LYS A 35 6.88 1.37 11.84
N SER A 36 6.39 2.58 12.07
CA SER A 36 7.04 3.47 13.02
C SER A 36 7.08 2.86 14.42
N HIS A 37 5.94 2.32 14.86
CA HIS A 37 5.87 1.69 16.18
C HIS A 37 6.78 0.48 16.23
N ILE A 38 6.77 -0.34 15.16
CA ILE A 38 7.58 -1.55 15.14
C ILE A 38 9.06 -1.20 15.20
N MET A 39 9.44 -0.08 14.56
CA MET A 39 10.85 0.31 14.53
C MET A 39 11.31 0.85 15.88
N ALA A 40 10.50 1.72 16.49
CA ALA A 40 10.84 2.25 17.81
C ALA A 40 10.88 1.14 18.85
N ALA A 41 9.90 0.24 18.82
CA ALA A 41 9.88 -0.84 19.80
C ALA A 41 11.09 -1.75 19.64
N LYS A 42 11.43 -2.12 18.41
CA LYS A 42 12.65 -2.90 18.20
C LYS A 42 13.89 -2.11 18.59
N ALA A 43 13.84 -0.78 18.57
CA ALA A 43 14.96 0.02 19.04
C ALA A 43 15.16 -0.17 20.55
N VAL A 44 14.06 -0.12 21.32
CA VAL A 44 14.14 -0.38 22.75
C VAL A 44 14.69 -1.79 22.99
N ALA A 45 14.12 -2.77 22.29
CA ALA A 45 14.57 -4.15 22.44
C ALA A 45 16.06 -4.28 22.14
N ASN A 46 16.52 -3.72 21.02
CA ASN A 46 17.94 -3.78 20.69
C ASN A 46 18.79 -3.08 21.74
N THR A 47 18.25 -2.07 22.41
CA THR A 47 18.99 -1.43 23.50
C THR A 47 19.22 -2.41 24.65
N MET A 48 18.22 -3.21 24.98
CA MET A 48 18.29 -4.07 26.16
C MET A 48 18.63 -5.52 25.85
N ARG A 49 18.78 -5.89 24.57
CA ARG A 49 19.19 -7.27 24.29
C ARG A 49 20.66 -7.51 24.61
N THR A 50 21.44 -6.46 24.86
CA THR A 50 22.81 -6.61 25.32
C THR A 50 22.91 -6.79 26.84
N SER A 51 21.87 -6.42 27.58
CA SER A 51 21.83 -6.58 29.02
C SER A 51 21.17 -7.89 29.44
N LEU A 52 20.91 -8.80 28.49
CA LEU A 52 20.25 -10.05 28.80
C LEU A 52 21.25 -11.09 29.27
N GLY A 53 20.88 -11.84 30.31
CA GLY A 53 21.72 -12.88 30.84
C GLY A 53 22.67 -12.38 31.92
N PRO A 54 23.49 -13.27 32.46
CA PRO A 54 24.43 -12.86 33.51
C PRO A 54 25.54 -11.97 33.00
N ASN A 55 25.90 -12.07 31.72
CA ASN A 55 26.95 -11.25 31.13
C ASN A 55 26.43 -9.92 30.61
N GLY A 56 25.20 -9.53 30.98
CA GLY A 56 24.63 -8.32 30.45
C GLY A 56 25.43 -7.08 30.83
N LEU A 57 25.15 -6.00 30.12
CA LEU A 57 25.88 -4.76 30.30
C LEU A 57 25.12 -3.85 31.27
N ASP A 58 25.59 -2.62 31.44
CA ASP A 58 25.24 -1.84 32.62
C ASP A 58 24.29 -0.67 32.37
N LYS A 59 24.51 0.11 31.33
CA LYS A 59 23.79 1.37 31.08
C LYS A 59 24.03 2.35 32.23
N MET A 60 24.82 3.40 31.96
CA MET A 60 25.19 4.39 32.98
C MET A 60 23.98 4.85 33.78
N MET A 61 23.04 5.49 33.11
CA MET A 61 21.77 5.89 33.71
C MET A 61 21.94 6.81 34.91
N VAL A 62 22.28 8.08 34.65
CA VAL A 62 22.24 9.10 35.68
C VAL A 62 20.80 9.58 35.73
N ASP A 63 20.47 10.48 36.65
CA ASP A 63 19.09 10.92 36.79
C ASP A 63 19.04 12.29 37.46
N LYS A 64 18.20 13.18 36.94
CA LYS A 64 17.89 14.46 37.55
C LYS A 64 19.17 15.18 37.97
N ASP A 65 19.16 15.77 39.17
CA ASP A 65 20.34 16.43 39.73
C ASP A 65 21.10 15.50 40.67
N GLY A 66 20.76 14.22 40.70
CA GLY A 66 21.25 13.29 41.69
C GLY A 66 22.35 12.38 41.18
N ASP A 67 22.46 11.21 41.81
CA ASP A 67 23.55 10.28 41.58
C ASP A 67 23.25 9.38 40.38
N VAL A 68 24.04 8.31 40.24
CA VAL A 68 23.95 7.42 39.09
C VAL A 68 23.57 6.03 39.58
N THR A 69 23.08 5.20 38.65
CA THR A 69 22.70 3.83 38.96
C THR A 69 23.00 2.95 37.75
N VAL A 70 23.92 1.99 37.92
CA VAL A 70 24.32 1.10 36.83
C VAL A 70 23.94 -0.33 37.23
N THR A 71 23.07 -0.95 36.45
CA THR A 71 22.54 -2.26 36.78
C THR A 71 22.15 -3.01 35.53
N ASN A 72 22.16 -4.34 35.63
CA ASN A 72 21.48 -5.19 34.64
C ASN A 72 20.01 -5.24 35.04
N ASP A 73 19.32 -6.33 34.65
CA ASP A 73 17.91 -6.51 35.02
C ASP A 73 17.07 -5.32 34.59
N GLY A 74 16.57 -5.36 33.36
CA GLY A 74 15.88 -4.22 32.74
C GLY A 74 14.75 -3.63 33.57
N ALA A 75 14.26 -4.34 34.58
CA ALA A 75 13.16 -3.83 35.41
C ALA A 75 13.45 -2.42 35.89
N THR A 76 14.64 -2.19 36.45
CA THR A 76 15.03 -0.84 36.85
C THR A 76 15.31 0.03 35.64
N ILE A 77 15.92 -0.54 34.60
CA ILE A 77 16.14 0.20 33.37
C ILE A 77 14.82 0.77 32.86
N LEU A 78 13.84 -0.10 32.60
CA LEU A 78 12.51 0.35 32.22
C LEU A 78 11.92 1.32 33.26
N SER A 79 12.26 1.14 34.54
CA SER A 79 11.75 2.03 35.57
C SER A 79 12.17 3.47 35.32
N MET A 80 13.38 3.67 34.79
CA MET A 80 13.77 4.99 34.33
C MET A 80 13.82 5.04 32.80
N MET A 81 14.93 4.58 32.22
CA MET A 81 15.15 4.68 30.78
C MET A 81 15.01 6.13 30.32
N ASP A 82 14.66 6.32 29.05
CA ASP A 82 14.26 7.62 28.54
C ASP A 82 12.84 7.48 28.01
N VAL A 83 11.88 8.00 28.76
CA VAL A 83 10.46 7.84 28.42
C VAL A 83 10.13 8.86 27.32
N ASP A 84 9.94 8.36 26.10
CA ASP A 84 9.71 9.24 24.96
C ASP A 84 8.47 8.82 24.17
N HIS A 85 8.61 7.79 23.34
CA HIS A 85 7.54 7.39 22.43
C HIS A 85 6.46 6.62 23.17
N GLN A 86 5.20 6.91 22.83
CA GLN A 86 4.06 6.29 23.49
C GLN A 86 4.07 4.77 23.39
N ILE A 87 4.73 4.22 22.37
CA ILE A 87 4.85 2.77 22.28
C ILE A 87 5.88 2.25 23.28
N ALA A 88 7.02 2.95 23.39
CA ALA A 88 7.95 2.66 24.47
C ALA A 88 7.29 2.83 25.83
N LYS A 89 6.49 3.89 26.00
CA LYS A 89 5.72 4.07 27.22
C LYS A 89 4.79 2.89 27.45
N LEU A 90 4.19 2.36 26.38
CA LEU A 90 3.35 1.17 26.51
C LEU A 90 4.15 -0.02 27.00
N MET A 91 5.37 -0.19 26.47
CA MET A 91 6.21 -1.31 26.89
C MET A 91 6.61 -1.19 28.35
N VAL A 92 6.90 0.03 28.81
CA VAL A 92 7.14 0.23 30.24
C VAL A 92 5.88 -0.07 31.04
N GLU A 93 4.74 0.45 30.58
CA GLU A 93 3.47 0.27 31.28
C GLU A 93 3.19 -1.21 31.54
N LEU A 94 3.25 -2.03 30.49
CA LEU A 94 2.91 -3.44 30.64
C LEU A 94 4.06 -4.27 31.20
N SER A 95 5.31 -3.84 31.02
CA SER A 95 6.42 -4.57 31.63
C SER A 95 6.36 -4.49 33.15
N LYS A 96 6.01 -3.32 33.69
CA LYS A 96 5.82 -3.20 35.12
C LYS A 96 4.44 -3.65 35.58
N SER A 97 3.45 -3.62 34.68
CA SER A 97 2.07 -3.95 35.06
C SER A 97 1.97 -5.32 35.71
N GLN A 98 2.61 -6.32 35.11
CA GLN A 98 2.50 -7.69 35.58
C GLN A 98 3.83 -8.28 36.01
N ASP A 99 4.85 -8.23 35.14
CA ASP A 99 6.08 -8.99 35.40
C ASP A 99 6.86 -8.40 36.57
N ASP A 100 7.14 -7.10 36.54
CA ASP A 100 7.93 -6.50 37.60
C ASP A 100 7.19 -6.55 38.94
N GLU A 101 5.86 -6.45 38.91
CA GLU A 101 5.09 -6.44 40.15
C GLU A 101 4.81 -7.85 40.69
N ILE A 102 4.92 -8.87 39.86
CA ILE A 102 4.61 -10.24 40.30
C ILE A 102 5.82 -11.14 40.06
N GLY A 103 6.18 -11.34 38.79
CA GLY A 103 7.29 -12.20 38.44
C GLY A 103 8.64 -11.52 38.64
N ASP A 104 9.63 -12.01 37.89
CA ASP A 104 10.99 -11.48 37.97
C ASP A 104 11.51 -11.01 36.61
N GLY A 105 11.66 -11.91 35.65
CA GLY A 105 12.24 -11.59 34.36
C GLY A 105 11.51 -10.51 33.59
N THR A 106 12.19 -9.38 33.37
CA THR A 106 11.63 -8.25 32.63
C THR A 106 12.33 -8.03 31.30
N THR A 107 13.67 -8.02 31.30
CA THR A 107 14.42 -7.81 30.07
C THR A 107 13.99 -8.79 28.97
N GLY A 108 13.77 -10.05 29.35
CA GLY A 108 13.35 -11.04 28.36
C GLY A 108 12.04 -10.67 27.69
N VAL A 109 11.13 -10.03 28.42
CA VAL A 109 9.84 -9.66 27.86
C VAL A 109 10.02 -8.68 26.70
N VAL A 110 10.85 -7.65 26.91
CA VAL A 110 10.99 -6.63 25.88
C VAL A 110 11.81 -7.14 24.71
N VAL A 111 12.79 -8.01 24.97
CA VAL A 111 13.58 -8.59 23.87
C VAL A 111 12.70 -9.49 23.02
N LEU A 112 11.89 -10.34 23.66
CA LEU A 112 11.00 -11.24 22.92
C LEU A 112 9.97 -10.45 22.14
N ALA A 113 9.36 -9.45 22.77
CA ALA A 113 8.41 -8.59 22.06
C ALA A 113 9.07 -7.94 20.86
N GLY A 114 10.30 -7.45 21.04
CA GLY A 114 11.01 -6.85 19.92
C GLY A 114 11.22 -7.83 18.77
N ALA A 115 11.63 -9.06 19.09
CA ALA A 115 11.81 -10.07 18.06
C ALA A 115 10.50 -10.36 17.33
N LEU A 116 9.44 -10.62 18.08
CA LEU A 116 8.12 -10.87 17.48
C LEU A 116 7.72 -9.74 16.54
N LEU A 117 8.07 -8.51 16.90
CA LEU A 117 7.77 -7.38 16.03
C LEU A 117 8.65 -7.37 14.79
N GLU A 118 9.94 -7.67 14.96
CA GLU A 118 10.85 -7.69 13.81
C GLU A 118 10.40 -8.72 12.77
N GLU A 119 9.86 -9.84 13.22
CA GLU A 119 9.34 -10.85 12.29
C GLU A 119 7.99 -10.44 11.73
N ALA A 120 7.08 -9.96 12.58
CA ALA A 120 5.77 -9.52 12.13
C ALA A 120 5.85 -8.40 11.10
N GLU A 121 6.97 -7.67 11.08
CA GLU A 121 7.17 -6.65 10.04
C GLU A 121 7.26 -7.29 8.67
N GLN A 122 8.18 -8.26 8.51
CA GLN A 122 8.28 -8.98 7.24
C GLN A 122 6.99 -9.68 6.88
N LEU A 123 6.19 -10.07 7.88
CA LEU A 123 4.88 -10.64 7.60
C LEU A 123 3.93 -9.56 7.08
N LEU A 124 4.01 -8.35 7.62
CA LEU A 124 3.23 -7.24 7.07
C LEU A 124 3.57 -7.02 5.61
N ASP A 125 4.86 -6.97 5.27
CA ASP A 125 5.27 -6.79 3.89
C ASP A 125 4.78 -7.93 3.00
N ARG A 126 4.72 -9.15 3.54
CA ARG A 126 4.28 -10.30 2.77
C ARG A 126 2.82 -10.18 2.32
N GLY A 127 2.06 -9.24 2.88
CA GLY A 127 0.67 -9.05 2.50
C GLY A 127 -0.33 -9.56 3.51
N ILE A 128 0.13 -10.06 4.65
CA ILE A 128 -0.77 -10.60 5.67
C ILE A 128 -1.35 -9.44 6.47
N HIS A 129 -2.62 -9.56 6.85
CA HIS A 129 -3.27 -8.54 7.65
C HIS A 129 -2.77 -8.62 9.10
N PRO A 130 -2.63 -7.48 9.77
CA PRO A 130 -2.12 -7.53 11.15
C PRO A 130 -2.94 -8.40 12.09
N ILE A 131 -4.26 -8.30 12.02
CA ILE A 131 -5.11 -9.07 12.93
C ILE A 131 -4.85 -10.57 12.79
N ARG A 132 -4.51 -11.02 11.58
CA ARG A 132 -4.19 -12.42 11.37
C ARG A 132 -2.85 -12.78 12.01
N ILE A 133 -1.89 -11.86 11.96
CA ILE A 133 -0.60 -12.09 12.60
C ILE A 133 -0.77 -12.19 14.11
N ALA A 134 -1.60 -11.32 14.68
CA ALA A 134 -1.85 -11.38 16.12
C ALA A 134 -2.60 -12.65 16.51
N ASP A 135 -3.52 -13.11 15.65
CA ASP A 135 -4.21 -14.38 15.91
C ASP A 135 -3.22 -15.53 15.90
N GLY A 136 -2.34 -15.59 14.89
CA GLY A 136 -1.34 -16.64 14.85
C GLY A 136 -0.38 -16.57 16.03
N TYR A 137 0.05 -15.36 16.40
CA TYR A 137 0.91 -15.21 17.57
C TYR A 137 0.20 -15.68 18.84
N GLU A 138 -1.12 -15.45 18.93
CA GLU A 138 -1.87 -15.92 20.08
C GLU A 138 -1.90 -17.44 20.14
N GLN A 139 -2.26 -18.08 19.03
CA GLN A 139 -2.33 -19.54 18.99
C GLN A 139 -0.98 -20.16 19.29
N ALA A 140 0.09 -19.66 18.65
CA ALA A 140 1.42 -20.16 18.93
C ALA A 140 1.81 -19.93 20.39
N ALA A 141 1.44 -18.78 20.95
CA ALA A 141 1.73 -18.52 22.36
C ALA A 141 1.07 -19.56 23.26
N ARG A 142 -0.19 -19.89 22.98
CA ARG A 142 -0.86 -20.94 23.76
C ARG A 142 -0.14 -22.27 23.60
N VAL A 143 0.39 -22.55 22.41
CA VAL A 143 1.13 -23.80 22.19
C VAL A 143 2.36 -23.86 23.09
N ALA A 144 3.19 -22.81 23.04
CA ALA A 144 4.39 -22.79 23.86
C ALA A 144 4.05 -22.84 25.35
N ILE A 145 3.07 -22.05 25.78
CA ILE A 145 2.66 -22.05 27.18
C ILE A 145 2.28 -23.46 27.63
N GLU A 146 1.43 -24.12 26.84
CA GLU A 146 1.05 -25.49 27.15
C GLU A 146 2.22 -26.46 27.09
N ARG A 147 3.28 -26.11 26.36
CA ARG A 147 4.46 -26.98 26.27
C ARG A 147 5.35 -26.88 27.50
N LEU A 148 5.40 -25.70 28.14
CA LEU A 148 6.22 -25.52 29.33
C LEU A 148 5.83 -26.49 30.44
N ASP A 149 4.56 -26.92 30.46
CA ASP A 149 4.13 -27.90 31.45
C ASP A 149 4.78 -29.26 31.22
N LYS A 150 4.94 -29.66 29.95
CA LYS A 150 5.60 -30.92 29.66
C LYS A 150 7.07 -30.89 30.07
N ILE A 151 7.74 -29.74 29.89
CA ILE A 151 9.14 -29.61 30.27
C ILE A 151 9.33 -29.42 31.76
N SER A 152 8.24 -29.17 32.51
CA SER A 152 8.33 -28.79 33.90
C SER A 152 9.02 -29.87 34.74
N ASP A 153 9.55 -29.43 35.88
CA ASP A 153 10.15 -30.29 36.88
C ASP A 153 9.67 -29.84 38.25
N SER A 154 9.76 -30.72 39.23
CA SER A 154 9.22 -30.47 40.55
C SER A 154 10.33 -30.10 41.54
N VAL A 155 9.97 -29.26 42.51
CA VAL A 155 10.86 -28.82 43.58
C VAL A 155 10.14 -28.97 44.91
N LEU A 156 10.81 -29.57 45.88
CA LEU A 156 10.20 -29.81 47.18
C LEU A 156 10.21 -28.54 48.03
N VAL A 157 9.40 -28.56 49.08
CA VAL A 157 9.22 -27.42 49.97
C VAL A 157 9.41 -27.90 51.40
N ASP A 158 9.67 -26.92 52.29
CA ASP A 158 9.56 -27.02 53.75
C ASP A 158 10.89 -27.42 54.41
N ILE A 159 11.83 -27.97 53.65
CA ILE A 159 13.12 -28.34 54.25
C ILE A 159 14.27 -28.13 53.27
N LYS A 160 14.96 -27.00 53.40
CA LYS A 160 16.32 -26.78 52.89
C LYS A 160 16.48 -27.18 51.43
N ASP A 161 15.40 -27.33 50.68
CA ASP A 161 15.50 -27.75 49.28
C ASP A 161 15.55 -26.58 48.32
N THR A 162 14.95 -25.44 48.69
CA THR A 162 14.95 -24.27 47.81
C THR A 162 16.26 -23.51 47.90
N GLU A 163 16.90 -23.48 49.07
CA GLU A 163 18.18 -22.81 49.29
C GLU A 163 19.18 -23.12 48.17
N PRO A 164 19.54 -24.39 47.91
CA PRO A 164 20.54 -24.65 46.86
C PRO A 164 20.07 -24.26 45.48
N LEU A 165 18.78 -24.00 45.29
CA LEU A 165 18.22 -23.62 44.00
C LEU A 165 18.06 -22.12 43.84
N ILE A 166 18.48 -21.33 44.83
CA ILE A 166 18.50 -19.88 44.69
C ILE A 166 19.79 -19.39 44.05
N GLN A 167 20.83 -20.23 44.00
CA GLN A 167 22.11 -19.85 43.42
C GLN A 167 21.99 -19.36 41.98
N THR A 168 20.84 -19.56 41.34
CA THR A 168 20.63 -19.06 39.98
C THR A 168 20.44 -17.54 39.96
N ALA A 169 19.85 -16.97 41.01
CA ALA A 169 19.50 -15.56 40.98
C ALA A 169 20.70 -14.63 40.91
N LYS A 170 21.88 -15.12 41.26
CA LYS A 170 23.07 -14.28 41.25
C LYS A 170 24.04 -14.71 40.14
N SER A 180 30.71 -14.07 44.70
CA SER A 180 30.51 -15.44 45.14
C SER A 180 30.06 -15.48 46.59
N CYS A 181 29.01 -14.71 46.91
CA CYS A 181 28.47 -14.61 48.26
C CYS A 181 27.19 -15.40 48.44
N HIS A 182 26.91 -16.33 47.52
CA HIS A 182 25.58 -16.93 47.44
C HIS A 182 25.23 -17.76 48.67
N ARG A 183 26.23 -18.33 49.34
CA ARG A 183 25.97 -19.39 50.33
C ARG A 183 25.00 -18.95 51.40
N GLN A 184 25.19 -17.73 51.94
CA GLN A 184 24.29 -17.22 52.98
C GLN A 184 23.18 -16.36 52.42
N MET A 185 23.34 -15.81 51.21
CA MET A 185 22.26 -15.07 50.57
C MET A 185 21.02 -15.94 50.41
N ALA A 186 21.17 -17.12 49.82
CA ALA A 186 20.05 -18.05 49.69
C ALA A 186 19.44 -18.39 51.04
N GLU A 187 20.30 -18.63 52.04
CA GLU A 187 19.82 -18.97 53.38
C GLU A 187 18.89 -17.91 53.94
N ILE A 188 19.37 -16.66 54.00
CA ILE A 188 18.54 -15.57 54.51
C ILE A 188 17.31 -15.36 53.65
N ALA A 189 17.39 -15.67 52.36
CA ALA A 189 16.25 -15.53 51.47
C ALA A 189 15.11 -16.47 51.87
N VAL A 190 15.39 -17.77 51.90
CA VAL A 190 14.38 -18.76 52.29
C VAL A 190 13.85 -18.44 53.68
N ASN A 191 14.75 -18.14 54.62
CA ASN A 191 14.33 -17.73 55.96
C ASN A 191 13.34 -16.58 55.90
N ALA A 192 13.63 -15.57 55.07
CA ALA A 192 12.77 -14.40 55.00
C ALA A 192 11.38 -14.75 54.49
N VAL A 193 11.30 -15.47 53.37
CA VAL A 193 9.99 -15.70 52.77
C VAL A 193 9.23 -16.81 53.50
N LEU A 194 9.92 -17.79 54.07
CA LEU A 194 9.20 -18.85 54.77
C LEU A 194 8.71 -18.41 56.13
N THR A 195 9.46 -17.55 56.83
CA THR A 195 8.99 -17.02 58.10
C THR A 195 7.71 -16.20 57.92
N VAL A 196 7.60 -15.48 56.82
CA VAL A 196 6.43 -14.68 56.51
C VAL A 196 5.77 -15.28 55.28
N ALA A 197 4.75 -16.11 55.50
CA ALA A 197 4.01 -16.71 54.41
C ALA A 197 2.70 -17.27 54.95
N ASP A 198 1.69 -17.34 54.08
CA ASP A 198 0.46 -18.04 54.43
C ASP A 198 0.77 -19.49 54.80
N MET A 199 1.32 -20.24 53.85
CA MET A 199 2.00 -21.50 54.10
C MET A 199 1.06 -22.64 54.53
N GLU A 200 -0.07 -22.32 55.20
CA GLU A 200 -1.04 -23.34 55.58
C GLU A 200 -2.46 -22.81 55.34
N ARG A 201 -2.90 -22.81 54.08
CA ARG A 201 -2.05 -23.06 52.93
C ARG A 201 -2.13 -21.83 52.03
N ARG A 202 -3.06 -21.85 51.09
CA ARG A 202 -3.40 -20.69 50.26
C ARG A 202 -2.22 -20.20 49.42
N ASP A 203 -1.03 -20.17 50.02
CA ASP A 203 0.24 -19.97 49.30
C ASP A 203 0.27 -18.64 48.54
N VAL A 204 -0.14 -17.57 49.20
CA VAL A 204 -0.02 -16.21 48.67
C VAL A 204 0.36 -15.28 49.81
N ASP A 205 1.52 -14.65 49.72
CA ASP A 205 1.97 -13.70 50.74
C ASP A 205 3.15 -12.92 50.20
N PHE A 206 3.19 -11.63 50.55
CA PHE A 206 4.30 -10.75 50.18
C PHE A 206 4.17 -9.49 51.02
N GLU A 207 5.13 -8.57 50.84
CA GLU A 207 5.22 -7.34 51.59
C GLU A 207 5.36 -7.63 53.08
N LEU A 208 5.16 -6.61 53.92
CA LEU A 208 5.50 -6.64 55.34
C LEU A 208 6.97 -7.04 55.56
N ILE A 209 7.76 -6.96 54.49
CA ILE A 209 9.20 -7.17 54.53
C ILE A 209 9.84 -6.13 53.61
N LYS A 210 10.84 -5.43 54.12
CA LYS A 210 11.61 -4.47 53.32
C LYS A 210 13.09 -4.77 53.50
N VAL A 211 13.92 -3.97 52.83
CA VAL A 211 15.37 -4.10 52.89
C VAL A 211 15.97 -2.71 53.04
N GLU A 212 16.99 -2.59 53.88
CA GLU A 212 17.72 -1.34 54.08
C GLU A 212 19.21 -1.62 54.04
N GLY A 213 19.93 -0.95 53.14
CA GLY A 213 21.37 -1.00 53.11
C GLY A 213 21.93 0.29 53.67
N LYS A 214 22.86 0.15 54.62
CA LYS A 214 23.42 1.31 55.31
C LYS A 214 24.82 1.69 54.81
N VAL A 215 25.35 0.97 53.82
CA VAL A 215 26.55 1.38 53.09
C VAL A 215 27.78 1.40 54.00
N GLY A 216 28.62 0.38 53.90
CA GLY A 216 29.81 0.32 54.72
C GLY A 216 30.09 -1.04 55.31
N GLY A 217 31.11 -1.71 54.78
CA GLY A 217 31.48 -3.05 55.20
C GLY A 217 31.83 -3.91 54.01
N ARG A 218 31.63 -5.23 54.12
CA ARG A 218 31.72 -6.13 52.99
C ARG A 218 30.48 -7.00 52.96
N LEU A 219 30.14 -7.50 51.77
CA LEU A 219 28.86 -8.19 51.57
C LEU A 219 28.66 -9.35 52.55
N GLU A 220 29.75 -9.98 52.97
CA GLU A 220 29.63 -11.08 53.93
C GLU A 220 29.35 -10.60 55.35
N ASP A 221 29.29 -9.29 55.58
CA ASP A 221 28.89 -8.73 56.87
C ASP A 221 27.37 -8.73 57.06
N THR A 222 26.61 -9.16 56.05
CA THR A 222 25.16 -9.27 56.18
C THR A 222 24.81 -10.17 57.35
N LYS A 223 23.78 -9.80 58.08
CA LYS A 223 23.43 -10.44 59.35
C LYS A 223 22.05 -11.07 59.28
N LEU A 224 21.84 -12.07 60.15
CA LEU A 224 20.51 -12.63 60.35
C LEU A 224 19.63 -11.58 61.01
N ILE A 225 18.33 -11.68 60.75
CA ILE A 225 17.39 -10.60 61.05
C ILE A 225 16.28 -11.13 61.95
N LYS A 226 15.65 -10.20 62.67
CA LYS A 226 14.63 -10.56 63.66
C LYS A 226 13.34 -9.78 63.42
N GLY A 227 13.33 -8.49 63.76
CA GLY A 227 12.17 -7.65 63.60
C GLY A 227 12.36 -6.58 62.55
N VAL A 228 11.36 -5.72 62.44
CA VAL A 228 11.44 -4.60 61.49
C VAL A 228 12.40 -3.55 62.02
N ILE A 229 13.03 -2.83 61.11
CA ILE A 229 14.08 -1.86 61.43
C ILE A 229 13.91 -0.64 60.53
N VAL A 230 13.98 0.56 61.13
CA VAL A 230 13.69 1.80 60.43
C VAL A 230 14.87 2.75 60.65
N ASP A 231 14.89 3.84 59.87
CA ASP A 231 15.91 4.86 60.03
C ASP A 231 15.45 5.94 61.00
N LYS A 232 15.93 7.17 60.80
CA LYS A 232 15.61 8.33 61.62
C LYS A 232 16.13 8.16 63.05
N ASP A 233 15.63 8.98 63.98
CA ASP A 233 16.08 8.97 65.37
C ASP A 233 14.97 9.50 66.25
N PHE A 234 15.05 9.17 67.55
CA PHE A 234 14.14 9.79 68.51
C PHE A 234 14.31 11.30 68.61
N SER A 235 15.32 11.87 67.93
CA SER A 235 15.75 13.26 68.10
C SER A 235 16.25 13.47 69.52
N HIS A 236 16.91 14.62 69.78
CA HIS A 236 17.55 14.94 71.05
C HIS A 236 18.75 14.03 71.26
N PRO A 237 19.85 14.55 71.76
CA PRO A 237 20.99 13.69 72.08
C PRO A 237 20.91 13.09 73.48
N GLN A 238 20.32 13.84 74.43
CA GLN A 238 20.21 13.34 75.79
C GLN A 238 19.14 12.26 75.95
N MET A 239 18.40 11.93 74.89
CA MET A 239 17.42 10.85 74.87
C MET A 239 17.98 9.55 75.42
N PRO A 240 17.14 8.65 75.91
CA PRO A 240 17.59 7.27 76.18
C PRO A 240 17.78 6.54 74.86
N LYS A 241 18.99 6.04 74.64
CA LYS A 241 19.35 5.44 73.37
C LYS A 241 18.95 3.97 73.26
N LYS A 242 18.50 3.36 74.36
CA LYS A 242 18.01 1.99 74.34
C LYS A 242 16.77 1.93 75.24
N VAL A 243 15.60 1.85 74.63
CA VAL A 243 14.33 1.77 75.35
C VAL A 243 13.83 0.33 75.21
N GLU A 244 13.79 -0.39 76.32
CA GLU A 244 13.39 -1.79 76.33
C GLU A 244 11.99 -1.93 76.91
N ASP A 245 11.30 -2.99 76.50
CA ASP A 245 9.93 -3.27 76.91
C ASP A 245 9.01 -2.08 76.58
N ALA A 246 9.17 -1.55 75.38
CA ALA A 246 8.49 -0.32 75.00
C ALA A 246 7.08 -0.59 74.52
N LYS A 247 6.15 0.26 74.96
CA LYS A 247 4.79 0.29 74.44
C LYS A 247 4.67 1.50 73.52
N ILE A 248 4.55 1.25 72.23
CA ILE A 248 4.68 2.27 71.19
C ILE A 248 3.33 2.93 70.93
N ALA A 249 3.36 4.24 70.69
CA ALA A 249 2.16 5.03 70.38
C ALA A 249 2.34 5.68 69.01
N ILE A 250 1.72 5.10 67.99
CA ILE A 250 1.89 5.56 66.61
C ILE A 250 0.85 6.64 66.32
N LEU A 251 1.33 7.83 65.94
CA LEU A 251 0.48 9.00 65.76
C LEU A 251 0.81 9.70 64.44
N THR A 252 -0.23 10.14 63.74
CA THR A 252 -0.09 10.88 62.48
C THR A 252 -0.41 12.36 62.65
N CYS A 253 -0.21 12.90 63.84
CA CYS A 253 -0.80 14.16 64.22
C CYS A 253 0.25 15.24 64.46
N PRO A 254 -0.13 16.50 64.33
CA PRO A 254 0.76 17.58 64.77
C PRO A 254 0.75 17.71 66.29
N PHE A 255 1.85 18.21 66.82
CA PHE A 255 2.04 18.34 68.26
C PHE A 255 1.66 19.71 68.79
N GLU A 256 1.22 20.61 67.93
CA GLU A 256 0.91 21.97 68.38
C GLU A 256 -0.54 22.07 68.83
N PRO A 257 -0.82 22.82 69.90
CA PRO A 257 -2.21 23.09 70.26
C PRO A 257 -2.89 23.87 69.15
N PRO A 258 -4.04 23.40 68.66
CA PRO A 258 -4.65 24.01 67.48
C PRO A 258 -5.16 25.41 67.78
N LYS A 259 -5.41 26.16 66.71
CA LYS A 259 -5.96 27.50 66.76
C LYS A 259 -7.27 27.53 66.00
N PRO A 260 -8.12 28.53 66.24
CA PRO A 260 -9.43 28.56 65.56
C PRO A 260 -9.33 28.61 64.04
N LYS A 261 -8.22 29.09 63.49
CA LYS A 261 -8.05 29.31 62.05
C LYS A 261 -9.11 30.25 61.47
N THR A 262 -9.76 31.03 62.33
CA THR A 262 -10.46 32.21 61.88
C THR A 262 -9.42 33.27 61.52
N LYS A 263 -9.87 34.41 61.01
CA LYS A 263 -8.95 35.48 60.62
C LYS A 263 -8.50 36.21 61.89
N HIS A 264 -7.32 35.84 62.38
CA HIS A 264 -6.77 36.39 63.61
C HIS A 264 -5.83 37.55 63.33
N LYS A 265 -5.77 38.47 64.29
CA LYS A 265 -4.64 39.39 64.47
C LYS A 265 -4.30 39.27 65.95
N LEU A 266 -3.50 38.26 66.30
CA LEU A 266 -3.13 38.05 67.69
C LEU A 266 -2.09 39.11 68.05
N ASP A 267 -2.45 40.02 68.96
CA ASP A 267 -1.56 41.08 69.42
C ASP A 267 -1.43 40.98 70.92
N VAL A 268 -0.22 40.66 71.38
CA VAL A 268 0.06 40.53 72.81
C VAL A 268 0.34 41.91 73.38
N THR A 269 -0.47 42.32 74.36
CA THR A 269 -0.30 43.65 74.95
C THR A 269 0.84 43.65 75.96
N SER A 270 0.52 43.55 77.25
CA SER A 270 1.53 43.70 78.27
C SER A 270 2.52 42.54 78.23
N VAL A 271 3.74 42.82 78.71
CA VAL A 271 4.76 41.77 78.87
C VAL A 271 4.21 40.62 79.70
N GLU A 272 3.36 40.94 80.67
CA GLU A 272 2.70 39.91 81.46
C GLU A 272 1.93 38.94 80.56
N ASP A 273 1.34 39.46 79.48
CA ASP A 273 0.61 38.60 78.55
C ASP A 273 1.55 37.83 77.64
N TYR A 274 2.73 38.36 77.36
CA TYR A 274 3.80 37.58 76.74
C TYR A 274 4.06 36.32 77.54
N LYS A 275 4.30 36.48 78.85
CA LYS A 275 4.49 35.34 79.73
C LYS A 275 3.24 34.48 79.83
N ALA A 276 2.06 35.11 79.74
CA ALA A 276 0.82 34.34 79.75
C ALA A 276 0.70 33.43 78.53
N LEU A 277 1.08 33.94 77.36
CA LEU A 277 1.10 33.10 76.17
C LEU A 277 2.06 31.93 76.36
N GLN A 278 3.32 32.22 76.66
CA GLN A 278 4.32 31.17 76.85
C GLN A 278 3.85 30.13 77.86
N LYS A 279 3.32 30.58 79.00
CA LYS A 279 2.78 29.64 79.99
C LYS A 279 1.67 28.78 79.39
N TYR A 280 0.78 29.38 78.60
CA TYR A 280 -0.33 28.62 78.02
C TYR A 280 0.16 27.47 77.17
N GLU A 281 0.93 27.77 76.12
CA GLU A 281 1.41 26.71 75.24
C GLU A 281 2.38 25.77 75.93
N LYS A 282 3.12 26.25 76.93
CA LYS A 282 3.95 25.34 77.72
C LYS A 282 3.09 24.33 78.47
N GLU A 283 1.89 24.73 78.89
CA GLU A 283 0.99 23.82 79.58
C GLU A 283 0.27 22.89 78.61
N LYS A 284 -0.22 23.44 77.49
CA LYS A 284 -0.99 22.63 76.54
C LYS A 284 -0.12 21.71 75.71
N PHE A 285 1.19 21.96 75.65
CA PHE A 285 2.10 20.94 75.13
C PHE A 285 2.21 19.77 76.08
N GLU A 286 2.10 20.03 77.38
CA GLU A 286 2.17 18.96 78.38
C GLU A 286 0.85 18.22 78.52
N GLU A 287 -0.28 18.90 78.29
CA GLU A 287 -1.58 18.24 78.39
C GLU A 287 -1.65 16.99 77.52
N MET A 288 -0.88 16.96 76.44
CA MET A 288 -0.81 15.80 75.56
C MET A 288 0.21 14.77 76.01
N ILE A 289 1.16 15.16 76.87
CA ILE A 289 2.26 14.28 77.25
C ILE A 289 1.77 13.21 78.22
N GLN A 290 1.35 13.61 79.43
CA GLN A 290 0.83 12.62 80.36
C GLN A 290 -0.47 12.00 79.88
N GLN A 291 -1.15 12.64 78.92
CA GLN A 291 -2.26 11.99 78.24
C GLN A 291 -1.80 10.72 77.54
N ILE A 292 -0.60 10.76 76.95
CA ILE A 292 -0.03 9.55 76.36
C ILE A 292 0.48 8.61 77.44
N LYS A 293 1.06 9.18 78.50
CA LYS A 293 1.66 8.35 79.55
C LYS A 293 0.63 7.58 80.36
N GLU A 294 -0.62 8.04 80.41
CA GLU A 294 -1.63 7.34 81.20
C GLU A 294 -2.02 6.01 80.56
N THR A 295 -1.90 5.91 79.23
CA THR A 295 -2.17 4.66 78.52
C THR A 295 -0.93 3.81 78.32
N GLY A 296 0.17 4.13 79.00
CA GLY A 296 1.43 3.49 78.71
C GLY A 296 2.31 4.41 77.90
N ALA A 297 3.57 4.57 78.29
CA ALA A 297 4.40 5.57 77.65
C ALA A 297 5.58 4.96 76.92
N ASN A 298 6.70 4.80 77.63
CA ASN A 298 7.99 4.46 77.02
C ASN A 298 8.29 5.46 75.91
N LEU A 299 8.28 5.01 74.66
CA LEU A 299 8.53 5.88 73.52
C LEU A 299 7.29 5.99 72.66
N ALA A 300 7.11 7.15 72.03
CA ALA A 300 6.02 7.38 71.09
C ALA A 300 6.57 7.42 69.67
N ILE A 301 5.66 7.59 68.71
CA ILE A 301 6.00 7.68 67.30
C ILE A 301 5.13 8.74 66.64
N CYS A 302 5.74 9.63 65.86
CA CYS A 302 5.05 10.79 65.32
C CYS A 302 5.30 10.91 63.83
N GLN A 303 4.27 11.31 63.09
CA GLN A 303 4.42 11.83 61.75
C GLN A 303 4.48 13.36 61.80
N TRP A 304 4.55 13.97 60.62
CA TRP A 304 4.34 15.42 60.44
C TRP A 304 5.29 16.18 61.36
N GLY A 305 4.80 17.16 62.14
CA GLY A 305 5.69 18.03 62.88
C GLY A 305 5.96 17.57 64.31
N PHE A 306 7.19 17.84 64.75
CA PHE A 306 7.60 17.70 66.14
C PHE A 306 8.30 19.02 66.47
N ASP A 307 7.65 19.84 67.28
CA ASP A 307 7.85 21.29 67.25
C ASP A 307 9.16 21.70 67.92
N ASP A 308 9.35 23.02 68.07
CA ASP A 308 10.54 23.64 68.62
C ASP A 308 10.88 23.11 70.01
N GLU A 309 10.18 23.59 71.03
CA GLU A 309 10.37 23.09 72.38
C GLU A 309 10.04 21.61 72.39
N ALA A 310 8.74 21.28 72.49
CA ALA A 310 8.21 19.94 72.26
C ALA A 310 9.15 18.83 72.71
N ASN A 311 10.10 18.48 71.84
CA ASN A 311 11.14 17.50 72.17
C ASN A 311 11.83 17.85 73.49
N HIS A 312 12.01 19.14 73.77
CA HIS A 312 12.35 19.65 75.09
C HIS A 312 11.41 19.05 76.12
N LEU A 313 10.13 19.47 76.07
CA LEU A 313 9.15 19.06 77.07
C LEU A 313 8.99 17.55 77.14
N LEU A 314 9.31 16.83 76.05
CA LEU A 314 9.22 15.37 76.08
C LEU A 314 10.43 14.74 76.74
N LEU A 315 11.61 15.37 76.65
CA LEU A 315 12.76 14.87 77.40
C LEU A 315 12.54 15.05 78.90
N GLN A 316 12.12 16.24 79.32
CA GLN A 316 11.88 16.48 80.74
C GLN A 316 10.80 15.54 81.30
N ASN A 317 9.90 15.07 80.45
CA ASN A 317 8.87 14.12 80.86
C ASN A 317 9.24 12.67 80.55
N ASN A 318 10.43 12.44 79.98
CA ASN A 318 10.96 11.09 79.77
C ASN A 318 10.13 10.29 78.77
N LEU A 319 9.67 10.94 77.70
CA LEU A 319 8.93 10.30 76.62
C LEU A 319 9.73 10.48 75.34
N PRO A 320 10.64 9.56 75.03
CA PRO A 320 11.42 9.69 73.79
C PRO A 320 10.64 9.32 72.54
N ALA A 321 9.90 10.28 71.97
CA ALA A 321 9.16 10.06 70.74
C ALA A 321 10.13 10.09 69.56
N VAL A 322 9.60 10.08 68.33
CA VAL A 322 10.44 10.06 67.13
C VAL A 322 9.73 10.87 66.04
N ARG A 323 10.53 11.44 65.13
CA ARG A 323 10.06 12.28 64.04
C ARG A 323 11.06 12.21 62.90
N TRP A 324 10.58 12.18 61.66
CA TRP A 324 9.17 12.02 61.29
C TRP A 324 9.15 11.26 59.95
N VAL A 325 8.12 10.46 59.69
CA VAL A 325 8.13 9.59 58.53
C VAL A 325 6.70 9.41 58.02
N GLY A 326 6.56 9.29 56.70
CA GLY A 326 5.27 9.17 56.06
C GLY A 326 4.65 7.79 56.22
N GLY A 327 3.69 7.51 55.34
CA GLY A 327 2.95 6.26 55.34
C GLY A 327 3.77 5.00 55.48
N PRO A 328 4.66 4.73 54.52
CA PRO A 328 5.61 3.63 54.70
C PRO A 328 6.46 3.86 55.93
N GLU A 329 6.85 2.76 56.58
CA GLU A 329 7.65 2.77 57.81
C GLU A 329 6.79 3.17 59.01
N ILE A 330 5.65 3.81 58.76
CA ILE A 330 4.63 3.97 59.78
C ILE A 330 3.76 2.73 59.88
N GLU A 331 3.20 2.28 58.74
CA GLU A 331 2.38 1.09 58.74
C GLU A 331 3.19 -0.18 59.02
N LEU A 332 4.50 -0.15 58.78
CA LEU A 332 5.36 -1.28 59.14
C LEU A 332 5.31 -1.54 60.63
N ILE A 333 5.68 -0.53 61.44
CA ILE A 333 5.59 -0.68 62.88
C ILE A 333 4.15 -0.83 63.34
N ALA A 334 3.19 -0.33 62.55
CA ALA A 334 1.78 -0.52 62.89
C ALA A 334 1.41 -2.00 62.92
N ILE A 335 1.69 -2.72 61.83
CA ILE A 335 1.32 -4.13 61.77
C ILE A 335 2.26 -4.98 62.61
N ALA A 336 3.54 -4.62 62.68
CA ALA A 336 4.51 -5.41 63.44
C ALA A 336 4.14 -5.48 64.92
N THR A 337 4.12 -4.34 65.60
CA THR A 337 3.75 -4.24 67.00
C THR A 337 2.50 -3.38 67.11
N GLY A 338 1.48 -3.91 67.78
CA GLY A 338 0.21 -3.23 67.87
C GLY A 338 -0.46 -3.10 66.52
N GLY A 339 -0.68 -1.87 66.07
CA GLY A 339 -0.36 -0.72 66.90
C GLY A 339 -1.50 0.26 66.89
N ARG A 340 -2.43 0.03 65.94
CA ARG A 340 -3.61 0.87 65.75
C ARG A 340 -3.23 2.35 65.65
N ILE A 341 -2.85 2.79 64.44
CA ILE A 341 -2.44 4.17 64.26
C ILE A 341 -3.57 5.09 64.68
N VAL A 342 -3.24 6.11 65.46
CA VAL A 342 -4.22 7.02 66.05
C VAL A 342 -4.20 8.32 65.26
N PRO A 343 -5.32 8.78 64.71
CA PRO A 343 -5.36 10.08 64.04
C PRO A 343 -5.37 11.26 64.99
N ARG A 344 -5.48 11.03 66.30
CA ARG A 344 -5.40 12.07 67.31
C ARG A 344 -4.11 11.91 68.12
N PHE A 345 -3.54 12.99 68.68
CA PHE A 345 -4.08 14.32 69.09
C PHE A 345 -4.96 14.14 70.33
N SER A 346 -4.30 13.68 71.41
CA SER A 346 -4.82 13.64 72.77
C SER A 346 -5.93 12.61 72.99
N GLU A 347 -6.45 12.01 71.92
CA GLU A 347 -7.51 11.01 71.99
C GLU A 347 -6.91 9.64 71.70
N LEU A 348 -6.81 8.81 72.73
CA LEU A 348 -6.35 7.43 72.58
C LEU A 348 -6.48 6.71 73.90
N THR A 349 -6.69 5.40 73.82
CA THR A 349 -6.68 4.47 74.94
C THR A 349 -5.94 3.21 74.50
N ALA A 350 -5.14 2.65 75.39
CA ALA A 350 -4.23 1.56 75.03
C ALA A 350 -4.39 0.39 75.99
N GLU A 351 -4.74 -0.81 75.47
CA GLU A 351 -5.15 -1.14 74.09
C GLU A 351 -4.13 -0.87 72.97
N LYS A 352 -4.39 0.17 72.17
CA LYS A 352 -3.70 0.38 70.88
C LYS A 352 -2.20 0.09 70.92
N LEU A 353 -1.52 0.58 71.95
CA LEU A 353 -0.07 0.47 72.01
C LEU A 353 0.38 -0.97 71.87
N GLY A 354 1.44 -1.17 71.08
CA GLY A 354 2.00 -2.48 70.88
C GLY A 354 2.93 -2.89 71.99
N PHE A 355 3.41 -4.13 71.89
CA PHE A 355 4.33 -4.71 72.86
C PHE A 355 5.63 -5.05 72.14
N ALA A 356 6.60 -4.15 72.21
CA ALA A 356 7.93 -4.39 71.66
C ALA A 356 8.89 -4.70 72.80
N GLY A 357 9.80 -5.65 72.57
CA GLY A 357 10.73 -6.06 73.60
C GLY A 357 11.96 -5.19 73.71
N LEU A 358 12.43 -4.64 72.58
CA LEU A 358 13.64 -3.84 72.59
C LEU A 358 13.59 -2.84 71.45
N VAL A 359 14.03 -1.61 71.73
CA VAL A 359 14.24 -0.58 70.72
C VAL A 359 15.60 0.05 71.00
N GLN A 360 16.42 0.16 69.96
CA GLN A 360 17.79 0.65 70.10
C GLN A 360 18.08 1.68 69.03
N GLU A 361 19.14 2.46 69.26
CA GLU A 361 19.66 3.40 68.27
C GLU A 361 21.14 3.10 68.07
N ILE A 362 21.50 2.70 66.85
CA ILE A 362 22.88 2.38 66.51
C ILE A 362 23.39 3.40 65.49
N SER A 363 24.63 3.83 65.68
CA SER A 363 25.26 4.81 64.80
C SER A 363 26.17 4.08 63.81
N PHE A 364 25.87 4.22 62.53
CA PHE A 364 26.68 3.63 61.46
C PHE A 364 27.57 4.73 60.89
N GLY A 365 28.87 4.65 61.18
CA GLY A 365 29.77 5.72 60.83
C GLY A 365 29.44 6.99 61.59
N THR A 366 28.96 8.01 60.88
CA THR A 366 28.52 9.25 61.50
C THR A 366 27.01 9.28 61.72
N THR A 367 26.23 9.15 60.65
CA THR A 367 24.78 9.15 60.76
C THR A 367 24.30 7.93 61.54
N LYS A 368 23.07 8.02 62.03
CA LYS A 368 22.51 7.03 62.94
C LYS A 368 21.14 6.58 62.46
N ASP A 369 20.83 5.31 62.71
CA ASP A 369 19.52 4.71 62.51
C ASP A 369 19.12 3.94 63.75
N LYS A 370 17.85 3.99 64.11
CA LYS A 370 17.35 3.28 65.28
C LYS A 370 16.61 2.01 64.85
N MET A 371 17.04 0.87 65.39
CA MET A 371 16.47 -0.41 65.00
C MET A 371 16.04 -1.18 66.24
N LEU A 372 14.96 -1.94 66.11
CA LEU A 372 14.31 -2.55 67.25
C LEU A 372 14.14 -4.04 67.03
N VAL A 373 14.21 -4.80 68.13
CA VAL A 373 14.16 -6.25 68.11
C VAL A 373 13.10 -6.72 69.09
N ILE A 374 12.68 -7.98 68.92
CA ILE A 374 11.70 -8.65 69.79
C ILE A 374 10.35 -7.94 69.65
N GLU A 375 9.62 -8.26 68.60
CA GLU A 375 8.34 -7.63 68.31
C GLU A 375 7.18 -8.55 68.64
N GLN A 376 5.97 -8.05 68.43
CA GLN A 376 4.77 -8.86 68.53
C GLN A 376 4.46 -9.61 67.25
N CYS A 377 5.09 -9.23 66.13
CA CYS A 377 4.94 -9.89 64.84
C CYS A 377 3.48 -9.99 64.40
N ALA A 382 6.82 -10.46 60.45
CA ALA A 382 7.37 -9.12 60.24
C ALA A 382 8.86 -9.09 60.49
N VAL A 383 9.64 -9.33 59.43
CA VAL A 383 11.10 -9.30 59.50
C VAL A 383 11.60 -8.45 58.35
N THR A 384 12.76 -7.81 58.55
CA THR A 384 13.32 -6.90 57.56
C THR A 384 14.82 -7.17 57.44
N ILE A 385 15.32 -7.23 56.21
CA ILE A 385 16.71 -7.60 55.95
C ILE A 385 17.61 -6.37 56.01
N PHE A 386 18.89 -6.62 56.26
CA PHE A 386 19.89 -5.57 56.42
C PHE A 386 21.14 -5.94 55.62
N ILE A 387 21.75 -4.95 54.98
CA ILE A 387 22.91 -5.18 54.12
C ILE A 387 23.95 -4.09 54.38
N ARG A 388 25.20 -4.50 54.59
CA ARG A 388 26.34 -3.60 54.66
C ARG A 388 27.36 -4.09 53.64
N GLY A 389 27.46 -3.39 52.51
CA GLY A 389 28.30 -3.86 51.43
C GLY A 389 29.56 -3.06 51.20
N GLY A 390 29.56 -1.80 51.61
CA GLY A 390 30.69 -0.91 51.37
C GLY A 390 30.76 -0.47 49.92
N ASN A 391 31.65 0.51 49.67
CA ASN A 391 31.96 1.01 48.34
C ASN A 391 30.77 1.73 47.69
N LYS A 392 29.60 1.70 48.34
CA LYS A 392 28.38 2.38 47.91
C LYS A 392 27.77 1.70 46.68
N MET A 393 28.59 1.10 45.82
CA MET A 393 28.10 0.38 44.67
C MET A 393 28.02 -1.13 44.89
N ILE A 394 28.67 -1.64 45.94
CA ILE A 394 28.53 -3.05 46.28
C ILE A 394 27.14 -3.33 46.84
N ILE A 395 26.54 -2.34 47.50
CA ILE A 395 25.10 -2.38 47.81
C ILE A 395 24.40 -1.90 46.55
N GLU A 396 23.07 -2.04 46.50
CA GLU A 396 22.24 -1.80 45.32
C GLU A 396 22.36 -2.97 44.35
N GLU A 397 23.51 -3.65 44.38
CA GLU A 397 23.65 -4.95 43.73
C GLU A 397 23.02 -6.04 44.57
N ALA A 398 23.34 -6.07 45.87
CA ALA A 398 22.77 -7.07 46.76
C ALA A 398 21.28 -6.87 46.97
N LYS A 399 20.79 -5.64 46.82
CA LYS A 399 19.37 -5.39 47.00
C LYS A 399 18.55 -5.99 45.88
N ARG A 400 18.95 -5.77 44.62
CA ARG A 400 18.25 -6.38 43.50
C ARG A 400 18.47 -7.89 43.47
N SER A 401 19.69 -8.33 43.76
CA SER A 401 19.98 -9.77 43.77
C SER A 401 19.15 -10.47 44.83
N LEU A 402 18.94 -9.81 45.97
CA LEU A 402 18.10 -10.40 47.00
C LEU A 402 16.64 -10.37 46.58
N HIS A 403 16.19 -9.25 46.00
CA HIS A 403 14.82 -9.14 45.50
C HIS A 403 14.46 -10.30 44.58
N ASP A 404 15.38 -10.64 43.67
CA ASP A 404 15.19 -11.83 42.83
C ASP A 404 14.90 -13.06 43.67
N ALA A 405 15.56 -13.18 44.83
CA ALA A 405 15.35 -14.34 45.69
C ALA A 405 13.92 -14.35 46.25
N LEU A 406 13.48 -13.23 46.85
CA LEU A 406 12.13 -13.21 47.41
C LEU A 406 11.10 -13.56 46.35
N CYS A 407 11.23 -12.95 45.17
CA CYS A 407 10.27 -13.19 44.09
C CYS A 407 10.29 -14.66 43.68
N VAL A 408 11.48 -15.23 43.48
CA VAL A 408 11.57 -16.63 43.04
C VAL A 408 10.90 -17.55 44.04
N ILE A 409 11.22 -17.40 45.33
CA ILE A 409 10.67 -18.29 46.34
C ILE A 409 9.16 -18.13 46.44
N ARG A 410 8.69 -16.87 46.42
CA ARG A 410 7.25 -16.62 46.41
C ARG A 410 6.55 -17.35 45.27
N ASN A 411 7.10 -17.23 44.05
CA ASN A 411 6.52 -17.92 42.91
C ASN A 411 6.53 -19.43 43.11
N LEU A 412 7.59 -19.97 43.71
CA LEU A 412 7.66 -21.41 43.94
C LEU A 412 6.62 -21.86 44.95
N ILE A 413 6.36 -21.05 45.98
CA ILE A 413 5.34 -21.39 46.95
C ILE A 413 3.97 -21.39 46.30
N ARG A 414 3.72 -20.44 45.40
CA ARG A 414 2.44 -20.40 44.68
C ARG A 414 2.26 -21.64 43.82
N ASP A 415 3.26 -21.99 43.03
CA ASP A 415 3.26 -23.25 42.28
C ASP A 415 4.70 -23.70 42.18
N ASN A 416 4.99 -24.90 42.69
CA ASN A 416 6.36 -25.42 42.76
C ASN A 416 6.65 -26.22 41.50
N ARG A 417 7.09 -25.53 40.45
CA ARG A 417 7.55 -26.14 39.21
C ARG A 417 8.64 -25.27 38.62
N VAL A 418 9.58 -25.89 37.91
CA VAL A 418 10.70 -25.17 37.31
C VAL A 418 10.97 -25.72 35.91
N VAL A 419 11.32 -24.83 34.99
CA VAL A 419 11.90 -25.18 33.70
C VAL A 419 13.33 -24.64 33.68
N TYR A 420 14.20 -25.32 32.94
CA TYR A 420 15.61 -24.99 32.96
C TYR A 420 15.89 -23.81 32.03
N GLY A 421 16.66 -22.84 32.52
CA GLY A 421 16.90 -21.59 31.83
C GLY A 421 18.00 -21.67 30.79
N GLY A 422 18.70 -20.56 30.62
CA GLY A 422 19.70 -20.47 29.58
C GLY A 422 19.15 -20.53 28.18
N GLY A 423 17.87 -20.23 28.01
CA GLY A 423 17.22 -20.33 26.71
C GLY A 423 16.73 -21.73 26.35
N ALA A 424 16.95 -22.72 27.21
CA ALA A 424 16.54 -24.09 26.91
C ALA A 424 15.03 -24.18 26.70
N ALA A 425 14.25 -23.69 27.68
CA ALA A 425 12.80 -23.69 27.54
C ALA A 425 12.37 -22.95 26.29
N GLU A 426 13.10 -21.89 25.93
CA GLU A 426 12.80 -21.16 24.70
C GLU A 426 13.07 -22.01 23.47
N ILE A 427 14.15 -22.81 23.49
CA ILE A 427 14.47 -23.65 22.34
C ILE A 427 13.40 -24.72 22.14
N SER A 428 13.07 -25.45 23.21
CA SER A 428 12.05 -26.48 23.11
C SER A 428 10.69 -25.90 22.75
N CYS A 429 10.36 -24.73 23.31
CA CYS A 429 9.11 -24.07 22.93
C CYS A 429 9.11 -23.75 21.44
N ALA A 430 10.23 -23.25 20.91
CA ALA A 430 10.31 -22.98 19.49
C ALA A 430 10.15 -24.25 18.66
N LEU A 431 10.72 -25.36 19.14
CA LEU A 431 10.55 -26.64 18.47
C LEU A 431 9.09 -27.02 18.36
N ALA A 432 8.36 -26.93 19.49
CA ALA A 432 6.94 -27.29 19.47
C ALA A 432 6.14 -26.35 18.59
N VAL A 433 6.45 -25.05 18.63
CA VAL A 433 5.70 -24.08 17.84
C VAL A 433 5.90 -24.35 16.35
N SER A 434 7.14 -24.60 15.93
CA SER A 434 7.39 -24.95 14.53
C SER A 434 6.69 -26.26 14.16
N GLN A 435 6.64 -27.20 15.10
CA GLN A 435 5.96 -28.47 14.85
C GLN A 435 4.48 -28.25 14.59
N GLU A 436 3.82 -27.46 15.44
CA GLU A 436 2.42 -27.11 15.21
C GLU A 436 2.25 -26.27 13.94
N ALA A 437 3.28 -25.49 13.57
CA ALA A 437 3.17 -24.62 12.40
C ALA A 437 3.21 -25.41 11.10
N ASP A 438 4.03 -26.46 11.04
CA ASP A 438 4.13 -27.24 9.82
C ASP A 438 2.81 -27.90 9.45
N LYS A 439 1.95 -28.17 10.45
CA LYS A 439 0.70 -28.88 10.23
C LYS A 439 -0.51 -27.94 10.19
N CYS A 440 -0.29 -26.63 10.10
CA CYS A 440 -1.40 -25.69 10.05
C CYS A 440 -1.43 -24.97 8.70
N PRO A 441 -2.61 -24.79 8.12
CA PRO A 441 -2.69 -24.13 6.81
C PRO A 441 -2.96 -22.64 6.94
N THR A 442 -3.21 -22.00 5.81
CA THR A 442 -3.64 -20.60 5.69
C THR A 442 -2.54 -19.67 6.26
N LEU A 443 -2.93 -18.52 6.78
CA LEU A 443 -1.98 -17.46 7.11
C LEU A 443 -1.37 -17.64 8.50
N GLU A 444 -2.16 -18.13 9.46
CA GLU A 444 -1.64 -18.37 10.80
C GLU A 444 -0.42 -19.27 10.79
N GLN A 445 -0.28 -20.10 9.75
CA GLN A 445 0.94 -20.89 9.55
C GLN A 445 2.18 -20.00 9.62
N TYR A 446 2.24 -18.97 8.77
CA TYR A 446 3.41 -18.11 8.74
C TYR A 446 3.62 -17.39 10.07
N ALA A 447 2.54 -16.90 10.67
CA ALA A 447 2.66 -16.22 11.95
C ALA A 447 3.23 -17.15 13.02
N MET A 448 2.84 -18.43 12.99
CA MET A 448 3.38 -19.39 13.95
C MET A 448 4.86 -19.61 13.74
N ARG A 449 5.30 -19.77 12.49
CA ARG A 449 6.73 -19.92 12.23
C ARG A 449 7.50 -18.68 12.66
N ALA A 450 6.95 -17.49 12.41
CA ALA A 450 7.60 -16.27 12.88
C ALA A 450 7.72 -16.26 14.40
N PHE A 451 6.68 -16.74 15.10
CA PHE A 451 6.76 -16.86 16.54
C PHE A 451 7.88 -17.82 16.96
N ALA A 452 7.98 -18.95 16.26
CA ALA A 452 9.02 -19.92 16.58
C ALA A 452 10.41 -19.31 16.47
N ASP A 453 10.70 -18.65 15.34
CA ASP A 453 11.99 -17.99 15.17
C ASP A 453 12.15 -16.84 16.17
N ALA A 454 11.06 -16.22 16.60
CA ALA A 454 11.17 -15.11 17.54
C ALA A 454 11.53 -15.57 18.93
N LEU A 455 11.13 -16.79 19.30
CA LEU A 455 11.52 -17.32 20.60
C LEU A 455 13.03 -17.56 20.67
N GLU A 456 13.63 -17.97 19.56
CA GLU A 456 15.04 -18.33 19.53
C GLU A 456 15.97 -17.13 19.71
N VAL A 457 15.44 -15.92 19.87
CA VAL A 457 16.32 -14.77 20.09
C VAL A 457 16.94 -14.84 21.48
N ILE A 458 16.23 -15.40 22.46
CA ILE A 458 16.79 -15.51 23.80
C ILE A 458 18.06 -16.33 23.82
N PRO A 459 18.11 -17.54 23.24
CA PRO A 459 19.41 -18.25 23.17
C PRO A 459 20.43 -17.52 22.33
N MET A 460 19.98 -16.77 21.31
CA MET A 460 20.92 -16.04 20.47
C MET A 460 21.50 -14.84 21.21
N ALA A 461 20.64 -14.04 21.85
CA ALA A 461 21.14 -12.93 22.66
C ALA A 461 22.02 -13.43 23.80
N LEU A 462 21.58 -14.48 24.49
CA LEU A 462 22.41 -15.12 25.51
C LEU A 462 23.74 -15.57 24.93
N SER A 463 23.76 -15.95 23.65
CA SER A 463 25.00 -16.41 23.03
C SER A 463 25.95 -15.26 22.76
N GLU A 464 25.45 -14.20 22.13
CA GLU A 464 26.31 -13.08 21.76
C GLU A 464 26.83 -12.34 23.00
N ASN A 465 26.00 -12.24 24.04
CA ASN A 465 26.41 -11.53 25.25
C ASN A 465 27.53 -12.25 25.99
N SER A 466 27.74 -13.54 25.71
CA SER A 466 28.81 -14.31 26.34
C SER A 466 30.02 -14.49 25.43
N GLY A 467 29.97 -13.97 24.20
CA GLY A 467 31.09 -14.06 23.29
C GLY A 467 31.04 -15.19 22.29
N MET A 468 30.05 -16.07 22.40
CA MET A 468 29.94 -17.18 21.46
C MET A 468 29.29 -16.73 20.15
N ASN A 469 29.50 -17.53 19.12
CA ASN A 469 28.87 -17.27 17.83
C ASN A 469 27.35 -17.41 17.98
N PRO A 470 26.58 -16.36 17.70
CA PRO A 470 25.15 -16.41 18.06
C PRO A 470 24.36 -17.51 17.37
N ILE A 471 24.44 -17.61 16.05
CA ILE A 471 23.60 -18.58 15.34
C ILE A 471 24.23 -19.97 15.33
N GLN A 472 25.56 -20.06 15.43
CA GLN A 472 26.21 -21.37 15.34
C GLN A 472 25.93 -22.23 16.56
N THR A 473 26.27 -21.72 17.75
CA THR A 473 26.01 -22.46 18.98
C THR A 473 24.52 -22.71 19.17
N MET A 474 23.69 -21.71 18.89
CA MET A 474 22.25 -21.88 19.02
C MET A 474 21.74 -23.00 18.13
N THR A 475 22.20 -23.02 16.88
CA THR A 475 21.75 -24.07 15.96
C THR A 475 22.22 -25.44 16.42
N GLU A 476 23.50 -25.58 16.76
CA GLU A 476 24.03 -26.85 17.23
C GLU A 476 23.26 -27.35 18.45
N VAL A 477 22.86 -26.44 19.33
CA VAL A 477 22.09 -26.84 20.50
C VAL A 477 20.68 -27.27 20.10
N ARG A 478 20.08 -26.57 19.14
CA ARG A 478 18.75 -26.97 18.68
C ARG A 478 18.78 -28.36 18.06
N ALA A 479 19.93 -28.75 17.48
CA ALA A 479 20.08 -30.11 16.99
C ALA A 479 20.32 -31.09 18.15
N ARG A 480 21.13 -30.68 19.14
CA ARG A 480 21.38 -31.56 20.26
C ARG A 480 20.17 -31.72 21.16
N GLN A 481 19.13 -30.90 21.00
CA GLN A 481 17.92 -31.08 21.78
C GLN A 481 16.99 -32.09 21.13
N VAL A 482 17.00 -32.22 19.80
CA VAL A 482 16.16 -33.22 19.17
C VAL A 482 16.86 -34.58 19.15
N LYS A 483 18.17 -34.59 18.91
CA LYS A 483 18.90 -35.86 18.86
C LYS A 483 19.01 -36.49 20.25
N GLU A 484 19.33 -35.69 21.27
CA GLU A 484 19.42 -36.20 22.63
C GLU A 484 18.08 -36.19 23.36
N MET A 485 17.06 -35.55 22.79
CA MET A 485 15.74 -35.41 23.40
C MET A 485 15.85 -34.99 24.86
N ASN A 486 16.45 -33.81 25.05
CA ASN A 486 16.76 -33.30 26.39
C ASN A 486 16.45 -31.81 26.40
N PRO A 487 15.24 -31.43 26.81
CA PRO A 487 14.84 -30.03 26.85
C PRO A 487 15.45 -29.25 28.00
N ALA A 488 16.75 -29.44 28.20
CA ALA A 488 17.45 -28.79 29.32
C ALA A 488 18.70 -28.06 28.88
N LEU A 489 19.47 -28.61 27.95
CA LEU A 489 20.80 -28.10 27.65
C LEU A 489 20.74 -26.97 26.63
N GLY A 490 21.70 -26.05 26.75
CA GLY A 490 21.82 -24.95 25.82
C GLY A 490 22.35 -23.68 26.43
N ILE A 491 23.39 -23.11 25.80
CA ILE A 491 24.03 -21.86 26.21
C ILE A 491 24.57 -22.00 27.62
N ASP A 492 25.90 -22.11 27.74
CA ASP A 492 26.55 -22.59 28.96
C ASP A 492 25.95 -22.07 30.27
N CYS A 493 25.85 -20.75 30.48
CA CYS A 493 26.25 -19.67 29.58
C CYS A 493 27.53 -19.05 30.14
N LEU A 494 27.92 -19.49 31.34
CA LEU A 494 29.08 -18.94 32.05
C LEU A 494 30.42 -19.33 31.44
N HIS A 495 30.44 -19.97 30.28
CA HIS A 495 31.66 -20.40 29.61
C HIS A 495 32.46 -21.40 30.45
N LYS A 496 31.82 -22.01 31.44
CA LYS A 496 32.45 -23.06 32.24
C LYS A 496 31.36 -24.05 32.63
N GLY A 497 31.49 -25.28 32.16
CA GLY A 497 30.52 -26.32 32.46
C GLY A 497 30.44 -27.30 31.30
N THR A 498 29.44 -28.17 31.39
CA THR A 498 29.23 -29.22 30.40
C THR A 498 28.13 -28.88 29.40
N ASN A 499 27.56 -27.67 29.47
CA ASN A 499 26.53 -27.18 28.56
C ASN A 499 25.20 -27.90 28.80
N ASP A 500 25.22 -28.94 29.66
CA ASP A 500 24.02 -29.76 29.85
C ASP A 500 22.90 -29.01 30.54
N MET A 501 23.23 -28.01 31.35
CA MET A 501 22.26 -27.15 32.02
C MET A 501 21.36 -27.90 33.00
N LYS A 502 21.33 -29.23 32.94
CA LYS A 502 20.79 -30.01 34.05
C LYS A 502 21.63 -29.75 35.30
N GLN A 503 22.95 -29.88 35.18
CA GLN A 503 23.86 -29.29 36.13
C GLN A 503 23.82 -27.77 35.99
N GLN A 504 24.47 -27.07 36.93
CA GLN A 504 24.39 -25.61 37.07
C GLN A 504 23.03 -25.21 37.61
N HIS A 505 22.08 -26.15 37.60
CA HIS A 505 20.72 -26.00 38.09
C HIS A 505 20.16 -24.60 37.89
N VAL A 506 20.00 -24.18 36.65
CA VAL A 506 19.42 -22.88 36.33
C VAL A 506 17.92 -23.07 36.17
N ILE A 507 17.14 -22.52 37.10
CA ILE A 507 15.70 -22.69 37.13
C ILE A 507 15.03 -21.33 36.96
N GLU A 508 13.96 -21.29 36.17
CA GLU A 508 13.19 -20.08 35.96
C GLU A 508 11.77 -20.20 36.47
N THR A 509 11.49 -21.20 37.30
CA THR A 509 10.14 -21.53 37.74
C THR A 509 9.23 -21.75 36.53
N LEU A 510 7.91 -21.61 36.71
CA LEU A 510 6.97 -21.76 35.61
C LEU A 510 6.18 -20.49 35.34
N ILE A 511 5.54 -19.93 36.37
CA ILE A 511 4.78 -18.69 36.20
C ILE A 511 5.65 -17.57 35.68
N GLY A 512 6.96 -17.63 35.94
CA GLY A 512 7.87 -16.66 35.33
C GLY A 512 7.86 -16.75 33.82
N LYS A 513 7.95 -17.98 33.29
CA LYS A 513 7.94 -18.16 31.84
C LYS A 513 6.55 -17.98 31.26
N LYS A 514 5.54 -18.58 31.89
CA LYS A 514 4.17 -18.43 31.41
C LYS A 514 3.76 -16.95 31.37
N GLN A 515 4.11 -16.20 32.41
CA GLN A 515 3.80 -14.77 32.41
C GLN A 515 4.69 -14.00 31.44
N GLN A 516 5.93 -14.46 31.22
CA GLN A 516 6.80 -13.81 30.24
C GLN A 516 6.21 -13.90 28.84
N ILE A 517 5.78 -15.09 28.44
CA ILE A 517 5.23 -15.28 27.11
C ILE A 517 3.87 -14.60 26.98
N SER A 518 3.03 -14.71 28.03
CA SER A 518 1.73 -14.06 28.01
C SER A 518 1.89 -12.54 27.89
N LEU A 519 2.82 -11.96 28.65
CA LEU A 519 3.02 -10.52 28.60
C LEU A 519 3.61 -10.08 27.26
N ALA A 520 4.57 -10.86 26.74
CA ALA A 520 5.16 -10.53 25.45
C ALA A 520 4.12 -10.54 24.34
N THR A 521 3.36 -11.64 24.24
CA THR A 521 2.33 -11.73 23.22
C THR A 521 1.24 -10.67 23.43
N GLN A 522 0.97 -10.31 24.69
CA GLN A 522 0.02 -9.23 24.96
C GLN A 522 0.54 -7.91 24.39
N MET A 523 1.79 -7.58 24.68
CA MET A 523 2.41 -6.38 24.12
C MET A 523 2.34 -6.37 22.60
N VAL A 524 2.88 -7.42 21.97
CA VAL A 524 2.92 -7.49 20.51
C VAL A 524 1.51 -7.42 19.94
N ARG A 525 0.53 -8.01 20.63
CA ARG A 525 -0.85 -7.92 20.18
C ARG A 525 -1.33 -6.47 20.16
N MET A 526 -1.08 -5.72 21.23
CA MET A 526 -1.50 -4.33 21.28
C MET A 526 -0.77 -3.50 20.23
N ILE A 527 0.55 -3.63 20.16
CA ILE A 527 1.33 -2.83 19.23
C ILE A 527 0.97 -3.16 17.78
N LEU A 528 0.64 -4.43 17.50
CA LEU A 528 0.29 -4.82 16.13
C LEU A 528 -1.03 -4.21 15.69
N LYS A 529 -1.96 -3.97 16.63
CA LYS A 529 -3.10 -3.11 16.35
C LYS A 529 -2.63 -1.67 16.48
N ILE A 530 -3.52 -0.76 16.84
CA ILE A 530 -3.17 0.63 17.16
C ILE A 530 -2.55 1.33 15.96
N ASP A 531 -3.30 2.22 15.34
CA ASP A 531 -2.77 3.08 14.31
C ASP A 531 -3.16 4.52 14.63
N ASP A 532 -2.60 5.44 13.84
CA ASP A 532 -2.90 6.88 13.89
C ASP A 532 -2.19 7.62 15.02
N ILE A 533 -1.95 6.94 16.16
CA ILE A 533 -1.35 7.52 17.36
C ILE A 533 -1.69 9.00 17.52
N ARG A 534 -2.94 9.27 17.93
CA ARG A 534 -3.46 10.63 17.94
C ARG A 534 -2.51 11.60 18.62
N LYS A 535 -2.38 11.51 19.93
CA LYS A 535 -1.48 12.36 20.72
C LYS A 535 -1.82 13.84 20.52
N PRO A 536 -2.99 14.31 20.98
CA PRO A 536 -3.31 15.75 20.90
C PRO A 536 -2.29 16.64 21.59
N LEU B 31 -15.74 28.05 -5.20
CA LEU B 31 -16.35 26.73 -5.04
C LEU B 31 -15.42 25.77 -4.31
N GLU B 32 -14.11 26.00 -4.45
CA GLU B 32 -13.13 25.09 -3.84
C GLU B 32 -13.21 25.08 -2.33
N ALA B 33 -13.85 26.08 -1.71
CA ALA B 33 -14.14 25.98 -0.28
C ALA B 33 -14.91 24.70 0.04
N LEU B 34 -15.87 24.35 -0.82
CA LEU B 34 -16.61 23.11 -0.64
C LEU B 34 -15.68 21.90 -0.70
N LYS B 35 -14.74 21.91 -1.65
CA LYS B 35 -13.81 20.78 -1.77
C LYS B 35 -12.83 20.75 -0.60
N SER B 36 -12.52 21.90 0.00
CA SER B 36 -11.70 21.90 1.21
C SER B 36 -12.46 21.25 2.36
N HIS B 37 -13.73 21.59 2.52
CA HIS B 37 -14.57 20.95 3.53
C HIS B 37 -14.69 19.45 3.26
N ILE B 38 -14.95 19.10 2.00
CA ILE B 38 -15.14 17.69 1.65
C ILE B 38 -13.86 16.90 1.91
N MET B 39 -12.69 17.52 1.65
CA MET B 39 -11.43 16.83 1.86
C MET B 39 -11.14 16.64 3.34
N ALA B 40 -11.25 17.72 4.11
CA ALA B 40 -10.99 17.66 5.55
C ALA B 40 -11.93 16.70 6.26
N ALA B 41 -13.15 16.55 5.77
CA ALA B 41 -14.08 15.61 6.38
C ALA B 41 -13.74 14.18 5.99
N LYS B 42 -13.44 13.96 4.70
CA LYS B 42 -12.99 12.64 4.25
C LYS B 42 -11.77 12.16 5.03
N ALA B 43 -10.91 13.08 5.47
CA ALA B 43 -9.77 12.72 6.30
C ALA B 43 -10.23 12.07 7.60
N VAL B 44 -11.16 12.72 8.31
CA VAL B 44 -11.70 12.15 9.55
C VAL B 44 -12.30 10.78 9.28
N ALA B 45 -13.06 10.67 8.19
CA ALA B 45 -13.68 9.39 7.84
C ALA B 45 -12.63 8.29 7.68
N ASN B 46 -11.59 8.56 6.89
CA ASN B 46 -10.55 7.56 6.68
C ASN B 46 -9.82 7.23 7.97
N THR B 47 -9.72 8.20 8.90
CA THR B 47 -9.15 7.90 10.20
C THR B 47 -10.02 6.90 10.97
N MET B 48 -11.34 7.04 10.85
CA MET B 48 -12.26 6.25 11.65
C MET B 48 -12.64 4.92 11.03
N ARG B 49 -12.54 4.77 9.71
CA ARG B 49 -13.04 3.55 9.08
C ARG B 49 -12.14 2.35 9.33
N THR B 50 -10.96 2.53 9.93
CA THR B 50 -10.16 1.39 10.34
C THR B 50 -10.60 0.81 11.67
N SER B 51 -11.29 1.60 12.49
CA SER B 51 -11.80 1.14 13.78
C SER B 51 -13.23 0.61 13.69
N LEU B 52 -13.75 0.43 12.49
CA LEU B 52 -15.10 -0.08 12.33
C LEU B 52 -15.12 -1.59 12.41
N GLY B 53 -16.19 -2.13 13.00
CA GLY B 53 -16.37 -3.56 13.10
C GLY B 53 -15.65 -4.17 14.29
N PRO B 54 -15.82 -5.48 14.47
CA PRO B 54 -15.15 -6.15 15.60
C PRO B 54 -13.64 -6.16 15.48
N ASN B 55 -13.10 -6.17 14.26
CA ASN B 55 -11.66 -6.19 14.05
C ASN B 55 -11.06 -4.79 13.97
N GLY B 56 -11.79 -3.76 14.38
CA GLY B 56 -11.28 -2.41 14.31
C GLY B 56 -10.05 -2.22 15.19
N LEU B 57 -9.37 -1.11 14.95
CA LEU B 57 -8.13 -0.80 15.65
C LEU B 57 -8.41 0.18 16.80
N ASP B 58 -7.35 0.66 17.45
CA ASP B 58 -7.48 1.21 18.79
C ASP B 58 -7.12 2.68 18.92
N LYS B 59 -6.05 3.14 18.26
CA LYS B 59 -5.50 4.49 18.43
C LYS B 59 -4.88 4.67 19.81
N MET B 60 -4.63 5.92 20.23
CA MET B 60 -3.88 6.18 21.45
C MET B 60 -4.55 7.21 22.35
N MET B 61 -4.62 8.46 21.89
CA MET B 61 -5.41 9.55 22.46
C MET B 61 -4.75 10.29 23.62
N VAL B 62 -4.27 9.55 24.62
CA VAL B 62 -3.73 10.09 25.88
C VAL B 62 -4.76 11.11 26.39
N ASP B 63 -4.60 12.47 26.30
CA ASP B 63 -3.42 13.36 26.25
C ASP B 63 -3.62 14.66 27.02
N LYS B 64 -3.24 14.64 28.30
CA LYS B 64 -2.99 15.85 29.07
C LYS B 64 -2.00 15.50 30.18
N ASP B 65 -0.78 15.09 29.78
CA ASP B 65 0.21 14.51 30.69
C ASP B 65 -0.36 13.33 31.47
N GLY B 66 -1.43 12.71 30.95
CA GLY B 66 -2.19 11.72 31.66
C GLY B 66 -2.08 10.34 31.05
N ASP B 67 -3.06 9.50 31.37
CA ASP B 67 -3.05 8.11 30.97
C ASP B 67 -3.40 7.96 29.49
N VAL B 68 -3.45 6.72 29.02
CA VAL B 68 -3.76 6.41 27.64
C VAL B 68 -5.07 5.63 27.58
N THR B 69 -5.66 5.59 26.39
CA THR B 69 -6.90 4.86 26.17
C THR B 69 -6.85 4.22 24.79
N VAL B 70 -6.92 2.89 24.74
CA VAL B 70 -6.90 2.13 23.49
C VAL B 70 -8.23 1.40 23.36
N THR B 71 -9.03 1.79 22.37
CA THR B 71 -10.39 1.30 22.27
C THR B 71 -10.84 1.29 20.81
N ASN B 72 -11.73 0.36 20.49
CA ASN B 72 -12.54 0.45 19.28
C ASN B 72 -13.66 1.45 19.55
N ASP B 73 -14.79 1.31 18.86
CA ASP B 73 -15.97 2.13 19.12
C ASP B 73 -15.64 3.63 19.05
N GLY B 74 -15.76 4.21 17.85
CA GLY B 74 -15.35 5.59 17.61
C GLY B 74 -15.99 6.61 18.53
N ALA B 75 -17.06 6.25 19.23
CA ALA B 75 -17.71 7.20 20.13
C ALA B 75 -16.72 7.83 21.10
N THR B 76 -15.90 7.01 21.76
CA THR B 76 -14.85 7.54 22.61
C THR B 76 -13.65 8.06 21.84
N ILE B 77 -13.50 7.64 20.58
CA ILE B 77 -12.43 8.18 19.74
C ILE B 77 -12.69 9.64 19.42
N LEU B 78 -13.92 9.97 19.01
CA LEU B 78 -14.28 11.36 18.79
C LEU B 78 -14.23 12.19 20.06
N SER B 79 -14.28 11.55 21.23
CA SER B 79 -14.29 12.27 22.50
C SER B 79 -13.03 13.12 22.68
N MET B 80 -11.88 12.63 22.19
CA MET B 80 -10.68 13.45 22.14
C MET B 80 -10.53 14.06 20.75
N MET B 81 -9.73 13.43 19.90
CA MET B 81 -9.49 13.86 18.53
C MET B 81 -9.04 15.31 18.47
N ASP B 82 -7.73 15.53 18.34
CA ASP B 82 -7.16 16.88 18.37
C ASP B 82 -7.94 17.82 17.45
N VAL B 83 -8.08 19.06 17.87
CA VAL B 83 -8.89 20.04 17.16
C VAL B 83 -8.04 20.69 16.08
N ASP B 84 -8.49 20.58 14.83
CA ASP B 84 -7.75 21.14 13.71
C ASP B 84 -8.65 22.00 12.82
N HIS B 85 -9.36 21.37 11.89
CA HIS B 85 -10.18 22.10 10.93
C HIS B 85 -11.57 22.34 11.49
N GLN B 86 -12.10 23.54 11.21
CA GLN B 86 -13.43 23.91 11.70
C GLN B 86 -14.49 22.93 11.23
N ILE B 87 -14.46 22.54 9.95
CA ILE B 87 -15.46 21.62 9.44
C ILE B 87 -15.35 20.27 10.14
N ALA B 88 -14.13 19.82 10.44
CA ALA B 88 -13.95 18.55 11.14
C ALA B 88 -14.64 18.59 12.50
N LYS B 89 -14.57 19.74 13.18
CA LYS B 89 -15.18 19.88 14.49
C LYS B 89 -16.69 20.04 14.41
N LEU B 90 -17.20 20.62 13.32
CA LEU B 90 -18.64 20.53 13.06
C LEU B 90 -19.09 19.08 13.05
N MET B 91 -18.30 18.21 12.39
CA MET B 91 -18.62 16.80 12.36
C MET B 91 -18.46 16.16 13.74
N VAL B 92 -17.42 16.54 14.48
CA VAL B 92 -17.20 15.93 15.79
C VAL B 92 -18.33 16.29 16.74
N GLU B 93 -18.83 17.53 16.67
CA GLU B 93 -19.94 17.94 17.51
C GLU B 93 -21.21 17.18 17.14
N LEU B 94 -21.52 17.09 15.85
CA LEU B 94 -22.74 16.43 15.41
C LEU B 94 -22.66 14.92 15.53
N SER B 95 -21.44 14.36 15.55
CA SER B 95 -21.31 12.90 15.70
C SER B 95 -21.76 12.45 17.08
N LYS B 96 -21.35 13.18 18.12
CA LYS B 96 -21.80 12.89 19.48
C LYS B 96 -23.20 13.42 19.74
N SER B 97 -23.62 14.45 19.00
CA SER B 97 -24.86 15.19 19.26
C SER B 97 -26.03 14.27 19.59
N GLN B 98 -26.26 13.27 18.75
CA GLN B 98 -27.39 12.37 18.92
C GLN B 98 -26.98 10.92 19.14
N ASP B 99 -26.10 10.39 18.29
CA ASP B 99 -25.90 8.94 18.26
C ASP B 99 -25.24 8.46 19.54
N ASP B 100 -24.05 9.00 19.86
CA ASP B 100 -23.37 8.56 21.08
C ASP B 100 -24.19 8.90 22.32
N GLU B 101 -24.96 9.98 22.28
CA GLU B 101 -25.73 10.40 23.44
C GLU B 101 -27.00 9.57 23.63
N ILE B 102 -27.56 9.06 22.54
CA ILE B 102 -28.83 8.33 22.61
C ILE B 102 -28.66 6.93 22.03
N GLY B 103 -28.33 6.84 20.75
CA GLY B 103 -28.12 5.55 20.14
C GLY B 103 -26.82 4.89 20.55
N ASP B 104 -26.19 4.15 19.64
CA ASP B 104 -24.92 3.50 19.94
C ASP B 104 -23.89 3.75 18.85
N GLY B 105 -24.14 3.24 17.65
CA GLY B 105 -23.18 3.30 16.56
C GLY B 105 -22.75 4.70 16.17
N THR B 106 -21.50 5.03 16.46
CA THR B 106 -20.94 6.34 16.13
C THR B 106 -19.97 6.29 14.97
N THR B 107 -19.04 5.32 14.98
CA THR B 107 -18.10 5.14 13.88
C THR B 107 -18.83 5.08 12.54
N GLY B 108 -19.96 4.37 12.50
CA GLY B 108 -20.72 4.27 11.26
C GLY B 108 -21.21 5.60 10.75
N VAL B 109 -21.53 6.54 11.66
CA VAL B 109 -22.02 7.84 11.23
C VAL B 109 -20.95 8.59 10.45
N VAL B 110 -19.73 8.62 10.97
CA VAL B 110 -18.69 9.41 10.33
C VAL B 110 -18.17 8.72 9.07
N VAL B 111 -18.13 7.39 9.06
CA VAL B 111 -17.71 6.67 7.86
C VAL B 111 -18.73 6.87 6.75
N LEU B 112 -20.01 6.75 7.08
CA LEU B 112 -21.05 6.96 6.08
C LEU B 112 -21.03 8.39 5.57
N ALA B 113 -20.89 9.36 6.47
CA ALA B 113 -20.80 10.75 6.06
C ALA B 113 -19.62 10.97 5.11
N GLY B 114 -18.44 10.45 5.47
CA GLY B 114 -17.29 10.58 4.61
C GLY B 114 -17.52 9.96 3.23
N ALA B 115 -18.16 8.79 3.19
CA ALA B 115 -18.46 8.15 1.93
C ALA B 115 -19.38 9.00 1.08
N LEU B 116 -20.50 9.46 1.66
CA LEU B 116 -21.42 10.35 0.96
C LEU B 116 -20.69 11.55 0.36
N LEU B 117 -19.70 12.06 1.09
CA LEU B 117 -18.90 13.18 0.58
C LEU B 117 -18.00 12.73 -0.56
N GLU B 118 -17.37 11.57 -0.43
CA GLU B 118 -16.54 11.04 -1.51
C GLU B 118 -17.31 10.97 -2.82
N GLU B 119 -18.59 10.56 -2.76
CA GLU B 119 -19.40 10.51 -3.97
C GLU B 119 -19.83 11.90 -4.39
N ALA B 120 -20.19 12.77 -3.43
CA ALA B 120 -20.60 14.13 -3.75
C ALA B 120 -19.49 14.91 -4.46
N GLU B 121 -18.23 14.51 -4.26
CA GLU B 121 -17.13 15.11 -5.01
C GLU B 121 -17.29 14.86 -6.51
N GLN B 122 -17.29 13.60 -6.91
CA GLN B 122 -17.39 13.25 -8.32
C GLN B 122 -18.73 13.67 -8.91
N LEU B 123 -19.75 13.88 -8.08
CA LEU B 123 -21.01 14.44 -8.59
C LEU B 123 -20.92 15.94 -8.79
N LEU B 124 -20.17 16.63 -7.93
CA LEU B 124 -19.96 18.06 -8.14
C LEU B 124 -19.12 18.31 -9.39
N ASP B 125 -18.10 17.48 -9.63
CA ASP B 125 -17.32 17.61 -10.85
C ASP B 125 -18.18 17.39 -12.09
N ARG B 126 -19.18 16.51 -12.00
CA ARG B 126 -20.05 16.23 -13.13
C ARG B 126 -20.93 17.42 -13.50
N GLY B 127 -20.96 18.46 -12.67
CA GLY B 127 -21.70 19.68 -12.98
C GLY B 127 -22.96 19.89 -12.19
N ILE B 128 -23.27 19.02 -11.22
CA ILE B 128 -24.49 19.16 -10.46
C ILE B 128 -24.28 20.18 -9.34
N HIS B 129 -25.30 21.00 -9.08
CA HIS B 129 -25.22 21.99 -8.03
C HIS B 129 -25.33 21.32 -6.66
N PRO B 130 -24.61 21.83 -5.65
CA PRO B 130 -24.66 21.18 -4.32
C PRO B 130 -26.06 21.01 -3.75
N ILE B 131 -26.90 22.04 -3.83
CA ILE B 131 -28.24 21.95 -3.26
C ILE B 131 -29.01 20.79 -3.87
N ARG B 132 -28.76 20.49 -5.15
CA ARG B 132 -29.39 19.34 -5.79
C ARG B 132 -28.85 18.04 -5.22
N ILE B 133 -27.54 17.99 -4.94
CA ILE B 133 -26.96 16.82 -4.29
C ILE B 133 -27.61 16.57 -2.95
N ALA B 134 -27.81 17.64 -2.16
CA ALA B 134 -28.36 17.48 -0.82
C ALA B 134 -29.83 17.06 -0.86
N ASP B 135 -30.61 17.64 -1.78
CA ASP B 135 -32.01 17.23 -1.93
C ASP B 135 -32.11 15.78 -2.38
N GLY B 136 -31.23 15.36 -3.29
CA GLY B 136 -31.22 13.96 -3.68
C GLY B 136 -30.85 13.04 -2.54
N TYR B 137 -29.83 13.41 -1.77
CA TYR B 137 -29.46 12.63 -0.60
C TYR B 137 -30.61 12.57 0.41
N GLU B 138 -31.42 13.63 0.50
CA GLU B 138 -32.61 13.60 1.34
C GLU B 138 -33.60 12.56 0.84
N GLN B 139 -33.94 12.61 -0.45
CA GLN B 139 -34.84 11.64 -1.05
C GLN B 139 -34.39 10.22 -0.78
N ALA B 140 -33.13 9.92 -1.13
CA ALA B 140 -32.60 8.58 -0.93
C ALA B 140 -32.61 8.18 0.54
N ALA B 141 -32.25 9.11 1.43
CA ALA B 141 -32.28 8.81 2.86
C ALA B 141 -33.68 8.40 3.31
N ARG B 142 -34.70 9.14 2.89
CA ARG B 142 -36.08 8.79 3.24
C ARG B 142 -36.44 7.42 2.69
N VAL B 143 -35.94 7.08 1.50
CA VAL B 143 -36.23 5.77 0.91
C VAL B 143 -35.63 4.66 1.77
N ALA B 144 -34.33 4.77 2.07
CA ALA B 144 -33.66 3.73 2.85
C ALA B 144 -34.31 3.59 4.23
N ILE B 145 -34.57 4.71 4.89
CA ILE B 145 -35.24 4.67 6.20
C ILE B 145 -36.58 3.94 6.08
N GLU B 146 -37.36 4.30 5.06
CA GLU B 146 -38.64 3.64 4.83
C GLU B 146 -38.48 2.17 4.47
N ARG B 147 -37.29 1.76 4.04
CA ARG B 147 -37.05 0.36 3.70
C ARG B 147 -36.50 -0.42 4.89
N LEU B 148 -36.01 0.24 5.94
CA LEU B 148 -35.59 -0.50 7.12
C LEU B 148 -36.77 -1.09 7.88
N ASP B 149 -37.98 -0.54 7.71
CA ASP B 149 -39.14 -1.11 8.36
C ASP B 149 -39.54 -2.45 7.76
N LYS B 150 -39.35 -2.62 6.45
CA LYS B 150 -39.69 -3.89 5.81
C LYS B 150 -38.73 -4.99 6.24
N ILE B 151 -37.45 -4.67 6.41
CA ILE B 151 -36.47 -5.65 6.89
C ILE B 151 -36.58 -5.89 8.39
N SER B 152 -37.35 -5.07 9.10
CA SER B 152 -37.35 -5.08 10.55
C SER B 152 -37.83 -6.42 11.12
N ASP B 153 -37.41 -6.69 12.36
CA ASP B 153 -37.85 -7.83 13.12
C ASP B 153 -38.10 -7.38 14.56
N SER B 154 -39.06 -8.02 15.21
CA SER B 154 -39.53 -7.58 16.53
C SER B 154 -38.93 -8.44 17.64
N VAL B 155 -38.73 -7.79 18.79
CA VAL B 155 -38.23 -8.45 20.00
C VAL B 155 -39.13 -8.03 21.15
N LEU B 156 -39.62 -9.01 21.91
CA LEU B 156 -40.59 -8.72 22.96
C LEU B 156 -39.89 -8.49 24.31
N VAL B 157 -40.66 -7.97 25.26
CA VAL B 157 -40.13 -7.48 26.52
C VAL B 157 -40.97 -8.08 27.65
N ASP B 158 -40.39 -8.04 28.87
CA ASP B 158 -41.02 -8.23 30.18
C ASP B 158 -40.75 -9.62 30.74
N ILE B 159 -40.26 -10.54 29.90
CA ILE B 159 -39.84 -11.86 30.39
C ILE B 159 -38.62 -12.32 29.60
N LYS B 160 -37.44 -12.20 30.21
CA LYS B 160 -36.15 -12.58 29.63
C LYS B 160 -36.12 -12.38 28.12
N ASP B 161 -35.67 -13.38 27.36
CA ASP B 161 -35.66 -13.33 25.89
C ASP B 161 -34.75 -12.22 25.36
N THR B 162 -34.63 -11.12 26.10
CA THR B 162 -33.62 -10.12 25.78
C THR B 162 -32.25 -10.57 26.23
N GLU B 163 -32.17 -11.49 27.20
CA GLU B 163 -30.93 -12.14 27.60
C GLU B 163 -30.14 -12.63 26.38
N PRO B 164 -30.69 -13.48 25.50
CA PRO B 164 -29.92 -13.85 24.30
C PRO B 164 -29.71 -12.71 23.32
N LEU B 165 -30.40 -11.58 23.51
CA LEU B 165 -30.24 -10.44 22.62
C LEU B 165 -29.03 -9.60 23.01
N ILE B 166 -28.54 -9.73 24.24
CA ILE B 166 -27.40 -8.93 24.69
C ILE B 166 -26.08 -9.57 24.31
N GLN B 167 -25.97 -10.90 24.40
CA GLN B 167 -24.74 -11.61 24.06
C GLN B 167 -24.15 -11.17 22.73
N THR B 168 -24.97 -10.58 21.87
CA THR B 168 -24.47 -10.03 20.60
C THR B 168 -23.70 -8.74 20.82
N ALA B 169 -24.02 -7.99 21.88
CA ALA B 169 -23.43 -6.66 22.06
C ALA B 169 -21.93 -6.72 22.27
N LYS B 170 -21.37 -7.88 22.61
CA LYS B 170 -19.93 -8.01 22.79
C LYS B 170 -19.38 -9.17 21.98
N SER B 180 -18.50 -16.11 25.07
CA SER B 180 -17.63 -16.56 26.16
C SER B 180 -18.18 -16.15 27.52
N CYS B 181 -18.03 -14.87 27.85
CA CYS B 181 -18.38 -14.35 29.17
C CYS B 181 -19.69 -13.58 29.18
N HIS B 182 -20.51 -13.71 28.14
CA HIS B 182 -21.66 -12.83 27.98
C HIS B 182 -22.90 -13.33 28.70
N ARG B 183 -22.99 -14.64 28.98
CA ARG B 183 -24.27 -15.23 29.36
C ARG B 183 -24.83 -14.60 30.63
N GLN B 184 -24.00 -14.40 31.64
CA GLN B 184 -24.47 -13.82 32.89
C GLN B 184 -24.53 -12.30 32.83
N MET B 185 -23.63 -11.69 32.06
CA MET B 185 -23.64 -10.23 31.89
C MET B 185 -24.98 -9.77 31.31
N ALA B 186 -25.51 -10.51 30.35
CA ALA B 186 -26.83 -10.20 29.80
C ALA B 186 -27.88 -10.23 30.89
N GLU B 187 -27.91 -11.30 31.69
CA GLU B 187 -28.79 -11.39 32.85
C GLU B 187 -28.75 -10.13 33.69
N ILE B 188 -27.53 -9.73 34.08
CA ILE B 188 -27.37 -8.55 34.91
C ILE B 188 -27.91 -7.30 34.21
N ALA B 189 -27.70 -7.19 32.90
CA ALA B 189 -28.11 -5.99 32.18
C ALA B 189 -29.63 -5.85 32.16
N VAL B 190 -30.33 -6.87 31.66
CA VAL B 190 -31.80 -6.82 31.62
C VAL B 190 -32.36 -6.60 33.02
N ASN B 191 -31.90 -7.40 33.99
CA ASN B 191 -32.37 -7.24 35.36
C ASN B 191 -32.13 -5.83 35.89
N ALA B 192 -31.12 -5.14 35.37
CA ALA B 192 -30.85 -3.77 35.80
C ALA B 192 -31.80 -2.77 35.17
N VAL B 193 -32.00 -2.87 33.85
CA VAL B 193 -32.79 -1.85 33.16
C VAL B 193 -34.27 -2.04 33.41
N LEU B 194 -34.73 -3.29 33.50
CA LEU B 194 -36.17 -3.51 33.64
C LEU B 194 -36.65 -3.11 35.03
N THR B 195 -35.81 -3.30 36.06
CA THR B 195 -36.22 -2.92 37.41
C THR B 195 -36.45 -1.41 37.51
N VAL B 196 -35.57 -0.61 36.93
CA VAL B 196 -35.73 0.83 36.87
C VAL B 196 -35.94 1.23 35.42
N ALA B 197 -37.19 1.46 35.06
CA ALA B 197 -37.57 2.01 33.77
C ALA B 197 -39.02 2.46 33.89
N ASP B 198 -39.37 3.50 33.13
CA ASP B 198 -40.76 3.93 33.11
C ASP B 198 -41.62 2.75 32.69
N MET B 199 -41.45 2.28 31.44
CA MET B 199 -41.92 0.97 31.01
C MET B 199 -43.44 0.84 31.01
N GLU B 200 -44.12 1.47 31.98
CA GLU B 200 -45.58 1.43 32.11
C GLU B 200 -46.11 2.85 32.31
N ARG B 201 -46.29 3.58 31.21
CA ARG B 201 -45.87 3.13 29.89
C ARG B 201 -44.69 4.00 29.46
N ARG B 202 -44.96 5.01 28.63
CA ARG B 202 -43.99 6.07 28.34
C ARG B 202 -42.72 5.57 27.64
N ASP B 203 -42.24 4.39 28.02
CA ASP B 203 -41.13 3.70 27.36
C ASP B 203 -39.86 4.56 27.34
N VAL B 204 -39.41 4.94 28.53
CA VAL B 204 -38.17 5.69 28.71
C VAL B 204 -37.48 5.16 29.96
N ASP B 205 -36.15 5.10 29.92
CA ASP B 205 -35.37 4.64 31.06
C ASP B 205 -35.11 5.82 32.00
N PHE B 206 -34.08 5.71 32.84
CA PHE B 206 -33.71 6.81 33.72
C PHE B 206 -32.19 6.99 33.74
N GLU B 207 -31.48 6.03 34.34
CA GLU B 207 -30.03 6.07 34.53
C GLU B 207 -29.59 7.36 35.22
N LEU B 208 -29.57 7.47 36.55
CA LEU B 208 -29.94 6.49 37.62
C LEU B 208 -28.97 5.30 37.77
N ILE B 209 -28.20 4.97 36.74
CA ILE B 209 -27.32 3.82 36.79
C ILE B 209 -25.94 4.22 36.27
N LYS B 210 -24.92 4.06 37.10
CA LYS B 210 -23.54 4.06 36.66
C LYS B 210 -22.91 2.71 37.06
N VAL B 211 -21.62 2.58 36.84
CA VAL B 211 -20.90 1.36 37.18
C VAL B 211 -19.60 1.73 37.87
N GLU B 212 -19.24 0.97 38.91
CA GLU B 212 -18.01 1.16 39.67
C GLU B 212 -17.33 -0.19 39.82
N GLY B 213 -16.19 -0.37 39.18
CA GLY B 213 -15.46 -1.62 39.24
C GLY B 213 -14.30 -1.56 40.21
N LYS B 214 -14.01 -2.71 40.82
CA LYS B 214 -12.89 -2.85 41.75
C LYS B 214 -11.81 -3.70 41.09
N VAL B 215 -10.63 -3.11 40.92
CA VAL B 215 -9.48 -3.89 40.46
C VAL B 215 -9.22 -5.00 41.45
N GLY B 216 -9.29 -6.24 40.98
CA GLY B 216 -9.17 -7.38 41.86
C GLY B 216 -10.40 -8.25 41.84
N GLY B 217 -10.18 -9.56 41.80
CA GLY B 217 -11.25 -10.52 41.63
C GLY B 217 -10.93 -11.45 40.48
N ARG B 218 -11.95 -12.04 39.85
CA ARG B 218 -11.72 -12.87 38.66
C ARG B 218 -12.92 -12.71 37.74
N LEU B 219 -12.71 -12.03 36.61
CA LEU B 219 -13.66 -11.93 35.51
C LEU B 219 -15.12 -11.78 35.93
N GLU B 220 -15.92 -12.80 35.67
CA GLU B 220 -17.38 -12.74 35.83
C GLU B 220 -17.84 -13.00 37.25
N ASP B 221 -16.95 -12.85 38.25
CA ASP B 221 -17.41 -12.86 39.63
C ASP B 221 -18.18 -11.59 39.97
N THR B 222 -18.38 -10.70 39.00
CA THR B 222 -19.19 -9.50 39.19
C THR B 222 -20.53 -9.85 39.82
N LYS B 223 -21.09 -8.90 40.56
CA LYS B 223 -22.34 -9.10 41.27
C LYS B 223 -23.32 -8.01 40.89
N LEU B 224 -24.61 -8.38 40.93
CA LEU B 224 -25.70 -7.44 40.76
C LEU B 224 -26.23 -7.07 42.14
N ILE B 225 -26.52 -5.79 42.35
CA ILE B 225 -27.05 -5.32 43.61
C ILE B 225 -28.41 -4.68 43.38
N LYS B 226 -29.02 -4.15 44.44
CA LYS B 226 -30.27 -3.44 44.28
C LYS B 226 -30.17 -1.97 44.63
N GLY B 227 -29.02 -1.50 45.14
CA GLY B 227 -28.90 -0.15 45.64
C GLY B 227 -27.56 0.47 45.27
N VAL B 228 -27.44 1.75 45.60
CA VAL B 228 -26.23 2.50 45.22
C VAL B 228 -25.05 2.06 46.07
N ILE B 229 -23.85 2.27 45.53
CA ILE B 229 -22.59 1.89 46.17
C ILE B 229 -21.56 2.97 45.84
N VAL B 230 -20.78 3.38 46.86
CA VAL B 230 -19.82 4.47 46.73
C VAL B 230 -18.50 4.03 47.37
N ASP B 231 -17.45 4.80 47.12
CA ASP B 231 -16.19 4.64 47.82
C ASP B 231 -16.12 5.65 48.97
N LYS B 232 -14.91 5.94 49.45
CA LYS B 232 -14.66 6.86 50.57
C LYS B 232 -15.28 6.33 51.85
N ASP B 233 -14.44 5.87 52.79
CA ASP B 233 -14.93 5.18 53.97
C ASP B 233 -15.41 6.19 55.02
N PHE B 234 -15.64 5.70 56.25
CA PHE B 234 -16.36 6.45 57.26
C PHE B 234 -15.60 7.65 57.83
N SER B 235 -14.33 7.84 57.49
CA SER B 235 -13.51 8.93 58.02
C SER B 235 -13.34 8.80 59.54
N HIS B 236 -12.47 7.82 59.91
CA HIS B 236 -12.02 7.34 61.22
C HIS B 236 -12.23 5.83 61.25
N PRO B 237 -11.24 5.06 61.71
CA PRO B 237 -11.40 3.59 61.70
C PRO B 237 -12.29 3.08 62.82
N GLN B 238 -12.34 3.79 63.95
CA GLN B 238 -13.02 3.30 65.15
C GLN B 238 -14.56 3.30 65.02
N MET B 239 -15.12 3.59 63.85
CA MET B 239 -16.57 3.62 63.74
C MET B 239 -17.16 2.22 63.66
N PRO B 240 -18.41 2.06 64.10
CA PRO B 240 -19.10 0.80 63.86
C PRO B 240 -19.46 0.67 62.39
N LYS B 241 -19.01 -0.40 61.76
CA LYS B 241 -19.58 -0.80 60.49
C LYS B 241 -21.04 -1.18 60.72
N LYS B 242 -21.78 -1.36 59.62
CA LYS B 242 -23.19 -1.73 59.67
C LYS B 242 -24.02 -0.71 60.44
N VAL B 243 -24.60 0.26 59.74
CA VAL B 243 -25.51 1.23 60.35
C VAL B 243 -26.92 0.86 59.89
N GLU B 244 -27.77 0.50 60.83
CA GLU B 244 -29.08 -0.06 60.54
C GLU B 244 -30.12 1.05 60.43
N ASP B 245 -31.14 0.78 59.59
CA ASP B 245 -32.22 1.72 59.27
C ASP B 245 -31.76 3.18 59.35
N ALA B 246 -30.69 3.48 58.64
CA ALA B 246 -29.99 4.75 58.82
C ALA B 246 -30.82 5.92 58.30
N LYS B 247 -30.75 7.03 59.01
CA LYS B 247 -31.32 8.30 58.59
C LYS B 247 -30.17 9.21 58.19
N ILE B 248 -30.02 9.43 56.88
CA ILE B 248 -28.84 10.07 56.32
C ILE B 248 -28.96 11.59 56.47
N ALA B 249 -27.83 12.30 56.39
CA ALA B 249 -27.81 13.77 56.45
C ALA B 249 -26.88 14.28 55.35
N ILE B 250 -27.44 14.56 54.18
CA ILE B 250 -26.68 15.03 53.04
C ILE B 250 -26.50 16.54 53.13
N LEU B 251 -25.25 16.98 53.27
CA LEU B 251 -24.94 18.40 53.43
C LEU B 251 -23.71 18.75 52.60
N THR B 252 -23.71 19.98 52.07
CA THR B 252 -22.63 20.49 51.24
C THR B 252 -21.85 21.62 51.91
N CYS B 253 -21.95 21.76 53.21
CA CYS B 253 -21.47 22.99 53.79
C CYS B 253 -20.11 22.82 54.48
N PRO B 254 -19.33 23.89 54.56
CA PRO B 254 -18.17 23.88 55.46
C PRO B 254 -18.61 23.97 56.90
N PHE B 255 -17.66 23.72 57.81
CA PHE B 255 -17.98 23.52 59.21
C PHE B 255 -17.66 24.72 60.11
N GLU B 256 -17.05 25.77 59.58
CA GLU B 256 -16.79 26.93 60.42
C GLU B 256 -17.92 27.94 60.27
N PRO B 257 -18.47 28.45 61.37
CA PRO B 257 -19.51 29.48 61.28
C PRO B 257 -18.95 30.77 60.71
N PRO B 258 -19.49 31.24 59.58
CA PRO B 258 -18.99 32.46 58.96
C PRO B 258 -19.68 33.70 59.53
N LYS B 259 -19.20 34.86 59.08
CA LYS B 259 -19.82 36.12 59.37
C LYS B 259 -20.12 36.86 58.07
N PRO B 260 -21.29 37.48 57.96
CA PRO B 260 -21.55 38.33 56.79
C PRO B 260 -20.47 39.39 56.64
N LYS B 261 -19.99 39.55 55.41
CA LYS B 261 -18.72 40.23 55.17
C LYS B 261 -18.82 41.71 55.52
N THR B 262 -18.08 42.12 56.54
CA THR B 262 -17.76 43.51 56.83
C THR B 262 -16.24 43.64 56.82
N LYS B 263 -15.75 44.87 57.05
CA LYS B 263 -14.30 45.09 57.09
C LYS B 263 -13.61 44.19 58.11
N HIS B 264 -14.37 43.69 59.09
CA HIS B 264 -13.99 42.61 60.01
C HIS B 264 -12.65 42.80 60.70
N LYS B 265 -11.62 42.09 60.23
CA LYS B 265 -10.34 41.99 60.93
C LYS B 265 -10.58 41.43 62.33
N LEU B 266 -9.61 41.57 63.23
CA LEU B 266 -9.75 41.11 64.61
C LEU B 266 -8.73 41.83 65.48
N ASP B 267 -8.73 41.50 66.77
CA ASP B 267 -7.81 42.13 67.71
C ASP B 267 -7.02 41.10 68.52
N VAL B 268 -7.72 40.04 68.96
CA VAL B 268 -7.22 39.00 69.87
C VAL B 268 -6.14 39.56 70.79
N THR B 269 -6.54 40.44 71.71
CA THR B 269 -5.57 41.15 72.54
C THR B 269 -4.99 40.25 73.61
N SER B 270 -5.74 40.03 74.69
CA SER B 270 -5.26 39.20 75.78
C SER B 270 -5.35 37.73 75.41
N VAL B 271 -4.43 36.93 75.96
CA VAL B 271 -4.49 35.47 75.80
C VAL B 271 -5.86 34.94 76.19
N GLU B 272 -6.50 35.60 77.16
CA GLU B 272 -7.85 35.21 77.56
C GLU B 272 -8.80 35.18 76.37
N ASP B 273 -8.78 36.23 75.55
CA ASP B 273 -9.67 36.28 74.40
C ASP B 273 -9.31 35.23 73.36
N TYR B 274 -8.02 34.89 73.23
CA TYR B 274 -7.60 33.80 72.36
C TYR B 274 -8.29 32.50 72.75
N LYS B 275 -8.17 32.11 74.03
CA LYS B 275 -8.85 30.92 74.53
C LYS B 275 -10.36 31.05 74.40
N ALA B 276 -10.89 32.26 74.56
CA ALA B 276 -12.33 32.46 74.38
C ALA B 276 -12.76 32.17 72.96
N LEU B 277 -11.92 32.51 71.98
CA LEU B 277 -12.24 32.23 70.58
C LEU B 277 -12.20 30.74 70.30
N GLN B 278 -11.11 30.07 70.70
CA GLN B 278 -11.04 28.62 70.58
C GLN B 278 -12.26 27.95 71.19
N LYS B 279 -12.61 28.33 72.42
CA LYS B 279 -13.81 27.81 73.06
C LYS B 279 -15.05 28.10 72.22
N TYR B 280 -15.10 29.27 71.58
CA TYR B 280 -16.27 29.64 70.79
C TYR B 280 -16.55 28.61 69.70
N GLU B 281 -15.65 28.48 68.73
CA GLU B 281 -15.89 27.55 67.63
C GLU B 281 -15.87 26.09 68.08
N LYS B 282 -15.19 25.79 69.19
CA LYS B 282 -15.30 24.45 69.76
C LYS B 282 -16.71 24.20 70.28
N GLU B 283 -17.40 25.25 70.73
CA GLU B 283 -18.81 25.09 71.09
C GLU B 283 -19.68 24.88 69.86
N LYS B 284 -19.53 25.75 68.85
CA LYS B 284 -20.37 25.66 67.67
C LYS B 284 -20.04 24.47 66.78
N PHE B 285 -18.97 23.73 67.08
CA PHE B 285 -18.78 22.44 66.43
C PHE B 285 -19.77 21.42 66.98
N GLU B 286 -20.04 21.46 68.29
CA GLU B 286 -21.11 20.64 68.84
C GLU B 286 -22.49 21.13 68.39
N GLU B 287 -22.65 22.45 68.23
CA GLU B 287 -23.92 22.98 67.73
C GLU B 287 -24.29 22.39 66.38
N MET B 288 -23.31 21.84 65.65
CA MET B 288 -23.59 21.11 64.43
C MET B 288 -23.89 19.64 64.68
N ILE B 289 -23.43 19.08 65.80
CA ILE B 289 -23.50 17.65 66.04
C ILE B 289 -24.89 17.25 66.54
N GLN B 290 -25.22 17.64 67.77
CA GLN B 290 -26.52 17.27 68.32
C GLN B 290 -27.68 17.90 67.57
N GLN B 291 -27.44 19.00 66.83
CA GLN B 291 -28.46 19.52 65.93
C GLN B 291 -28.80 18.48 64.87
N ILE B 292 -27.80 17.81 64.32
CA ILE B 292 -28.06 16.71 63.39
C ILE B 292 -28.74 15.55 64.12
N LYS B 293 -28.28 15.26 65.35
CA LYS B 293 -28.83 14.13 66.10
C LYS B 293 -30.29 14.33 66.48
N GLU B 294 -30.77 15.58 66.50
CA GLU B 294 -32.16 15.81 66.86
C GLU B 294 -33.13 15.33 65.77
N THR B 295 -32.71 15.37 64.51
CA THR B 295 -33.54 14.93 63.40
C THR B 295 -33.29 13.48 63.00
N GLY B 296 -32.60 12.71 63.85
CA GLY B 296 -32.14 11.40 63.44
C GLY B 296 -30.69 11.46 63.02
N ALA B 297 -29.85 10.55 63.51
CA ALA B 297 -28.42 10.70 63.37
C ALA B 297 -27.88 9.58 62.51
N ASN B 298 -27.51 8.43 63.08
CA ASN B 298 -26.85 7.35 62.34
C ASN B 298 -25.55 7.88 61.72
N LEU B 299 -25.48 7.95 60.40
CA LEU B 299 -24.35 8.55 59.71
C LEU B 299 -24.84 9.71 58.85
N ALA B 300 -23.96 10.68 58.63
CA ALA B 300 -24.22 11.82 57.76
C ALA B 300 -23.37 11.69 56.51
N ILE B 301 -23.44 12.72 55.66
CA ILE B 301 -22.67 12.78 54.43
C ILE B 301 -22.34 14.24 54.15
N CYS B 302 -21.05 14.53 53.97
CA CYS B 302 -20.57 15.89 53.83
C CYS B 302 -19.82 16.08 52.52
N GLN B 303 -19.95 17.26 51.94
CA GLN B 303 -19.08 17.71 50.87
C GLN B 303 -18.05 18.68 51.42
N TRP B 304 -17.22 19.22 50.52
CA TRP B 304 -16.25 20.27 50.85
C TRP B 304 -15.31 19.73 51.94
N GLY B 305 -14.97 20.53 52.94
CA GLY B 305 -14.00 20.14 53.94
C GLY B 305 -14.60 19.52 55.18
N PHE B 306 -13.80 18.65 55.81
CA PHE B 306 -14.12 18.07 57.11
C PHE B 306 -12.89 18.25 57.98
N ASP B 307 -13.04 19.02 59.06
CA ASP B 307 -11.91 19.60 59.76
C ASP B 307 -11.09 18.53 60.48
N ASP B 308 -9.98 18.97 61.08
CA ASP B 308 -9.08 18.10 61.81
C ASP B 308 -9.79 17.45 63.00
N GLU B 309 -10.07 18.23 64.04
CA GLU B 309 -10.70 17.71 65.25
C GLU B 309 -12.20 17.49 65.09
N ALA B 310 -12.79 17.80 63.93
CA ALA B 310 -14.20 17.54 63.70
C ALA B 310 -14.50 16.05 63.78
N ASN B 311 -13.63 15.23 63.17
CA ASN B 311 -13.80 13.78 63.22
C ASN B 311 -13.71 13.26 64.64
N HIS B 312 -12.92 13.92 65.50
CA HIS B 312 -12.87 13.58 66.91
C HIS B 312 -14.22 13.81 67.57
N LEU B 313 -14.70 15.06 67.53
CA LEU B 313 -15.96 15.41 68.19
C LEU B 313 -17.13 14.64 67.61
N LEU B 314 -17.03 14.22 66.35
CA LEU B 314 -18.08 13.42 65.72
C LEU B 314 -17.98 11.94 66.10
N LEU B 315 -16.78 11.47 66.44
CA LEU B 315 -16.62 10.08 66.86
C LEU B 315 -17.33 9.82 68.18
N GLN B 316 -17.27 10.78 69.11
CA GLN B 316 -17.87 10.57 70.43
C GLN B 316 -19.39 10.48 70.35
N ASN B 317 -20.02 11.17 69.41
CA ASN B 317 -21.47 11.28 69.35
C ASN B 317 -22.12 10.28 68.42
N ASN B 318 -21.35 9.39 67.80
CA ASN B 318 -21.89 8.34 66.94
C ASN B 318 -22.66 8.93 65.76
N LEU B 319 -22.11 9.98 65.17
CA LEU B 319 -22.65 10.65 64.00
C LEU B 319 -21.90 10.38 62.69
N PRO B 320 -20.74 9.73 62.72
CA PRO B 320 -19.66 10.12 61.78
C PRO B 320 -20.05 9.92 60.32
N ALA B 321 -19.63 10.90 59.51
CA ALA B 321 -20.04 11.00 58.12
C ALA B 321 -18.96 10.50 57.18
N VAL B 322 -18.85 11.12 56.01
CA VAL B 322 -17.84 10.76 55.01
C VAL B 322 -17.45 12.03 54.27
N ARG B 323 -16.23 12.05 53.75
CA ARG B 323 -15.73 13.18 52.98
C ARG B 323 -14.93 12.70 51.78
N TRP B 324 -15.39 13.02 50.57
CA TRP B 324 -16.66 13.72 50.35
C TRP B 324 -17.31 13.40 49.01
N VAL B 325 -16.49 13.27 47.95
CA VAL B 325 -16.89 13.05 46.56
C VAL B 325 -18.19 13.77 46.20
N GLY B 326 -18.06 14.91 45.53
CA GLY B 326 -19.15 15.83 45.28
C GLY B 326 -20.30 15.32 44.43
N GLY B 327 -20.94 16.24 43.70
CA GLY B 327 -22.11 15.97 42.88
C GLY B 327 -22.27 14.55 42.37
N PRO B 328 -21.39 14.12 41.47
CA PRO B 328 -21.40 12.71 41.05
C PRO B 328 -21.15 11.80 42.23
N GLU B 329 -22.09 10.89 42.48
CA GLU B 329 -22.20 9.97 43.61
C GLU B 329 -22.89 10.62 44.81
N ILE B 330 -23.05 11.94 44.81
CA ILE B 330 -23.89 12.60 45.81
C ILE B 330 -25.35 12.58 45.39
N GLU B 331 -25.63 12.98 44.15
CA GLU B 331 -27.01 13.00 43.66
C GLU B 331 -27.56 11.58 43.50
N LEU B 332 -26.68 10.59 43.33
CA LEU B 332 -27.13 9.20 43.34
C LEU B 332 -27.83 8.86 44.65
N ILE B 333 -27.16 9.14 45.77
CA ILE B 333 -27.77 8.90 47.08
C ILE B 333 -28.95 9.86 47.29
N ALA B 334 -28.93 11.03 46.64
CA ALA B 334 -30.05 11.96 46.77
C ALA B 334 -31.33 11.35 46.21
N ILE B 335 -31.29 10.85 44.98
CA ILE B 335 -32.49 10.31 44.36
C ILE B 335 -32.83 8.95 44.96
N ALA B 336 -31.81 8.14 45.27
CA ALA B 336 -32.05 6.79 45.82
C ALA B 336 -32.78 6.87 47.15
N THR B 337 -32.19 7.55 48.14
CA THR B 337 -32.76 7.71 49.47
C THR B 337 -32.95 9.19 49.75
N GLY B 338 -34.16 9.58 50.09
CA GLY B 338 -34.44 10.99 50.36
C GLY B 338 -34.29 11.80 49.10
N GLY B 339 -33.42 12.80 49.16
CA GLY B 339 -32.72 13.10 50.39
C GLY B 339 -32.63 14.59 50.65
N ARG B 340 -33.01 15.35 49.63
CA ARG B 340 -32.96 16.81 49.65
C ARG B 340 -31.62 17.31 50.16
N ILE B 341 -30.62 17.35 49.27
CA ILE B 341 -29.30 17.83 49.66
C ILE B 341 -29.43 19.20 50.29
N VAL B 342 -28.85 19.37 51.47
CA VAL B 342 -28.98 20.61 52.24
C VAL B 342 -27.68 21.40 52.09
N PRO B 343 -27.74 22.65 51.60
CA PRO B 343 -26.52 23.46 51.54
C PRO B 343 -26.11 24.03 52.89
N ARG B 344 -26.97 23.92 53.89
CA ARG B 344 -26.73 24.43 55.23
C ARG B 344 -26.25 23.31 56.16
N PHE B 345 -25.48 23.63 57.21
CA PHE B 345 -25.27 24.93 57.94
C PHE B 345 -26.52 25.28 58.75
N SER B 346 -26.91 24.37 59.63
CA SER B 346 -27.85 24.51 60.75
C SER B 346 -29.33 24.55 60.35
N GLU B 347 -29.67 24.50 59.06
CA GLU B 347 -31.06 24.66 58.63
C GLU B 347 -31.76 23.34 58.33
N LEU B 348 -31.12 22.21 58.60
CA LEU B 348 -31.73 20.93 58.24
C LEU B 348 -32.85 20.57 59.21
N THR B 349 -33.97 20.13 58.64
CA THR B 349 -35.13 19.64 59.38
C THR B 349 -35.77 18.52 58.58
N ALA B 350 -36.11 17.42 59.23
CA ALA B 350 -36.64 16.23 58.57
C ALA B 350 -38.04 15.95 59.08
N GLU B 351 -39.06 15.93 58.20
CA GLU B 351 -39.04 16.20 56.75
C GLU B 351 -38.15 15.25 55.91
N LYS B 352 -37.07 15.79 55.34
CA LYS B 352 -36.32 15.12 54.26
C LYS B 352 -35.49 13.96 54.79
N LEU B 353 -34.46 13.55 54.01
CA LEU B 353 -33.47 12.55 54.37
C LEU B 353 -34.10 11.17 54.62
N GLY B 354 -33.27 10.19 54.98
CA GLY B 354 -33.72 8.82 55.00
C GLY B 354 -33.69 8.30 53.59
N PHE B 355 -33.84 6.99 53.39
CA PHE B 355 -33.99 6.02 54.46
C PHE B 355 -33.28 4.72 54.06
N ALA B 356 -32.02 4.59 54.44
CA ALA B 356 -31.21 3.42 54.10
C ALA B 356 -31.24 2.42 55.25
N GLY B 357 -31.02 1.15 54.92
CA GLY B 357 -31.12 0.09 55.91
C GLY B 357 -29.81 -0.56 56.31
N LEU B 358 -28.76 -0.36 55.52
CA LEU B 358 -27.47 -0.98 55.79
C LEU B 358 -26.38 -0.14 55.15
N VAL B 359 -25.26 0.02 55.87
CA VAL B 359 -24.05 0.68 55.36
C VAL B 359 -22.85 -0.05 55.96
N GLN B 360 -22.01 -0.63 55.11
CA GLN B 360 -20.91 -1.47 55.59
C GLN B 360 -19.69 -1.25 54.69
N GLU B 361 -18.71 -2.15 54.80
CA GLU B 361 -17.52 -2.10 53.96
C GLU B 361 -17.85 -2.48 52.52
N THR B 367 -10.45 -2.65 50.74
CA THR B 367 -10.80 -2.45 52.14
C THR B 367 -11.11 -0.99 52.44
N LYS B 368 -11.24 -0.19 51.38
CA LYS B 368 -11.30 1.26 51.50
C LYS B 368 -12.68 1.84 51.24
N ASP B 369 -13.61 1.08 50.69
CA ASP B 369 -14.89 1.61 50.23
C ASP B 369 -16.05 1.09 51.07
N LYS B 370 -17.06 1.94 51.25
CA LYS B 370 -18.26 1.57 52.01
C LYS B 370 -19.45 1.45 51.05
N MET B 371 -20.20 0.36 51.19
CA MET B 371 -21.36 0.12 50.32
C MET B 371 -22.59 -0.13 51.18
N LEU B 372 -23.74 0.25 50.64
CA LEU B 372 -24.98 0.29 51.42
C LEU B 372 -26.07 -0.54 50.75
N VAL B 373 -26.95 -1.09 51.57
CA VAL B 373 -28.04 -1.96 51.13
C VAL B 373 -29.32 -1.47 51.79
N ILE B 374 -30.45 -1.96 51.27
CA ILE B 374 -31.80 -1.67 51.77
C ILE B 374 -32.06 -0.17 51.73
N GLU B 375 -32.59 0.32 50.62
CA GLU B 375 -32.80 1.73 50.39
C GLU B 375 -34.29 2.04 50.29
N GLN B 376 -34.58 3.31 50.06
CA GLN B 376 -35.95 3.75 49.77
C GLN B 376 -36.27 3.73 48.28
N CYS B 377 -35.25 3.65 47.43
CA CYS B 377 -35.41 3.59 45.98
C CYS B 377 -36.21 4.78 45.44
N ALA B 382 -33.16 2.09 41.77
CA ALA B 382 -31.85 2.64 42.08
C ALA B 382 -30.79 1.54 42.12
N VAL B 383 -30.11 1.30 40.99
CA VAL B 383 -29.15 0.21 40.86
C VAL B 383 -27.86 0.75 40.25
N THR B 384 -26.72 0.30 40.79
CA THR B 384 -25.41 0.65 40.26
C THR B 384 -24.51 -0.57 40.37
N ILE B 385 -24.24 -1.21 39.23
CA ILE B 385 -23.65 -2.55 39.19
C ILE B 385 -22.20 -2.55 39.66
N PHE B 386 -21.67 -3.75 39.94
CA PHE B 386 -20.35 -3.96 40.52
C PHE B 386 -19.61 -5.00 39.69
N ILE B 387 -18.31 -4.81 39.48
CA ILE B 387 -17.54 -5.61 38.54
C ILE B 387 -16.21 -6.06 39.15
N ARG B 388 -15.88 -7.34 39.01
CA ARG B 388 -14.59 -7.90 39.39
C ARG B 388 -13.65 -7.94 38.19
N GLY B 389 -12.45 -8.44 38.42
CA GLY B 389 -11.48 -8.60 37.35
C GLY B 389 -10.06 -8.58 37.89
N GLY B 390 -9.14 -8.15 37.04
CA GLY B 390 -7.74 -8.05 37.40
C GLY B 390 -6.95 -7.38 36.31
N ASN B 391 -5.74 -6.95 36.65
CA ASN B 391 -4.81 -6.27 35.76
C ASN B 391 -5.31 -4.91 35.29
N LYS B 392 -6.50 -4.47 35.73
CA LYS B 392 -7.10 -3.18 35.40
C LYS B 392 -7.61 -3.16 33.97
N MET B 393 -7.12 -4.08 33.13
CA MET B 393 -7.59 -4.17 31.75
C MET B 393 -8.71 -5.19 31.57
N ILE B 394 -8.86 -6.14 32.50
CA ILE B 394 -10.02 -7.02 32.47
C ILE B 394 -11.30 -6.25 32.81
N ILE B 395 -11.20 -5.29 33.72
CA ILE B 395 -12.26 -4.31 33.93
C ILE B 395 -12.01 -3.15 32.98
N GLU B 396 -13.04 -2.30 32.81
CA GLU B 396 -13.05 -1.14 31.92
C GLU B 396 -13.26 -1.57 30.47
N GLU B 397 -12.81 -2.78 30.13
CA GLU B 397 -13.24 -3.42 28.89
C GLU B 397 -14.68 -3.92 29.02
N ALA B 398 -14.96 -4.64 30.12
CA ALA B 398 -16.32 -5.06 30.41
C ALA B 398 -17.25 -3.88 30.70
N LYS B 399 -16.69 -2.73 31.09
CA LYS B 399 -17.49 -1.53 31.25
C LYS B 399 -17.98 -1.01 29.89
N ARG B 400 -17.07 -0.93 28.92
CA ARG B 400 -17.46 -0.58 27.55
C ARG B 400 -18.50 -1.55 27.01
N SER B 401 -18.24 -2.86 27.14
CA SER B 401 -19.20 -3.87 26.72
C SER B 401 -20.56 -3.66 27.38
N LEU B 402 -20.57 -3.46 28.71
CA LEU B 402 -21.81 -3.22 29.42
C LEU B 402 -22.54 -2.01 28.86
N HIS B 403 -21.84 -0.88 28.71
CA HIS B 403 -22.42 0.31 28.10
C HIS B 403 -23.20 -0.02 26.84
N ASP B 404 -22.58 -0.76 25.91
CA ASP B 404 -23.27 -1.24 24.72
C ASP B 404 -24.56 -1.97 25.09
N ALA B 405 -24.49 -2.87 26.07
CA ALA B 405 -25.65 -3.63 26.48
C ALA B 405 -26.80 -2.73 26.91
N LEU B 406 -26.56 -1.89 27.92
CA LEU B 406 -27.62 -1.02 28.43
C LEU B 406 -28.25 -0.19 27.33
N CYS B 407 -27.40 0.39 26.46
CA CYS B 407 -27.91 1.21 25.36
C CYS B 407 -28.87 0.41 24.48
N VAL B 408 -28.48 -0.80 24.08
CA VAL B 408 -29.33 -1.64 23.25
C VAL B 408 -30.69 -1.84 23.89
N ILE B 409 -30.70 -2.20 25.18
CA ILE B 409 -31.95 -2.51 25.86
C ILE B 409 -32.86 -1.27 25.89
N ARG B 410 -32.30 -0.12 26.26
CA ARG B 410 -33.08 1.11 26.26
C ARG B 410 -33.73 1.36 24.90
N ASN B 411 -32.94 1.25 23.83
CA ASN B 411 -33.49 1.47 22.48
C ASN B 411 -34.62 0.49 22.18
N LEU B 412 -34.49 -0.76 22.60
CA LEU B 412 -35.56 -1.72 22.38
C LEU B 412 -36.80 -1.37 23.19
N ILE B 413 -36.62 -0.84 24.40
CA ILE B 413 -37.77 -0.45 25.21
C ILE B 413 -38.55 0.66 24.52
N ARG B 414 -37.85 1.65 23.97
CA ARG B 414 -38.51 2.70 23.21
C ARG B 414 -39.24 2.13 22.00
N ASP B 415 -38.49 1.52 21.07
CA ASP B 415 -39.08 0.85 19.93
C ASP B 415 -38.37 -0.48 19.76
N ASN B 416 -39.14 -1.57 19.84
CA ASN B 416 -38.57 -2.92 19.79
C ASN B 416 -38.59 -3.42 18.36
N ARG B 417 -37.55 -3.08 17.60
CA ARG B 417 -37.36 -3.57 16.25
C ARG B 417 -35.86 -3.67 15.98
N VAL B 418 -35.48 -4.66 15.18
CA VAL B 418 -34.07 -4.90 14.87
C VAL B 418 -33.92 -5.19 13.38
N VAL B 419 -32.81 -4.71 12.82
CA VAL B 419 -32.34 -5.13 11.51
C VAL B 419 -30.99 -5.80 11.69
N TYR B 420 -30.65 -6.68 10.76
CA TYR B 420 -29.46 -7.50 10.88
C TYR B 420 -28.26 -6.78 10.31
N GLY B 421 -27.17 -6.79 11.05
CA GLY B 421 -26.00 -5.96 10.78
C GLY B 421 -24.98 -6.62 9.87
N GLY B 422 -23.71 -6.30 10.12
CA GLY B 422 -22.66 -6.74 9.24
C GLY B 422 -22.70 -6.14 7.86
N GLY B 423 -23.37 -4.99 7.70
CA GLY B 423 -23.53 -4.37 6.41
C GLY B 423 -24.70 -4.89 5.60
N ALA B 424 -25.39 -5.92 6.07
CA ALA B 424 -26.53 -6.46 5.32
C ALA B 424 -27.63 -5.43 5.15
N ALA B 425 -28.07 -4.80 6.24
CA ALA B 425 -29.08 -3.76 6.16
C ALA B 425 -28.63 -2.63 5.25
N GLU B 426 -27.35 -2.27 5.31
CA GLU B 426 -26.81 -1.24 4.42
C GLU B 426 -26.97 -1.66 2.96
N ILE B 427 -26.66 -2.91 2.65
CA ILE B 427 -26.76 -3.38 1.26
C ILE B 427 -28.19 -3.32 0.77
N SER B 428 -29.13 -3.90 1.53
CA SER B 428 -30.52 -3.89 1.11
C SER B 428 -31.04 -2.47 0.96
N CYS B 429 -30.69 -1.58 1.90
CA CYS B 429 -31.04 -0.17 1.76
C CYS B 429 -30.51 0.39 0.45
N ALA B 430 -29.28 0.01 0.07
CA ALA B 430 -28.72 0.47 -1.19
C ALA B 430 -29.50 -0.08 -2.38
N LEU B 431 -29.98 -1.33 -2.28
CA LEU B 431 -30.80 -1.89 -3.35
C LEU B 431 -32.07 -1.09 -3.55
N ALA B 432 -32.77 -0.78 -2.46
CA ALA B 432 -34.02 -0.01 -2.58
C ALA B 432 -33.74 1.39 -3.08
N VAL B 433 -32.68 2.03 -2.58
CA VAL B 433 -32.36 3.40 -3.00
C VAL B 433 -32.05 3.43 -4.49
N SER B 434 -31.22 2.50 -4.96
CA SER B 434 -30.91 2.44 -6.39
C SER B 434 -32.16 2.14 -7.21
N GLN B 435 -33.04 1.30 -6.69
CA GLN B 435 -34.28 0.97 -7.40
C GLN B 435 -35.15 2.22 -7.58
N GLU B 436 -35.39 2.95 -6.48
CA GLU B 436 -36.11 4.21 -6.58
C GLU B 436 -35.36 5.22 -7.46
N ALA B 437 -34.04 5.09 -7.56
CA ALA B 437 -33.27 6.00 -8.39
C ALA B 437 -33.47 5.73 -9.87
N ASP B 438 -33.65 4.46 -10.25
CA ASP B 438 -33.90 4.12 -11.65
C ASP B 438 -35.21 4.69 -12.16
N LYS B 439 -36.16 4.96 -11.28
CA LYS B 439 -37.46 5.48 -11.65
C LYS B 439 -37.61 6.98 -11.39
N CYS B 440 -36.52 7.66 -11.01
CA CYS B 440 -36.58 9.08 -10.73
C CYS B 440 -35.86 9.87 -11.82
N PRO B 441 -36.45 10.97 -12.28
CA PRO B 441 -35.81 11.75 -13.35
C PRO B 441 -34.92 12.85 -12.81
N THR B 442 -34.48 13.73 -13.70
CA THR B 442 -33.70 14.93 -13.37
C THR B 442 -32.39 14.57 -12.65
N LEU B 443 -31.86 15.52 -11.88
CA LEU B 443 -30.52 15.36 -11.32
C LEU B 443 -30.51 14.52 -10.05
N GLU B 444 -31.57 14.59 -9.24
CA GLU B 444 -31.62 13.84 -7.99
C GLU B 444 -31.45 12.34 -8.23
N GLN B 445 -31.72 11.87 -9.44
CA GLN B 445 -31.40 10.49 -9.83
C GLN B 445 -29.96 10.14 -9.47
N TYR B 446 -29.01 10.94 -9.97
CA TYR B 446 -27.60 10.64 -9.76
C TYR B 446 -27.21 10.76 -8.29
N ALA B 447 -27.78 11.74 -7.59
CA ALA B 447 -27.50 11.89 -6.16
C ALA B 447 -27.99 10.68 -5.38
N MET B 448 -29.13 10.11 -5.78
CA MET B 448 -29.65 8.92 -5.11
C MET B 448 -28.74 7.73 -5.34
N ARG B 449 -28.34 7.48 -6.59
CA ARG B 449 -27.40 6.40 -6.87
C ARG B 449 -26.10 6.59 -6.09
N ALA B 450 -25.63 7.83 -6.00
CA ALA B 450 -24.47 8.13 -5.16
C ALA B 450 -24.72 7.73 -3.71
N PHE B 451 -25.95 7.96 -3.23
CA PHE B 451 -26.30 7.54 -1.87
C PHE B 451 -26.19 6.03 -1.73
N ALA B 452 -26.64 5.28 -2.75
CA ALA B 452 -26.54 3.83 -2.71
C ALA B 452 -25.08 3.39 -2.59
N ASP B 453 -24.25 3.81 -3.56
CA ASP B 453 -22.84 3.46 -3.53
C ASP B 453 -22.15 3.93 -2.25
N ALA B 454 -22.65 5.01 -1.65
CA ALA B 454 -22.07 5.47 -0.39
C ALA B 454 -22.47 4.56 0.77
N LEU B 455 -23.71 4.07 0.78
CA LEU B 455 -24.11 3.11 1.80
C LEU B 455 -23.30 1.83 1.71
N GLU B 456 -22.93 1.42 0.49
CA GLU B 456 -22.19 0.19 0.29
C GLU B 456 -20.76 0.27 0.80
N VAL B 457 -20.38 1.38 1.45
CA VAL B 457 -19.04 1.48 2.02
C VAL B 457 -18.94 0.66 3.31
N ILE B 458 -20.02 0.64 4.10
CA ILE B 458 -19.98 -0.13 5.36
C ILE B 458 -19.61 -1.58 5.14
N PRO B 459 -20.20 -2.32 4.19
CA PRO B 459 -19.69 -3.67 3.92
C PRO B 459 -18.24 -3.68 3.49
N MET B 460 -17.82 -2.68 2.71
CA MET B 460 -16.44 -2.62 2.25
C MET B 460 -15.49 -2.37 3.41
N ALA B 461 -15.80 -1.40 4.27
CA ALA B 461 -14.98 -1.13 5.43
C ALA B 461 -14.90 -2.35 6.34
N LEU B 462 -16.06 -2.95 6.65
CA LEU B 462 -16.10 -4.17 7.44
C LEU B 462 -15.22 -5.25 6.83
N SER B 463 -15.16 -5.31 5.50
CA SER B 463 -14.32 -6.30 4.83
C SER B 463 -12.84 -5.95 4.99
N GLU B 464 -12.49 -4.67 4.82
CA GLU B 464 -11.09 -4.26 4.94
C GLU B 464 -10.55 -4.55 6.32
N ASN B 465 -11.33 -4.27 7.37
CA ASN B 465 -10.87 -4.46 8.73
C ASN B 465 -10.64 -5.93 9.08
N SER B 466 -11.26 -6.85 8.34
CA SER B 466 -11.07 -8.28 8.56
C SER B 466 -10.11 -8.91 7.57
N GLY B 467 -9.60 -8.14 6.59
CA GLY B 467 -8.60 -8.63 5.67
C GLY B 467 -9.14 -9.16 4.35
N MET B 468 -10.45 -9.17 4.16
CA MET B 468 -11.01 -9.67 2.91
C MET B 468 -10.86 -8.63 1.80
N ASN B 469 -10.94 -9.10 0.57
CA ASN B 469 -10.96 -8.20 -0.58
C ASN B 469 -12.24 -7.38 -0.54
N PRO B 470 -12.15 -6.05 -0.44
CA PRO B 470 -13.36 -5.24 -0.19
C PRO B 470 -14.42 -5.39 -1.26
N ILE B 471 -14.11 -4.95 -2.48
CA ILE B 471 -15.12 -4.92 -3.53
C ILE B 471 -15.56 -6.31 -3.96
N GLN B 472 -14.68 -7.30 -3.83
CA GLN B 472 -15.03 -8.65 -4.27
C GLN B 472 -16.08 -9.27 -3.37
N THR B 473 -15.79 -9.35 -2.07
CA THR B 473 -16.75 -9.90 -1.12
C THR B 473 -18.03 -9.06 -1.07
N MET B 474 -17.87 -7.73 -1.07
CA MET B 474 -19.04 -6.84 -1.08
C MET B 474 -19.94 -7.14 -2.27
N THR B 475 -19.36 -7.24 -3.46
CA THR B 475 -20.16 -7.50 -4.66
C THR B 475 -20.84 -8.87 -4.57
N GLU B 476 -20.08 -9.89 -4.18
CA GLU B 476 -20.65 -11.24 -4.03
C GLU B 476 -21.86 -11.22 -3.10
N VAL B 477 -21.77 -10.48 -2.01
CA VAL B 477 -22.87 -10.45 -1.05
C VAL B 477 -24.06 -9.71 -1.62
N ARG B 478 -23.82 -8.59 -2.32
CA ARG B 478 -24.92 -7.87 -2.95
C ARG B 478 -25.66 -8.76 -3.94
N ALA B 479 -24.92 -9.50 -4.76
CA ALA B 479 -25.53 -10.47 -5.67
C ALA B 479 -26.36 -11.50 -4.89
N ARG B 480 -25.76 -12.09 -3.86
CA ARG B 480 -26.47 -13.08 -3.05
C ARG B 480 -27.64 -12.48 -2.27
N GLN B 481 -27.79 -11.15 -2.25
CA GLN B 481 -28.99 -10.55 -1.69
C GLN B 481 -30.07 -10.33 -2.73
N VAL B 482 -29.68 -9.98 -3.96
CA VAL B 482 -30.66 -9.83 -5.03
C VAL B 482 -31.38 -11.15 -5.28
N LYS B 483 -30.65 -12.16 -5.72
CA LYS B 483 -31.18 -13.52 -5.62
C LYS B 483 -31.17 -13.95 -4.16
N GLU B 484 -31.97 -14.98 -3.86
CA GLU B 484 -32.19 -15.50 -2.51
C GLU B 484 -33.13 -14.62 -1.70
N MET B 485 -33.27 -13.35 -2.10
CA MET B 485 -34.15 -12.37 -1.47
C MET B 485 -34.08 -12.44 0.05
N ASN B 486 -32.86 -12.25 0.55
CA ASN B 486 -32.54 -12.46 1.96
C ASN B 486 -31.74 -11.25 2.44
N PRO B 487 -32.41 -10.24 2.99
CA PRO B 487 -31.71 -9.03 3.41
C PRO B 487 -30.97 -9.17 4.73
N ALA B 488 -30.52 -10.39 5.05
CA ALA B 488 -29.88 -10.65 6.33
C ALA B 488 -28.39 -10.93 6.23
N LEU B 489 -27.91 -11.45 5.11
CA LEU B 489 -26.55 -11.96 5.00
C LEU B 489 -25.57 -10.87 4.56
N GLY B 490 -24.31 -11.05 4.96
CA GLY B 490 -23.26 -10.17 4.50
C GLY B 490 -22.11 -9.98 5.47
N ILE B 491 -20.88 -10.15 4.98
CA ILE B 491 -19.63 -9.93 5.71
C ILE B 491 -19.60 -10.77 6.99
N ASP B 492 -18.76 -11.82 6.99
CA ASP B 492 -18.89 -12.93 7.94
C ASP B 492 -19.25 -12.50 9.37
N CYS B 493 -18.46 -11.66 10.05
CA CYS B 493 -17.23 -11.02 9.59
C CYS B 493 -16.08 -11.69 10.35
N LEU B 494 -16.43 -12.65 11.22
CA LEU B 494 -15.50 -13.25 12.15
C LEU B 494 -14.64 -14.36 11.53
N HIS B 495 -14.61 -14.47 10.21
CA HIS B 495 -13.86 -15.51 9.49
C HIS B 495 -14.34 -16.92 9.82
N LYS B 496 -15.49 -17.05 10.48
CA LYS B 496 -16.03 -18.36 10.85
C LYS B 496 -17.54 -18.29 10.82
N GLY B 497 -18.15 -19.12 9.97
CA GLY B 497 -19.60 -19.13 9.89
C GLY B 497 -20.13 -19.37 8.49
N THR B 498 -21.46 -19.37 8.35
CA THR B 498 -22.12 -19.64 7.08
C THR B 498 -22.52 -18.37 6.34
N ASN B 499 -22.12 -17.20 6.83
CA ASN B 499 -22.34 -15.90 6.21
C ASN B 499 -23.80 -15.48 6.27
N ASP B 500 -24.69 -16.30 6.82
CA ASP B 500 -26.13 -16.01 6.76
C ASP B 500 -26.49 -14.78 7.60
N MET B 501 -25.79 -14.58 8.72
CA MET B 501 -25.91 -13.38 9.55
C MET B 501 -27.27 -13.28 10.23
N LYS B 502 -28.27 -14.01 9.75
CA LYS B 502 -29.44 -14.29 10.59
C LYS B 502 -29.04 -15.22 11.73
N GLN B 503 -28.17 -16.18 11.45
CA GLN B 503 -27.37 -16.82 12.48
C GLN B 503 -26.34 -15.81 12.98
N GLN B 504 -25.49 -16.24 13.92
CA GLN B 504 -24.50 -15.37 14.55
C GLN B 504 -25.16 -14.28 15.38
N HIS B 505 -26.46 -14.06 15.19
CA HIS B 505 -27.24 -13.03 15.86
C HIS B 505 -26.50 -11.70 15.88
N VAL B 506 -26.43 -11.03 14.73
CA VAL B 506 -25.85 -9.71 14.65
C VAL B 506 -26.99 -8.72 14.44
N ILE B 507 -27.34 -8.00 15.50
CA ILE B 507 -28.48 -7.11 15.48
C ILE B 507 -27.99 -5.68 15.74
N GLU B 508 -28.54 -4.73 14.97
CA GLU B 508 -28.21 -3.32 15.13
C GLU B 508 -29.40 -2.50 15.59
N THR B 509 -30.41 -3.16 16.17
CA THR B 509 -31.66 -2.52 16.55
C THR B 509 -32.30 -1.82 15.35
N LEU B 510 -33.16 -0.82 15.59
CA LEU B 510 -33.84 -0.14 14.50
C LEU B 510 -33.63 1.36 14.56
N ILE B 511 -33.84 1.96 15.74
CA ILE B 511 -33.58 3.39 15.89
C ILE B 511 -32.10 3.69 15.67
N GLY B 512 -31.23 2.70 15.94
CA GLY B 512 -29.81 2.91 15.71
C GLY B 512 -29.47 3.19 14.26
N LYS B 513 -30.07 2.42 13.35
CA LYS B 513 -29.80 2.63 11.93
C LYS B 513 -30.51 3.87 11.39
N LYS B 514 -31.78 4.06 11.77
CA LYS B 514 -32.50 5.25 11.31
C LYS B 514 -31.85 6.52 11.83
N GLN B 515 -31.29 6.48 13.05
CA GLN B 515 -30.57 7.64 13.56
C GLN B 515 -29.22 7.81 12.87
N GLN B 516 -28.55 6.70 12.58
CA GLN B 516 -27.27 6.77 11.86
C GLN B 516 -27.46 7.44 10.50
N ILE B 517 -28.45 6.99 9.74
CA ILE B 517 -28.66 7.54 8.40
C ILE B 517 -29.15 8.98 8.49
N SER B 518 -30.08 9.27 9.41
CA SER B 518 -30.57 10.64 9.58
C SER B 518 -29.44 11.59 9.93
N LEU B 519 -28.60 11.22 10.89
CA LEU B 519 -27.49 12.08 11.28
C LEU B 519 -26.49 12.25 10.15
N ALA B 520 -26.19 11.17 9.44
CA ALA B 520 -25.25 11.24 8.32
C ALA B 520 -25.75 12.22 7.25
N THR B 521 -26.99 12.05 6.81
CA THR B 521 -27.55 12.95 5.80
C THR B 521 -27.63 14.38 6.31
N GLN B 522 -27.89 14.56 7.60
CA GLN B 522 -27.90 15.91 8.18
C GLN B 522 -26.51 16.56 8.08
N MET B 523 -25.48 15.84 8.50
CA MET B 523 -24.11 16.34 8.39
C MET B 523 -23.78 16.70 6.95
N VAL B 524 -23.91 15.74 6.04
CA VAL B 524 -23.58 15.97 4.63
C VAL B 524 -24.38 17.14 4.07
N ARG B 525 -25.61 17.33 4.54
CA ARG B 525 -26.37 18.52 4.16
C ARG B 525 -25.61 19.79 4.53
N MET B 526 -25.23 19.92 5.80
CA MET B 526 -24.48 21.09 6.24
C MET B 526 -23.20 21.28 5.43
N ILE B 527 -22.34 20.27 5.42
CA ILE B 527 -21.06 20.37 4.71
C ILE B 527 -21.27 20.78 3.26
N LEU B 528 -22.32 20.24 2.62
CA LEU B 528 -22.59 20.61 1.23
C LEU B 528 -23.04 22.07 1.11
N LYS B 529 -23.69 22.62 2.12
CA LYS B 529 -24.16 24.00 2.06
C LYS B 529 -23.17 25.00 2.64
N ILE B 530 -22.23 24.55 3.47
CA ILE B 530 -21.26 25.46 4.07
C ILE B 530 -20.35 26.03 3.00
N ASP B 531 -20.12 27.34 3.06
CA ASP B 531 -19.10 28.00 2.27
C ASP B 531 -18.66 29.24 3.04
N ASP B 532 -17.63 29.89 2.49
CA ASP B 532 -17.11 31.18 2.97
C ASP B 532 -16.24 31.06 4.23
N ILE B 533 -16.57 30.11 5.11
CA ILE B 533 -15.92 29.90 6.41
C ILE B 533 -15.44 31.22 7.01
N ARG B 534 -16.38 32.02 7.54
CA ARG B 534 -16.07 33.36 8.02
C ARG B 534 -14.98 33.36 9.09
N LYS B 535 -15.39 33.22 10.36
CA LYS B 535 -14.52 33.20 11.53
C LYS B 535 -13.86 34.57 11.75
N PRO B 536 -13.68 35.00 13.00
CA PRO B 536 -12.93 36.24 13.26
C PRO B 536 -11.44 36.05 13.00
N LEU C 31 2.27 2.44 -8.52
CA LEU C 31 0.94 2.62 -9.08
C LEU C 31 0.73 4.03 -9.59
N GLU C 32 1.36 5.00 -8.92
CA GLU C 32 1.12 6.40 -9.23
C GLU C 32 1.52 6.76 -10.65
N ALA C 33 2.39 5.98 -11.28
CA ALA C 33 2.70 6.19 -12.70
C ALA C 33 1.42 6.15 -13.54
N LEU C 34 0.54 5.20 -13.25
CA LEU C 34 -0.73 5.10 -13.98
C LEU C 34 -1.56 6.37 -13.81
N LYS C 35 -1.75 6.81 -12.57
CA LYS C 35 -2.53 8.03 -12.33
C LYS C 35 -1.91 9.23 -13.02
N SER C 36 -0.58 9.30 -13.07
CA SER C 36 0.09 10.36 -13.83
C SER C 36 -0.32 10.32 -15.30
N HIS C 37 -0.35 9.12 -15.88
CA HIS C 37 -0.80 8.98 -17.26
C HIS C 37 -2.25 9.42 -17.41
N ILE C 38 -3.11 9.02 -16.47
CA ILE C 38 -4.52 9.43 -16.49
C ILE C 38 -4.62 10.94 -16.58
N MET C 39 -4.05 11.65 -15.61
CA MET C 39 -4.13 13.11 -15.58
C MET C 39 -3.53 13.74 -16.83
N ALA C 40 -2.38 13.24 -17.27
CA ALA C 40 -1.70 13.83 -18.42
C ALA C 40 -2.55 13.71 -19.68
N ALA C 41 -3.22 12.57 -19.86
CA ALA C 41 -4.04 12.38 -21.05
C ALA C 41 -5.35 13.15 -20.97
N LYS C 42 -6.03 13.09 -19.81
CA LYS C 42 -7.24 13.87 -19.65
C LYS C 42 -6.98 15.37 -19.78
N ALA C 43 -5.73 15.80 -19.63
CA ALA C 43 -5.38 17.19 -19.93
C ALA C 43 -5.55 17.47 -21.43
N VAL C 44 -5.06 16.57 -22.28
CA VAL C 44 -5.26 16.72 -23.72
C VAL C 44 -6.75 16.71 -24.05
N ALA C 45 -7.47 15.72 -23.51
CA ALA C 45 -8.91 15.63 -23.78
C ALA C 45 -9.62 16.89 -23.34
N ASN C 46 -9.30 17.40 -22.14
CA ASN C 46 -9.94 18.62 -21.67
C ASN C 46 -9.53 19.83 -22.52
N THR C 47 -8.38 19.77 -23.18
CA THR C 47 -8.00 20.85 -24.09
C THR C 47 -8.93 20.89 -25.30
N MET C 48 -9.12 19.75 -25.96
CA MET C 48 -9.94 19.67 -27.17
C MET C 48 -11.39 19.32 -26.88
N ARG C 49 -11.82 19.39 -25.61
CA ARG C 49 -13.22 19.15 -25.29
C ARG C 49 -14.11 20.31 -25.72
N THR C 50 -13.56 21.51 -25.87
CA THR C 50 -14.33 22.66 -26.33
C THR C 50 -14.44 22.72 -27.85
N SER C 51 -13.51 22.09 -28.57
CA SER C 51 -13.51 22.13 -30.03
C SER C 51 -14.39 21.06 -30.66
N LEU C 52 -15.07 20.26 -29.85
CA LEU C 52 -15.94 19.21 -30.38
C LEU C 52 -17.23 19.82 -30.93
N GLY C 53 -17.74 19.21 -32.00
CA GLY C 53 -18.99 19.62 -32.57
C GLY C 53 -18.85 20.81 -33.50
N PRO C 54 -19.99 21.32 -33.99
CA PRO C 54 -19.96 22.46 -34.92
C PRO C 54 -19.63 23.78 -34.25
N ASN C 55 -19.68 23.86 -32.93
CA ASN C 55 -19.38 25.08 -32.20
C ASN C 55 -17.94 25.14 -31.70
N GLY C 56 -17.04 24.39 -32.35
CA GLY C 56 -15.63 24.37 -31.99
C GLY C 56 -14.99 25.74 -31.90
N LEU C 57 -13.82 25.82 -31.27
CA LEU C 57 -13.23 27.11 -30.96
C LEU C 57 -11.92 27.36 -31.69
N ASP C 58 -11.65 26.58 -32.74
CA ASP C 58 -10.78 26.95 -33.86
C ASP C 58 -9.28 26.79 -33.65
N LYS C 59 -8.77 27.08 -32.44
CA LYS C 59 -7.35 26.88 -32.13
C LYS C 59 -6.40 27.48 -33.16
N MET C 60 -5.96 28.73 -32.94
CA MET C 60 -4.95 29.39 -33.77
C MET C 60 -3.80 28.46 -34.15
N MET C 61 -2.89 28.23 -33.21
CA MET C 61 -1.76 27.33 -33.40
C MET C 61 -0.83 27.79 -34.53
N VAL C 62 0.11 28.67 -34.22
CA VAL C 62 1.18 28.96 -35.17
C VAL C 62 2.20 27.82 -35.13
N ASP C 63 3.04 27.75 -36.16
CA ASP C 63 4.02 26.68 -36.26
C ASP C 63 5.31 27.22 -36.82
N LYS C 64 6.42 26.87 -36.17
CA LYS C 64 7.77 27.16 -36.66
C LYS C 64 7.91 28.63 -37.03
N ASP C 65 8.57 28.91 -38.16
CA ASP C 65 8.75 30.26 -38.64
C ASP C 65 7.71 30.63 -39.69
N GLY C 66 6.72 29.78 -39.90
CA GLY C 66 5.76 29.90 -41.00
C GLY C 66 4.47 30.59 -40.59
N ASP C 67 3.41 30.26 -41.31
CA ASP C 67 2.12 30.95 -41.19
C ASP C 67 1.27 30.28 -40.10
N VAL C 68 -0.03 30.57 -40.10
CA VAL C 68 -0.96 30.06 -39.12
C VAL C 68 -1.98 29.16 -39.82
N THR C 69 -2.64 28.32 -39.03
CA THR C 69 -3.69 27.43 -39.53
C THR C 69 -4.80 27.35 -38.50
N VAL C 70 -5.94 27.97 -38.79
CA VAL C 70 -7.04 28.10 -37.85
C VAL C 70 -8.16 27.15 -38.25
N THR C 71 -8.34 26.06 -37.48
CA THR C 71 -9.41 25.11 -37.68
C THR C 71 -9.78 24.46 -36.36
N ASN C 72 -11.08 24.32 -36.10
CA ASN C 72 -11.50 23.32 -35.13
C ASN C 72 -11.25 21.96 -35.75
N ASP C 73 -12.06 20.95 -35.44
CA ASP C 73 -11.84 19.60 -35.97
C ASP C 73 -10.43 19.15 -35.65
N GLY C 74 -10.26 18.54 -34.47
CA GLY C 74 -8.95 18.24 -33.93
C GLY C 74 -8.00 17.47 -34.82
N ALA C 75 -8.48 17.00 -35.98
CA ALA C 75 -7.60 16.27 -36.90
C ALA C 75 -6.33 17.05 -37.22
N THR C 76 -6.45 18.37 -37.38
CA THR C 76 -5.29 19.22 -37.58
C THR C 76 -4.64 19.66 -36.27
N ILE C 77 -5.36 19.56 -35.15
CA ILE C 77 -4.81 19.98 -33.88
C ILE C 77 -3.86 18.93 -33.31
N LEU C 78 -4.19 17.64 -33.46
CA LEU C 78 -3.26 16.60 -33.05
C LEU C 78 -1.98 16.63 -33.88
N SER C 79 -2.06 17.02 -35.15
CA SER C 79 -0.87 17.14 -35.99
C SER C 79 0.04 18.28 -35.55
N MET C 80 -0.38 19.10 -34.58
CA MET C 80 0.45 20.19 -34.10
C MET C 80 0.53 20.13 -32.58
N MET C 81 0.42 21.28 -31.92
CA MET C 81 0.46 21.43 -30.45
C MET C 81 1.87 21.04 -29.97
N ASP C 82 1.98 20.24 -28.92
CA ASP C 82 3.23 19.97 -28.23
C ASP C 82 3.35 18.47 -27.96
N VAL C 83 4.49 17.90 -28.34
CA VAL C 83 4.85 16.53 -27.96
C VAL C 83 5.55 16.64 -26.61
N ASP C 84 4.79 16.46 -25.53
CA ASP C 84 5.29 16.71 -24.19
C ASP C 84 5.52 15.42 -23.43
N HIS C 85 4.44 14.82 -22.93
CA HIS C 85 4.50 13.55 -22.23
C HIS C 85 4.33 12.42 -23.24
N GLN C 86 5.05 11.31 -23.01
CA GLN C 86 4.92 10.16 -23.88
C GLN C 86 3.49 9.64 -23.96
N ILE C 87 2.66 9.98 -22.98
CA ILE C 87 1.25 9.62 -23.02
C ILE C 87 0.47 10.60 -23.91
N ALA C 88 0.85 11.88 -23.91
CA ALA C 88 0.27 12.83 -24.86
C ALA C 88 0.76 12.54 -26.27
N LYS C 89 2.05 12.23 -26.42
CA LYS C 89 2.55 11.74 -27.70
C LYS C 89 1.73 10.54 -28.17
N LEU C 90 1.66 9.51 -27.32
CA LEU C 90 0.84 8.34 -27.64
C LEU C 90 -0.61 8.72 -27.95
N MET C 91 -1.11 9.77 -27.30
CA MET C 91 -2.44 10.29 -27.65
C MET C 91 -2.50 10.68 -29.12
N VAL C 92 -1.42 11.27 -29.64
CA VAL C 92 -1.29 11.54 -31.06
C VAL C 92 -0.87 10.24 -31.74
N GLU C 93 -0.79 10.25 -33.07
CA GLU C 93 -0.34 9.15 -33.94
C GLU C 93 -1.09 7.83 -33.72
N LEU C 94 -1.72 7.66 -32.57
CA LEU C 94 -2.85 6.73 -32.48
C LEU C 94 -4.14 7.40 -32.93
N SER C 95 -4.27 8.70 -32.65
CA SER C 95 -5.38 9.51 -33.14
C SER C 95 -5.13 10.06 -34.53
N LYS C 96 -3.87 10.26 -34.91
CA LYS C 96 -3.55 10.81 -36.22
C LYS C 96 -3.90 9.82 -37.32
N SER C 97 -3.06 8.81 -37.51
CA SER C 97 -3.21 7.89 -38.65
C SER C 97 -3.97 6.65 -38.21
N GLN C 98 -5.27 6.81 -38.03
CA GLN C 98 -6.18 5.67 -37.94
C GLN C 98 -7.59 6.13 -38.28
N ASP C 99 -8.13 7.07 -37.51
CA ASP C 99 -9.44 7.62 -37.85
C ASP C 99 -9.33 8.69 -38.92
N ASP C 100 -8.35 9.60 -38.80
CA ASP C 100 -8.20 10.65 -39.80
C ASP C 100 -7.86 10.08 -41.18
N GLU C 101 -7.22 8.93 -41.24
CA GLU C 101 -6.85 8.31 -42.49
C GLU C 101 -7.82 7.21 -42.92
N ILE C 102 -8.82 6.91 -42.10
CA ILE C 102 -9.87 5.96 -42.50
C ILE C 102 -11.22 6.66 -42.45
N GLY C 103 -11.66 7.04 -41.25
CA GLY C 103 -12.88 7.81 -41.10
C GLY C 103 -12.63 9.30 -41.24
N ASP C 104 -13.42 10.09 -40.54
CA ASP C 104 -13.19 11.54 -40.48
C ASP C 104 -13.17 12.07 -39.06
N GLY C 105 -14.04 11.55 -38.19
CA GLY C 105 -14.11 12.01 -36.82
C GLY C 105 -12.84 11.72 -36.05
N THR C 106 -12.28 12.74 -35.41
CA THR C 106 -11.03 12.60 -34.67
C THR C 106 -11.17 13.18 -33.27
N THR C 107 -11.72 14.39 -33.18
CA THR C 107 -11.87 15.06 -31.89
C THR C 107 -12.72 14.26 -30.91
N GLY C 108 -13.58 13.38 -31.41
CA GLY C 108 -14.38 12.53 -30.54
C GLY C 108 -13.60 11.40 -29.90
N VAL C 109 -12.64 10.85 -30.66
CA VAL C 109 -11.84 9.73 -30.15
C VAL C 109 -11.10 10.15 -28.89
N VAL C 110 -10.44 11.31 -28.93
CA VAL C 110 -9.59 11.72 -27.82
C VAL C 110 -10.43 12.08 -26.59
N VAL C 111 -11.60 12.70 -26.80
CA VAL C 111 -12.49 12.99 -25.68
C VAL C 111 -13.01 11.70 -25.05
N LEU C 112 -13.33 10.71 -25.89
CA LEU C 112 -13.77 9.42 -25.38
C LEU C 112 -12.68 8.79 -24.52
N ALA C 113 -11.45 8.75 -25.03
CA ALA C 113 -10.35 8.19 -24.26
C ALA C 113 -10.15 8.95 -22.95
N GLY C 114 -10.18 10.28 -23.01
CA GLY C 114 -10.00 11.07 -21.80
C GLY C 114 -11.04 10.78 -20.74
N ALA C 115 -12.31 10.71 -21.15
CA ALA C 115 -13.37 10.36 -20.21
C ALA C 115 -13.19 8.96 -19.66
N LEU C 116 -12.84 8.00 -20.53
CA LEU C 116 -12.59 6.64 -20.09
C LEU C 116 -11.52 6.59 -19.00
N LEU C 117 -10.49 7.43 -19.12
CA LEU C 117 -9.46 7.48 -18.09
C LEU C 117 -9.93 8.23 -16.85
N GLU C 118 -10.78 9.26 -17.02
CA GLU C 118 -11.33 9.96 -15.87
C GLU C 118 -12.11 9.01 -14.98
N GLU C 119 -12.93 8.14 -15.59
CA GLU C 119 -13.66 7.14 -14.81
C GLU C 119 -12.72 6.03 -14.34
N ALA C 120 -11.73 5.68 -15.16
CA ALA C 120 -10.78 4.64 -14.77
C ALA C 120 -10.01 5.03 -13.51
N GLU C 121 -9.82 6.33 -13.27
CA GLU C 121 -9.21 6.76 -12.03
C GLU C 121 -10.09 6.41 -10.84
N GLN C 122 -11.40 6.69 -10.94
CA GLN C 122 -12.32 6.31 -9.88
C GLN C 122 -12.28 4.80 -9.63
N LEU C 123 -12.22 4.01 -10.70
CA LEU C 123 -12.19 2.56 -10.54
C LEU C 123 -10.85 2.09 -9.98
N LEU C 124 -9.77 2.84 -10.21
CA LEU C 124 -8.50 2.52 -9.56
C LEU C 124 -8.54 2.81 -8.07
N ASP C 125 -9.20 3.90 -7.68
CA ASP C 125 -9.35 4.22 -6.26
C ASP C 125 -10.09 3.11 -5.52
N ARG C 126 -11.04 2.45 -6.19
CA ARG C 126 -11.77 1.35 -5.57
C ARG C 126 -10.91 0.13 -5.32
N GLY C 127 -9.72 0.06 -5.90
CA GLY C 127 -8.84 -1.08 -5.72
C GLY C 127 -8.90 -2.12 -6.82
N ILE C 128 -9.40 -1.76 -8.00
CA ILE C 128 -9.50 -2.69 -9.12
C ILE C 128 -8.21 -2.62 -9.92
N HIS C 129 -7.70 -3.79 -10.32
CA HIS C 129 -6.45 -3.84 -11.07
C HIS C 129 -6.66 -3.32 -12.49
N PRO C 130 -5.70 -2.59 -13.04
CA PRO C 130 -5.91 -2.00 -14.38
C PRO C 130 -6.19 -3.04 -15.47
N ILE C 131 -5.59 -4.23 -15.38
CA ILE C 131 -5.87 -5.27 -16.37
C ILE C 131 -7.34 -5.62 -16.38
N ARG C 132 -8.00 -5.57 -15.22
CA ARG C 132 -9.42 -5.87 -15.15
C ARG C 132 -10.25 -4.76 -15.77
N ILE C 133 -9.84 -3.51 -15.58
CA ILE C 133 -10.55 -2.40 -16.20
C ILE C 133 -10.36 -2.40 -17.70
N ALA C 134 -9.19 -2.84 -18.18
CA ALA C 134 -8.97 -2.94 -19.62
C ALA C 134 -9.85 -4.03 -20.24
N ASP C 135 -9.89 -5.21 -19.63
CA ASP C 135 -10.73 -6.28 -20.14
C ASP C 135 -12.20 -5.91 -20.06
N GLY C 136 -12.61 -5.25 -18.97
CA GLY C 136 -13.98 -4.78 -18.87
C GLY C 136 -14.32 -3.74 -19.93
N TYR C 137 -13.41 -2.79 -20.17
CA TYR C 137 -13.62 -1.82 -21.23
C TYR C 137 -13.74 -2.49 -22.59
N GLU C 138 -12.96 -3.55 -22.82
CA GLU C 138 -13.08 -4.29 -24.07
C GLU C 138 -14.46 -4.93 -24.22
N GLN C 139 -14.91 -5.64 -23.17
CA GLN C 139 -16.22 -6.29 -23.22
C GLN C 139 -17.32 -5.27 -23.46
N ALA C 140 -17.28 -4.15 -22.74
CA ALA C 140 -18.27 -3.10 -22.93
C ALA C 140 -18.23 -2.55 -24.35
N ALA C 141 -17.03 -2.28 -24.86
CA ALA C 141 -16.90 -1.77 -26.23
C ALA C 141 -17.51 -2.73 -27.24
N ARG C 142 -17.33 -4.04 -27.03
CA ARG C 142 -17.95 -5.03 -27.91
C ARG C 142 -19.46 -4.86 -27.93
N VAL C 143 -20.08 -4.73 -26.76
CA VAL C 143 -21.53 -4.53 -26.69
C VAL C 143 -21.94 -3.30 -27.48
N ALA C 144 -21.24 -2.19 -27.27
CA ALA C 144 -21.57 -0.95 -27.98
C ALA C 144 -21.51 -1.15 -29.49
N ILE C 145 -20.40 -1.71 -29.98
CA ILE C 145 -20.23 -1.93 -31.42
C ILE C 145 -21.37 -2.78 -31.98
N GLU C 146 -21.73 -3.84 -31.27
CA GLU C 146 -22.82 -4.70 -31.73
C GLU C 146 -24.15 -3.97 -31.74
N ARG C 147 -24.34 -3.01 -30.83
CA ARG C 147 -25.58 -2.24 -30.82
C ARG C 147 -25.65 -1.28 -32.00
N LEU C 148 -24.49 -0.79 -32.46
CA LEU C 148 -24.47 0.11 -33.62
C LEU C 148 -25.15 -0.52 -34.82
N ASP C 149 -24.93 -1.82 -35.04
CA ASP C 149 -25.61 -2.51 -36.13
C ASP C 149 -27.13 -2.47 -35.94
N LYS C 150 -27.60 -2.47 -34.70
CA LYS C 150 -29.04 -2.41 -34.45
C LYS C 150 -29.63 -1.05 -34.80
N ILE C 151 -28.86 0.03 -34.62
CA ILE C 151 -29.32 1.38 -34.94
C ILE C 151 -29.17 1.70 -36.43
N SER C 152 -28.43 0.88 -37.17
CA SER C 152 -28.01 1.25 -38.52
C SER C 152 -29.20 1.48 -39.44
N ASP C 153 -29.02 2.42 -40.37
CA ASP C 153 -29.95 2.67 -41.46
C ASP C 153 -29.19 2.55 -42.78
N SER C 154 -29.70 1.71 -43.69
CA SER C 154 -29.01 1.45 -44.94
C SER C 154 -29.23 2.59 -45.93
N VAL C 155 -28.27 2.75 -46.84
CA VAL C 155 -28.36 3.70 -47.95
C VAL C 155 -27.86 3.00 -49.20
N LEU C 156 -28.62 3.10 -50.28
CA LEU C 156 -28.28 2.41 -51.52
C LEU C 156 -27.14 3.11 -52.24
N VAL C 157 -26.56 2.41 -53.22
CA VAL C 157 -25.41 2.88 -53.95
C VAL C 157 -25.68 2.72 -55.45
N ASP C 158 -24.72 3.21 -56.25
CA ASP C 158 -24.63 3.03 -57.69
C ASP C 158 -25.54 3.98 -58.48
N ILE C 159 -26.53 4.58 -57.81
CA ILE C 159 -27.41 5.58 -58.42
C ILE C 159 -27.80 6.59 -57.35
N LYS C 160 -27.28 7.82 -57.48
CA LYS C 160 -27.63 8.93 -56.60
C LYS C 160 -27.69 8.50 -55.13
N ASP C 161 -28.66 9.02 -54.38
CA ASP C 161 -28.86 8.66 -52.98
C ASP C 161 -27.68 9.11 -52.12
N THR C 162 -26.47 9.03 -52.67
CA THR C 162 -25.30 9.62 -52.01
C THR C 162 -25.24 11.12 -52.25
N GLU C 163 -25.57 11.57 -53.47
CA GLU C 163 -25.63 12.98 -53.81
C GLU C 163 -26.45 13.76 -52.78
N PRO C 164 -27.71 13.40 -52.49
CA PRO C 164 -28.44 14.14 -51.45
C PRO C 164 -27.90 13.90 -50.04
N LEU C 165 -26.96 12.98 -49.87
CA LEU C 165 -26.43 12.63 -48.57
C LEU C 165 -25.20 13.44 -48.18
N ILE C 166 -24.55 14.12 -49.14
CA ILE C 166 -23.34 14.88 -48.85
C ILE C 166 -23.60 16.35 -48.58
N GLN C 167 -24.81 16.86 -48.87
CA GLN C 167 -25.15 18.24 -48.53
C GLN C 167 -24.96 18.51 -47.04
N THR C 168 -24.86 17.45 -46.23
CA THR C 168 -24.69 17.58 -44.79
C THR C 168 -23.24 17.85 -44.40
N ALA C 169 -22.28 17.53 -45.26
CA ALA C 169 -20.87 17.57 -44.89
C ALA C 169 -20.28 18.97 -44.83
N LYS C 170 -21.00 19.99 -45.30
CA LYS C 170 -20.48 21.35 -45.30
C LYS C 170 -21.35 22.26 -44.43
N SER C 180 -25.51 28.52 -52.00
CA SER C 180 -25.69 27.21 -52.63
C SER C 180 -24.36 26.58 -53.00
N CYS C 181 -23.38 26.66 -52.09
CA CYS C 181 -22.07 26.09 -52.31
C CYS C 181 -22.00 24.60 -51.99
N HIS C 182 -23.15 23.97 -51.73
CA HIS C 182 -23.19 22.56 -51.36
C HIS C 182 -23.71 21.66 -52.47
N ARG C 183 -24.16 22.22 -53.59
CA ARG C 183 -24.77 21.41 -54.63
C ARG C 183 -23.74 20.58 -55.39
N GLN C 184 -22.68 21.23 -55.88
CA GLN C 184 -21.75 20.54 -56.76
C GLN C 184 -20.70 19.72 -56.02
N MET C 185 -20.41 20.07 -54.76
CA MET C 185 -19.43 19.32 -53.99
C MET C 185 -19.82 17.84 -53.89
N ALA C 186 -21.07 17.59 -53.51
CA ALA C 186 -21.57 16.22 -53.48
C ALA C 186 -21.35 15.53 -54.82
N GLU C 187 -21.65 16.23 -55.91
CA GLU C 187 -21.51 15.64 -57.25
C GLU C 187 -20.07 15.26 -57.53
N ILE C 188 -19.16 16.24 -57.51
CA ILE C 188 -17.77 16.00 -57.91
C ILE C 188 -17.13 14.94 -57.03
N ALA C 189 -17.43 14.95 -55.72
CA ALA C 189 -16.92 13.90 -54.85
C ALA C 189 -17.49 12.54 -55.24
N VAL C 190 -18.79 12.50 -55.57
CA VAL C 190 -19.42 11.23 -55.96
C VAL C 190 -18.70 10.61 -57.15
N ASN C 191 -18.60 11.36 -58.25
CA ASN C 191 -17.90 10.82 -59.41
C ASN C 191 -16.41 10.63 -59.15
N ALA C 192 -15.84 11.36 -58.19
CA ALA C 192 -14.42 11.16 -57.88
C ALA C 192 -14.17 9.77 -57.31
N VAL C 193 -15.00 9.34 -56.36
CA VAL C 193 -14.82 8.02 -55.78
C VAL C 193 -15.46 6.94 -56.66
N LEU C 194 -16.46 7.31 -57.47
CA LEU C 194 -17.05 6.32 -58.35
C LEU C 194 -16.09 5.93 -59.47
N THR C 195 -15.38 6.90 -60.04
CA THR C 195 -14.41 6.59 -61.09
C THR C 195 -13.30 5.70 -60.56
N VAL C 196 -12.88 5.91 -59.32
CA VAL C 196 -11.78 5.17 -58.72
C VAL C 196 -12.34 4.38 -57.54
N ALA C 197 -12.66 3.10 -57.76
CA ALA C 197 -13.15 2.22 -56.71
C ALA C 197 -13.04 0.79 -57.20
N ASP C 198 -12.94 -0.15 -56.26
CA ASP C 198 -12.91 -1.57 -56.61
C ASP C 198 -14.26 -2.01 -57.16
N MET C 199 -15.33 -1.78 -56.38
CA MET C 199 -16.71 -1.83 -56.84
C MET C 199 -17.24 -3.25 -57.07
N GLU C 200 -16.37 -4.22 -57.37
CA GLU C 200 -16.81 -5.62 -57.51
C GLU C 200 -15.75 -6.57 -56.96
N ARG C 201 -15.72 -6.73 -55.64
CA ARG C 201 -16.44 -5.87 -54.71
C ARG C 201 -15.43 -5.31 -53.71
N ARG C 202 -15.41 -5.89 -52.51
CA ARG C 202 -14.45 -5.59 -51.42
C ARG C 202 -14.38 -4.10 -51.09
N ASP C 203 -14.61 -3.23 -52.06
CA ASP C 203 -14.99 -1.83 -51.85
C ASP C 203 -13.97 -1.10 -50.98
N VAL C 204 -12.82 -0.79 -51.57
CA VAL C 204 -11.74 -0.05 -50.92
C VAL C 204 -10.93 0.72 -51.96
N ASP C 205 -10.66 2.00 -51.72
CA ASP C 205 -9.72 2.73 -52.56
C ASP C 205 -9.37 4.07 -51.93
N PHE C 206 -8.10 4.45 -52.07
CA PHE C 206 -7.47 5.66 -51.52
C PHE C 206 -5.98 5.27 -51.59
N GLU C 207 -5.08 6.13 -52.07
CA GLU C 207 -5.32 7.53 -52.38
C GLU C 207 -4.90 7.99 -53.79
N LEU C 208 -5.90 8.40 -54.55
CA LEU C 208 -5.68 9.04 -55.84
C LEU C 208 -6.22 10.45 -55.91
N ILE C 209 -6.80 10.96 -54.81
CA ILE C 209 -7.53 12.22 -54.80
C ILE C 209 -6.71 13.27 -54.06
N LYS C 210 -6.54 14.43 -54.68
CA LYS C 210 -6.04 15.62 -54.02
C LYS C 210 -6.67 16.83 -54.72
N VAL C 211 -6.34 18.02 -54.22
CA VAL C 211 -6.87 19.26 -54.77
C VAL C 211 -5.74 20.27 -54.87
N GLU C 212 -5.71 21.01 -55.98
CA GLU C 212 -4.80 22.14 -56.16
C GLU C 212 -5.63 23.41 -56.13
N GLY C 213 -5.37 24.26 -55.12
CA GLY C 213 -6.09 25.50 -54.95
C GLY C 213 -5.85 26.50 -56.07
N ARG C 218 -14.12 31.65 -58.74
CA ARG C 218 -15.14 31.29 -57.78
C ARG C 218 -15.30 29.77 -57.67
N LEU C 219 -15.97 29.32 -56.60
CA LEU C 219 -16.25 27.90 -56.46
C LEU C 219 -17.13 27.39 -57.58
N GLU C 220 -17.97 28.26 -58.16
CA GLU C 220 -18.76 27.87 -59.31
C GLU C 220 -17.88 27.51 -60.50
N ASP C 221 -16.63 27.95 -60.50
CA ASP C 221 -15.68 27.62 -61.55
C ASP C 221 -14.86 26.37 -61.22
N THR C 222 -15.12 25.73 -60.09
CA THR C 222 -14.48 24.46 -59.78
C THR C 222 -14.78 23.45 -60.88
N LYS C 223 -13.75 22.76 -61.36
CA LYS C 223 -13.85 21.96 -62.55
C LYS C 223 -13.83 20.47 -62.22
N LEU C 224 -14.55 19.69 -63.04
CA LEU C 224 -14.39 18.25 -63.02
C LEU C 224 -12.99 17.89 -63.52
N ILE C 225 -12.64 16.62 -63.41
CA ILE C 225 -11.24 16.21 -63.46
C ILE C 225 -11.10 14.95 -64.29
N LYS C 226 -10.00 14.86 -65.03
CA LYS C 226 -9.70 13.73 -65.90
C LYS C 226 -8.45 12.98 -65.48
N GLY C 227 -7.69 13.47 -64.52
CA GLY C 227 -6.49 12.79 -64.08
C GLY C 227 -5.78 13.60 -63.03
N VAL C 228 -4.57 13.16 -62.70
CA VAL C 228 -3.74 13.92 -61.76
C VAL C 228 -3.00 15.02 -62.53
N ILE C 229 -2.82 16.16 -61.87
CA ILE C 229 -2.41 17.39 -62.54
C ILE C 229 -1.32 18.08 -61.73
N VAL C 230 -0.48 18.85 -62.44
CA VAL C 230 0.74 19.40 -61.88
C VAL C 230 0.78 20.89 -62.20
N ASP C 231 1.76 21.59 -61.64
CA ASP C 231 2.01 22.99 -61.94
C ASP C 231 3.36 23.13 -62.65
N LYS C 232 3.93 24.33 -62.62
CA LYS C 232 5.20 24.64 -63.25
C LYS C 232 5.13 24.48 -64.76
N ASP C 233 6.26 24.18 -65.40
CA ASP C 233 6.33 24.09 -66.85
C ASP C 233 7.40 23.09 -67.22
N PHE C 234 7.41 22.68 -68.49
CA PHE C 234 8.50 21.82 -68.93
C PHE C 234 9.81 22.58 -69.12
N SER C 235 9.84 23.88 -68.80
CA SER C 235 11.02 24.74 -68.92
C SER C 235 11.44 24.98 -70.37
N HIS C 236 11.21 26.22 -70.87
CA HIS C 236 11.57 26.77 -72.19
C HIS C 236 10.50 26.46 -73.24
N PRO C 237 9.48 27.33 -73.41
CA PRO C 237 8.31 26.97 -74.23
C PRO C 237 8.59 26.62 -75.69
N GLN C 238 9.85 26.68 -76.12
CA GLN C 238 10.20 26.16 -77.45
C GLN C 238 9.93 24.67 -77.54
N MET C 239 9.69 24.02 -76.42
CA MET C 239 9.54 22.58 -76.38
C MET C 239 8.14 22.21 -76.86
N PRO C 240 7.93 20.95 -77.24
CA PRO C 240 6.59 20.56 -77.67
C PRO C 240 5.64 20.42 -76.48
N LYS C 241 4.40 20.87 -76.68
CA LYS C 241 3.37 20.77 -75.65
C LYS C 241 2.52 19.51 -75.79
N LYS C 242 2.68 18.76 -76.88
CA LYS C 242 1.96 17.51 -77.11
C LYS C 242 2.94 16.36 -76.96
N VAL C 243 2.93 15.72 -75.79
CA VAL C 243 3.83 14.61 -75.49
C VAL C 243 3.06 13.29 -75.48
N GLU C 244 1.95 13.21 -76.23
CA GLU C 244 1.07 12.05 -76.16
C GLU C 244 1.84 10.75 -76.33
N ASP C 245 1.37 9.72 -75.64
CA ASP C 245 2.09 8.44 -75.53
C ASP C 245 3.44 8.66 -74.87
N ALA C 246 3.43 9.36 -73.75
CA ALA C 246 4.67 9.75 -73.09
C ALA C 246 5.24 8.63 -72.24
N LYS C 247 6.56 8.44 -72.34
CA LYS C 247 7.29 7.54 -71.47
C LYS C 247 8.06 8.39 -70.46
N ILE C 248 7.61 8.35 -69.21
CA ILE C 248 8.08 9.27 -68.18
C ILE C 248 9.32 8.69 -67.51
N ALA C 249 10.38 9.47 -67.45
CA ALA C 249 11.65 9.05 -66.83
C ALA C 249 11.82 9.84 -65.54
N ILE C 250 11.59 9.17 -64.42
CA ILE C 250 11.63 9.81 -63.10
C ILE C 250 13.03 9.68 -62.55
N LEU C 251 13.70 10.82 -62.37
CA LEU C 251 15.09 10.86 -61.92
C LEU C 251 15.22 11.80 -60.75
N THR C 252 15.58 11.26 -59.59
CA THR C 252 15.91 12.07 -58.42
C THR C 252 17.38 12.47 -58.39
N CYS C 253 18.13 12.19 -59.45
CA CYS C 253 19.56 12.36 -59.50
C CYS C 253 19.92 13.76 -59.98
N PRO C 254 21.12 14.24 -59.65
CA PRO C 254 21.64 15.45 -60.27
C PRO C 254 22.32 15.13 -61.60
N PHE C 255 22.45 16.17 -62.41
CA PHE C 255 23.08 16.07 -63.73
C PHE C 255 24.39 16.85 -63.69
N GLU C 256 25.48 16.15 -63.44
CA GLU C 256 26.80 16.75 -63.33
C GLU C 256 27.82 15.77 -63.88
N PRO C 257 28.87 16.26 -64.55
CA PRO C 257 29.87 15.37 -65.09
C PRO C 257 30.54 14.56 -63.96
N PRO C 258 30.91 13.31 -64.25
CA PRO C 258 31.46 12.47 -63.18
C PRO C 258 32.86 12.89 -62.75
N LYS C 259 32.94 13.68 -61.69
CA LYS C 259 34.22 14.10 -61.15
C LYS C 259 34.97 12.90 -60.60
N PRO C 260 36.18 12.61 -61.08
CA PRO C 260 36.94 11.48 -60.55
C PRO C 260 37.43 11.77 -59.14
N LYS C 261 37.85 10.69 -58.46
CA LYS C 261 38.26 10.73 -57.06
C LYS C 261 39.78 10.62 -56.98
N THR C 262 40.45 11.78 -56.88
CA THR C 262 41.91 11.86 -56.80
C THR C 262 42.24 13.30 -56.41
N LYS C 263 43.43 13.49 -55.83
CA LYS C 263 43.94 14.84 -55.62
C LYS C 263 43.89 15.64 -56.91
N HIS C 264 43.16 16.76 -56.90
CA HIS C 264 42.81 17.45 -58.12
C HIS C 264 43.64 18.72 -58.25
N LYS C 265 43.16 19.86 -57.77
CA LYS C 265 43.69 21.18 -58.12
C LYS C 265 43.76 21.33 -59.64
N LEU C 266 42.58 21.49 -60.23
CA LEU C 266 42.47 21.76 -61.65
C LEU C 266 42.82 23.22 -61.92
N ASP C 267 43.61 23.43 -62.98
CA ASP C 267 44.01 24.77 -63.37
C ASP C 267 43.79 24.96 -64.86
N VAL C 268 43.56 26.21 -65.25
CA VAL C 268 43.12 26.54 -66.60
C VAL C 268 43.94 27.73 -67.11
N THR C 269 44.52 27.59 -68.30
CA THR C 269 45.33 28.64 -68.91
C THR C 269 44.51 29.53 -69.84
N SER C 270 43.18 29.42 -69.80
CA SER C 270 42.26 30.27 -70.56
C SER C 270 42.39 30.02 -72.07
N VAL C 271 42.07 31.05 -72.86
CA VAL C 271 41.86 30.93 -74.30
C VAL C 271 40.81 29.84 -74.51
N GLU C 272 41.25 28.68 -74.98
CA GLU C 272 40.36 27.54 -75.18
C GLU C 272 40.55 26.44 -74.14
N ASP C 273 41.42 26.64 -73.15
CA ASP C 273 41.42 25.74 -72.01
C ASP C 273 40.14 25.91 -71.19
N TYR C 274 39.56 27.10 -71.24
CA TYR C 274 38.28 27.38 -70.59
C TYR C 274 37.12 26.99 -71.48
N LYS C 275 37.17 27.42 -72.74
CA LYS C 275 36.11 27.09 -73.69
C LYS C 275 35.98 25.58 -73.89
N ALA C 276 37.12 24.86 -73.90
CA ALA C 276 37.05 23.40 -74.04
C ALA C 276 36.59 22.70 -72.78
N LEU C 277 36.72 23.34 -71.62
CA LEU C 277 36.05 22.82 -70.43
C LEU C 277 34.55 22.93 -70.56
N GLN C 278 34.06 24.09 -71.00
CA GLN C 278 32.65 24.24 -71.31
C GLN C 278 32.21 23.19 -72.31
N LYS C 279 32.93 23.08 -73.43
CA LYS C 279 32.58 22.05 -74.41
C LYS C 279 32.67 20.65 -73.81
N TYR C 280 33.53 20.45 -72.81
CA TYR C 280 33.63 19.13 -72.18
C TYR C 280 32.33 18.74 -71.50
N GLU C 281 31.89 19.50 -70.50
CA GLU C 281 30.67 19.14 -69.80
C GLU C 281 29.41 19.44 -70.61
N LYS C 282 29.52 20.21 -71.71
CA LYS C 282 28.45 20.21 -72.69
C LYS C 282 28.38 18.86 -73.41
N GLU C 283 29.54 18.26 -73.70
CA GLU C 283 29.56 16.92 -74.27
C GLU C 283 29.10 15.87 -73.27
N LYS C 284 29.26 16.14 -71.97
CA LYS C 284 28.78 15.21 -70.96
C LYS C 284 27.27 15.33 -70.76
N PHE C 285 26.75 16.57 -70.73
CA PHE C 285 25.31 16.76 -70.76
C PHE C 285 24.70 16.06 -71.97
N GLU C 286 25.25 16.32 -73.15
CA GLU C 286 24.82 15.60 -74.36
C GLU C 286 24.97 14.11 -74.20
N GLU C 287 25.99 13.66 -73.46
CA GLU C 287 26.17 12.23 -73.24
C GLU C 287 25.06 11.65 -72.36
N MET C 288 24.46 12.48 -71.50
CA MET C 288 23.37 12.00 -70.67
C MET C 288 22.04 12.05 -71.41
N ILE C 289 21.86 13.04 -72.29
CA ILE C 289 20.61 13.24 -73.02
C ILE C 289 20.23 11.97 -73.75
N GLN C 290 20.98 11.62 -74.80
CA GLN C 290 20.65 10.44 -75.58
C GLN C 290 20.85 9.15 -74.79
N GLN C 291 21.55 9.20 -73.65
CA GLN C 291 21.58 8.04 -72.76
C GLN C 291 20.21 7.78 -72.14
N ILE C 292 19.45 8.84 -71.88
CA ILE C 292 18.07 8.67 -71.41
C ILE C 292 17.18 8.27 -72.58
N LYS C 293 17.43 8.84 -73.77
CA LYS C 293 16.65 8.52 -74.95
C LYS C 293 16.84 7.08 -75.42
N GLU C 294 17.79 6.34 -74.85
CA GLU C 294 18.06 4.98 -75.30
C GLU C 294 16.87 4.07 -75.06
N THR C 295 16.32 4.09 -73.86
CA THR C 295 15.12 3.32 -73.51
C THR C 295 14.00 4.31 -73.28
N GLY C 296 13.15 4.50 -74.29
CA GLY C 296 12.08 5.47 -74.21
C GLY C 296 12.58 6.90 -74.29
N ALA C 297 11.78 7.79 -74.87
CA ALA C 297 12.17 9.18 -74.97
C ALA C 297 11.10 10.08 -74.36
N ASN C 298 10.31 10.72 -75.21
CA ASN C 298 9.23 11.61 -74.80
C ASN C 298 9.71 12.63 -73.78
N LEU C 299 9.10 12.64 -72.59
CA LEU C 299 9.46 13.62 -71.56
C LEU C 299 10.15 12.94 -70.40
N ALA C 300 10.90 13.73 -69.63
CA ALA C 300 11.56 13.27 -68.43
C ALA C 300 11.16 14.16 -67.26
N ILE C 301 11.34 13.65 -66.05
CA ILE C 301 11.03 14.38 -64.83
C ILE C 301 12.23 14.28 -63.90
N CYS C 302 12.70 15.44 -63.42
CA CYS C 302 13.98 15.50 -62.73
C CYS C 302 13.89 16.42 -61.52
N GLN C 303 14.84 16.23 -60.61
CA GLN C 303 15.06 17.11 -59.47
C GLN C 303 16.38 17.87 -59.67
N TRP C 304 16.73 18.66 -58.66
CA TRP C 304 18.05 19.28 -58.53
C TRP C 304 18.34 20.17 -59.74
N GLY C 305 19.60 20.23 -60.18
CA GLY C 305 20.04 21.28 -61.08
C GLY C 305 19.85 20.99 -62.56
N PHE C 306 19.79 22.09 -63.32
CA PHE C 306 19.72 22.06 -64.77
C PHE C 306 20.40 23.34 -65.27
N ASP C 307 19.68 24.47 -65.20
CA ASP C 307 20.20 25.81 -65.42
C ASP C 307 21.06 25.88 -66.67
N ASP C 308 22.00 26.82 -66.73
CA ASP C 308 22.94 26.94 -67.85
C ASP C 308 22.21 26.93 -69.20
N GLU C 309 22.92 26.55 -70.25
CA GLU C 309 22.23 26.22 -71.50
C GLU C 309 21.47 24.91 -71.29
N ALA C 310 22.23 23.82 -71.12
CA ALA C 310 21.73 22.52 -70.68
C ALA C 310 20.38 22.14 -71.29
N ASN C 311 19.31 22.73 -70.76
CA ASN C 311 17.97 22.55 -71.33
C ASN C 311 17.98 22.82 -72.82
N HIS C 312 18.72 23.85 -73.25
CA HIS C 312 18.84 24.15 -74.67
C HIS C 312 19.33 22.94 -75.47
N LEU C 313 20.42 22.32 -75.00
CA LEU C 313 20.91 21.11 -75.64
C LEU C 313 19.83 20.03 -75.69
N LEU C 314 19.08 19.88 -74.59
CA LEU C 314 18.01 18.89 -74.57
C LEU C 314 16.91 19.21 -75.58
N LEU C 315 16.71 20.49 -75.88
CA LEU C 315 15.76 20.87 -76.91
C LEU C 315 16.27 20.47 -78.29
N GLN C 316 17.58 20.60 -78.52
CA GLN C 316 18.15 20.21 -79.80
C GLN C 316 18.10 18.70 -80.02
N ASN C 317 18.01 17.91 -78.95
CA ASN C 317 17.83 16.47 -79.06
C ASN C 317 16.37 16.06 -78.89
N ASN C 318 15.47 17.01 -78.64
CA ASN C 318 14.04 16.76 -78.46
C ASN C 318 13.79 15.81 -77.29
N LEU C 319 13.98 16.36 -76.09
CA LEU C 319 13.65 15.65 -74.84
C LEU C 319 13.08 16.67 -73.87
N PRO C 320 11.81 17.02 -74.02
CA PRO C 320 11.21 18.03 -73.14
C PRO C 320 11.00 17.55 -71.72
N ALA C 321 12.02 17.71 -70.88
CA ALA C 321 11.94 17.29 -69.48
C ALA C 321 11.27 18.38 -68.65
N VAL C 322 11.23 18.16 -67.32
CA VAL C 322 10.65 19.12 -66.39
C VAL C 322 11.54 19.19 -65.15
N ARG C 323 11.55 20.36 -64.52
CA ARG C 323 12.41 20.63 -63.39
C ARG C 323 11.86 21.83 -62.62
N TRP C 324 11.92 21.77 -61.30
CA TRP C 324 12.33 20.60 -60.52
C TRP C 324 11.49 20.55 -59.25
N VAL C 325 11.21 19.34 -58.74
CA VAL C 325 10.28 19.17 -57.63
C VAL C 325 10.79 18.08 -56.70
N GLY C 326 10.38 18.16 -55.43
CA GLY C 326 10.79 17.20 -54.42
C GLY C 326 9.93 15.96 -54.38
N GLY C 327 9.73 15.44 -53.16
CA GLY C 327 8.91 14.28 -52.93
C GLY C 327 7.60 14.24 -53.70
N PRO C 328 6.72 15.23 -53.48
CA PRO C 328 5.51 15.32 -54.29
C PRO C 328 5.84 15.56 -55.75
N GLU C 329 4.98 15.04 -56.63
CA GLU C 329 5.09 15.17 -58.07
C GLU C 329 6.21 14.29 -58.62
N ILE C 330 7.16 13.90 -57.77
CA ILE C 330 8.00 12.75 -58.09
C ILE C 330 7.28 11.46 -57.76
N GLU C 331 6.82 11.32 -56.52
CA GLU C 331 6.04 10.15 -56.12
C GLU C 331 4.62 10.20 -56.66
N LEU C 332 4.08 11.41 -56.87
CA LEU C 332 2.74 11.53 -57.42
C LEU C 332 2.68 10.98 -58.84
N ILE C 333 3.56 11.46 -59.72
CA ILE C 333 3.60 10.95 -61.08
C ILE C 333 4.20 9.55 -61.12
N ALA C 334 5.00 9.17 -60.12
CA ALA C 334 5.48 7.78 -60.05
C ALA C 334 4.31 6.83 -59.84
N ILE C 335 3.55 7.04 -58.78
CA ILE C 335 2.42 6.15 -58.50
C ILE C 335 1.38 6.25 -59.59
N ALA C 336 1.19 7.45 -60.17
CA ALA C 336 0.19 7.64 -61.21
C ALA C 336 0.57 6.90 -62.49
N THR C 337 1.66 7.31 -63.13
CA THR C 337 2.10 6.76 -64.40
C THR C 337 3.42 6.04 -64.21
N GLY C 338 3.44 4.74 -64.48
CA GLY C 338 4.61 3.95 -64.18
C GLY C 338 4.83 3.92 -62.68
N GLY C 339 6.00 4.33 -62.23
CA GLY C 339 7.09 4.66 -63.12
C GLY C 339 8.38 4.36 -62.39
N ARG C 340 8.20 3.78 -61.19
CA ARG C 340 9.29 3.56 -60.24
C ARG C 340 10.07 4.85 -60.01
N ILE C 341 11.30 4.74 -59.54
CA ILE C 341 12.20 5.88 -59.39
C ILE C 341 13.61 5.41 -59.75
N VAL C 342 14.39 6.32 -60.34
CA VAL C 342 15.75 6.03 -60.75
C VAL C 342 16.69 6.88 -59.89
N PRO C 343 17.48 6.28 -58.99
CA PRO C 343 18.41 7.08 -58.18
C PRO C 343 19.62 7.54 -58.97
N ARG C 344 20.07 6.73 -59.92
CA ARG C 344 21.17 7.06 -60.81
C ARG C 344 20.65 7.89 -62.00
N PHE C 345 21.52 8.59 -62.74
CA PHE C 345 23.01 8.61 -62.86
C PHE C 345 23.56 7.37 -63.59
N SER C 346 23.24 7.27 -64.89
CA SER C 346 23.79 6.27 -65.81
C SER C 346 23.44 4.84 -65.43
N GLU C 347 22.34 4.63 -64.70
CA GLU C 347 21.85 3.29 -64.38
C GLU C 347 20.34 3.32 -64.45
N LEU C 348 19.78 2.81 -65.54
CA LEU C 348 18.34 2.64 -65.68
C LEU C 348 18.05 1.78 -66.91
N THR C 349 16.91 1.10 -66.87
CA THR C 349 16.32 0.42 -68.01
C THR C 349 14.83 0.70 -68.01
N ALA C 350 14.17 0.49 -69.14
CA ALA C 350 12.76 0.84 -69.28
C ALA C 350 12.04 -0.28 -70.02
N GLU C 351 11.18 -1.06 -69.36
CA GLU C 351 10.89 -1.12 -67.91
C GLU C 351 10.33 0.15 -67.24
N LYS C 352 11.17 0.83 -66.44
CA LYS C 352 10.70 1.83 -65.47
C LYS C 352 9.66 2.81 -66.01
N LEU C 353 9.88 3.34 -67.21
CA LEU C 353 9.15 4.50 -67.68
C LEU C 353 7.63 4.26 -67.69
N GLY C 354 6.89 5.31 -67.35
CA GLY C 354 5.44 5.23 -67.30
C GLY C 354 4.79 5.55 -68.63
N PHE C 355 3.69 4.85 -68.93
CA PHE C 355 3.06 4.89 -70.23
C PHE C 355 1.90 5.88 -70.30
N ALA C 356 1.98 6.99 -69.58
CA ALA C 356 0.92 7.99 -69.58
C ALA C 356 0.56 8.39 -71.01
N GLY C 357 -0.75 8.54 -71.25
CA GLY C 357 -1.24 8.73 -72.60
C GLY C 357 -1.08 10.13 -73.16
N LEU C 358 -1.43 11.14 -72.38
CA LEU C 358 -1.40 12.52 -72.83
C LEU C 358 -0.75 13.41 -71.78
N VAL C 359 0.00 14.40 -72.24
CA VAL C 359 0.64 15.40 -71.39
C VAL C 359 0.53 16.74 -72.10
N GLN C 360 -0.06 17.74 -71.43
CA GLN C 360 -0.34 19.02 -72.05
C GLN C 360 0.11 20.16 -71.16
N GLU C 361 0.21 21.35 -71.75
CA GLU C 361 0.52 22.59 -71.04
C GLU C 361 -0.59 23.58 -71.31
N ILE C 362 -1.23 24.07 -70.25
CA ILE C 362 -2.34 25.00 -70.36
C ILE C 362 -2.00 26.28 -69.61
N SER C 363 -2.27 27.42 -70.25
CA SER C 363 -1.99 28.72 -69.66
C SER C 363 -3.24 29.24 -68.97
N PHE C 364 -3.16 29.41 -67.65
CA PHE C 364 -4.26 29.93 -66.85
C PHE C 364 -3.97 31.40 -66.54
N GLY C 365 -4.64 32.30 -67.26
CA GLY C 365 -4.36 33.71 -67.12
C GLY C 365 -3.03 34.08 -67.74
N THR C 366 -2.11 34.58 -66.91
CA THR C 366 -0.77 34.93 -67.37
C THR C 366 0.22 33.79 -67.12
N THR C 367 0.40 33.41 -65.85
CA THR C 367 1.23 32.26 -65.53
C THR C 367 0.60 30.98 -66.05
N LYS C 368 1.41 29.94 -66.19
CA LYS C 368 1.00 28.71 -66.83
C LYS C 368 1.14 27.53 -65.87
N ASP C 369 0.44 26.44 -66.19
CA ASP C 369 0.53 25.17 -65.47
C ASP C 369 0.36 24.03 -66.48
N LYS C 370 1.11 22.95 -66.28
CA LYS C 370 1.05 21.81 -67.17
C LYS C 370 0.36 20.64 -66.49
N MET C 371 -0.50 19.94 -67.23
CA MET C 371 -1.32 18.88 -66.65
C MET C 371 -1.40 17.72 -67.63
N LEU C 372 -1.44 16.49 -67.10
CA LEU C 372 -1.38 15.29 -67.90
C LEU C 372 -2.60 14.41 -67.65
N VAL C 373 -2.96 13.63 -68.67
CA VAL C 373 -4.16 12.81 -68.67
C VAL C 373 -3.81 11.41 -69.18
N ILE C 374 -4.74 10.48 -69.00
CA ILE C 374 -4.63 9.12 -69.53
C ILE C 374 -3.43 8.43 -68.88
N GLU C 375 -3.63 7.88 -67.69
CA GLU C 375 -2.54 7.40 -66.87
C GLU C 375 -2.69 5.91 -66.60
N GLN C 376 -1.56 5.24 -66.38
CA GLN C 376 -1.52 3.81 -66.16
C GLN C 376 -2.15 3.44 -64.81
N ALA C 382 -7.20 6.75 -62.20
CA ALA C 382 -6.29 7.77 -61.70
C ALA C 382 -6.82 9.17 -62.01
N VAL C 383 -7.55 9.75 -61.05
CA VAL C 383 -8.15 11.07 -61.21
C VAL C 383 -7.99 11.84 -59.90
N THR C 384 -7.85 13.16 -60.01
CA THR C 384 -7.53 14.03 -58.89
C THR C 384 -8.22 15.38 -59.06
N ILE C 385 -8.83 15.88 -57.96
CA ILE C 385 -9.73 17.04 -58.03
C ILE C 385 -8.93 18.34 -58.17
N PHE C 386 -9.61 19.37 -58.68
CA PHE C 386 -9.04 20.69 -58.90
C PHE C 386 -10.05 21.77 -58.51
N ILE C 387 -9.56 22.83 -57.87
CA ILE C 387 -10.41 23.94 -57.42
C ILE C 387 -9.66 25.25 -57.59
N ARG C 388 -10.38 26.26 -58.08
CA ARG C 388 -9.87 27.64 -58.07
C ARG C 388 -11.04 28.57 -57.80
N GLY C 389 -11.04 29.21 -56.63
CA GLY C 389 -12.16 30.05 -56.25
C GLY C 389 -11.80 31.49 -56.03
N GLY C 390 -10.51 31.81 -56.06
CA GLY C 390 -10.04 33.13 -55.76
C GLY C 390 -10.15 33.46 -54.29
N ASN C 391 -9.49 34.56 -53.91
CA ASN C 391 -9.43 35.08 -52.54
C ASN C 391 -8.61 34.19 -51.61
N LYS C 392 -8.30 32.97 -52.05
CA LYS C 392 -7.36 32.06 -51.40
C LYS C 392 -7.92 31.45 -50.10
N MET C 393 -8.90 32.12 -49.49
CA MET C 393 -9.63 31.55 -48.37
C MET C 393 -10.96 30.93 -48.78
N ILE C 394 -11.40 31.17 -50.02
CA ILE C 394 -12.56 30.45 -50.55
C ILE C 394 -12.20 29.01 -50.84
N ILE C 395 -10.92 28.73 -51.09
CA ILE C 395 -10.39 27.38 -51.05
C ILE C 395 -9.83 27.15 -49.65
N GLU C 396 -9.43 25.91 -49.36
CA GLU C 396 -8.95 25.45 -48.05
C GLU C 396 -10.14 25.28 -47.10
N GLU C 397 -11.18 26.12 -47.26
CA GLU C 397 -12.49 25.82 -46.69
C GLU C 397 -13.18 24.73 -47.49
N ALA C 398 -13.26 24.91 -48.81
CA ALA C 398 -13.86 23.89 -49.67
C ALA C 398 -13.07 22.59 -49.61
N LYS C 399 -11.73 22.69 -49.48
CA LYS C 399 -10.91 21.50 -49.37
C LYS C 399 -11.23 20.71 -48.10
N ARG C 400 -11.22 21.38 -46.95
CA ARG C 400 -11.45 20.69 -45.69
C ARG C 400 -12.86 20.10 -45.62
N SER C 401 -13.82 20.73 -46.28
CA SER C 401 -15.16 20.17 -46.35
C SER C 401 -15.26 19.06 -47.40
N LEU C 402 -14.36 19.06 -48.38
CA LEU C 402 -14.41 18.06 -49.44
C LEU C 402 -13.79 16.75 -48.99
N HIS C 403 -12.68 16.83 -48.23
CA HIS C 403 -12.05 15.63 -47.67
C HIS C 403 -13.05 14.82 -46.87
N ASP C 404 -13.93 15.49 -46.11
CA ASP C 404 -15.00 14.80 -45.43
C ASP C 404 -15.89 14.05 -46.41
N ALA C 405 -16.09 14.61 -47.61
CA ALA C 405 -16.89 13.91 -48.60
C ALA C 405 -16.21 12.62 -49.05
N LEU C 406 -14.92 12.67 -49.41
CA LEU C 406 -14.27 11.44 -49.86
C LEU C 406 -14.25 10.41 -48.75
N CYS C 407 -13.96 10.85 -47.53
CA CYS C 407 -13.91 9.91 -46.41
C CYS C 407 -15.25 9.26 -46.17
N VAL C 408 -16.32 10.07 -46.11
CA VAL C 408 -17.65 9.52 -45.84
C VAL C 408 -18.09 8.60 -46.96
N ILE C 409 -17.81 8.97 -48.21
CA ILE C 409 -18.24 8.14 -49.33
C ILE C 409 -17.47 6.82 -49.33
N ARG C 410 -16.15 6.86 -49.07
CA ARG C 410 -15.39 5.63 -48.98
C ARG C 410 -15.89 4.74 -47.86
N ASN C 411 -16.22 5.34 -46.70
CA ASN C 411 -16.78 4.54 -45.61
C ASN C 411 -18.11 3.92 -46.01
N LEU C 412 -18.95 4.68 -46.71
CA LEU C 412 -20.23 4.15 -47.18
C LEU C 412 -20.02 3.08 -48.24
N ILE C 413 -19.00 3.22 -49.08
CA ILE C 413 -18.72 2.20 -50.08
C ILE C 413 -18.24 0.91 -49.41
N ARG C 414 -17.40 1.03 -48.37
CA ARG C 414 -16.94 -0.16 -47.64
C ARG C 414 -18.12 -0.88 -46.99
N ASP C 415 -18.95 -0.14 -46.26
CA ASP C 415 -20.21 -0.65 -45.73
C ASP C 415 -21.23 0.47 -45.76
N ASN C 416 -22.36 0.22 -46.42
CA ASN C 416 -23.38 1.25 -46.66
C ASN C 416 -24.41 1.21 -45.54
N ARG C 417 -24.06 1.86 -44.42
CA ARG C 417 -24.96 2.03 -43.29
C ARG C 417 -24.59 3.32 -42.58
N VAL C 418 -25.58 3.88 -41.87
CA VAL C 418 -25.38 5.12 -41.11
C VAL C 418 -26.07 5.00 -39.77
N VAL C 419 -25.57 5.75 -38.79
CA VAL C 419 -26.23 5.96 -37.51
C VAL C 419 -26.32 7.47 -37.28
N TYR C 420 -27.43 7.91 -36.70
CA TYR C 420 -27.67 9.34 -36.56
C TYR C 420 -26.77 9.93 -35.48
N GLY C 421 -26.08 11.01 -35.83
CA GLY C 421 -25.10 11.63 -34.95
C GLY C 421 -25.73 12.52 -33.90
N GLY C 422 -25.01 13.59 -33.57
CA GLY C 422 -25.46 14.48 -32.51
C GLY C 422 -25.40 13.88 -31.13
N GLY C 423 -24.59 12.84 -30.92
CA GLY C 423 -24.48 12.20 -29.64
C GLY C 423 -25.56 11.21 -29.30
N ALA C 424 -26.55 11.00 -30.17
CA ALA C 424 -27.64 10.09 -29.87
C ALA C 424 -27.19 8.64 -29.93
N ALA C 425 -26.38 8.29 -30.94
CA ALA C 425 -25.84 6.93 -31.01
C ALA C 425 -25.02 6.62 -29.76
N GLU C 426 -24.33 7.62 -29.22
CA GLU C 426 -23.59 7.43 -27.96
C GLU C 426 -24.54 7.14 -26.82
N ILE C 427 -25.71 7.78 -26.81
CA ILE C 427 -26.67 7.58 -25.72
C ILE C 427 -27.27 6.18 -25.80
N SER C 428 -27.67 5.76 -27.00
CA SER C 428 -28.21 4.41 -27.16
C SER C 428 -27.16 3.36 -26.85
N CYS C 429 -25.90 3.61 -27.24
CA CYS C 429 -24.84 2.68 -26.90
C CYS C 429 -24.61 2.62 -25.40
N ALA C 430 -24.69 3.76 -24.72
CA ALA C 430 -24.52 3.79 -23.28
C ALA C 430 -25.64 3.01 -22.58
N LEU C 431 -26.88 3.18 -23.05
CA LEU C 431 -27.98 2.40 -22.50
C LEU C 431 -27.79 0.91 -22.75
N ALA C 432 -27.17 0.55 -23.88
CA ALA C 432 -26.89 -0.86 -24.15
C ALA C 432 -25.85 -1.41 -23.19
N VAL C 433 -24.70 -0.71 -23.09
CA VAL C 433 -23.63 -1.18 -22.22
C VAL C 433 -24.11 -1.27 -20.77
N SER C 434 -24.82 -0.24 -20.30
CA SER C 434 -25.31 -0.27 -18.93
C SER C 434 -26.35 -1.37 -18.73
N GLN C 435 -27.20 -1.61 -19.74
CA GLN C 435 -28.16 -2.71 -19.65
C GLN C 435 -27.45 -4.05 -19.56
N GLU C 436 -26.28 -4.18 -20.21
CA GLU C 436 -25.48 -5.39 -20.08
C GLU C 436 -24.77 -5.47 -18.74
N ALA C 437 -24.43 -4.32 -18.15
CA ALA C 437 -23.71 -4.31 -16.88
C ALA C 437 -24.60 -4.65 -15.70
N ASP C 438 -25.91 -4.45 -15.80
CA ASP C 438 -26.80 -4.80 -14.71
C ASP C 438 -26.96 -6.31 -14.54
N LYS C 439 -26.66 -7.09 -15.57
CA LYS C 439 -26.81 -8.54 -15.55
C LYS C 439 -25.47 -9.26 -15.52
N CYS C 440 -24.39 -8.57 -15.15
CA CYS C 440 -23.06 -9.15 -15.07
C CYS C 440 -22.52 -9.05 -13.65
N PRO C 441 -21.93 -10.12 -13.12
CA PRO C 441 -21.40 -10.08 -11.76
C PRO C 441 -19.93 -9.73 -11.73
N THR C 442 -19.36 -9.78 -10.53
CA THR C 442 -17.92 -9.62 -10.26
C THR C 442 -17.48 -8.20 -10.68
N LEU C 443 -16.24 -8.04 -11.13
CA LEU C 443 -15.64 -6.72 -11.24
C LEU C 443 -15.93 -6.04 -12.57
N GLU C 444 -16.01 -6.82 -13.66
CA GLU C 444 -16.36 -6.23 -14.95
C GLU C 444 -17.67 -5.47 -14.90
N GLN C 445 -18.56 -5.85 -13.96
CA GLN C 445 -19.80 -5.13 -13.75
C GLN C 445 -19.58 -3.63 -13.62
N TYR C 446 -18.56 -3.22 -12.87
CA TYR C 446 -18.30 -1.80 -12.66
C TYR C 446 -17.61 -1.18 -13.87
N ALA C 447 -16.68 -1.92 -14.49
CA ALA C 447 -15.96 -1.39 -15.64
C ALA C 447 -16.91 -1.03 -16.77
N MET C 448 -17.92 -1.88 -17.01
CA MET C 448 -18.88 -1.63 -18.09
C MET C 448 -19.66 -0.34 -17.82
N ARG C 449 -20.13 -0.16 -16.59
CA ARG C 449 -20.87 1.05 -16.26
C ARG C 449 -19.99 2.29 -16.42
N ALA C 450 -18.73 2.21 -15.99
CA ALA C 450 -17.80 3.30 -16.21
C ALA C 450 -17.67 3.60 -17.70
N PHE C 451 -17.64 2.56 -18.53
CA PHE C 451 -17.60 2.75 -19.98
C PHE C 451 -18.84 3.50 -20.47
N ALA C 452 -20.01 3.16 -19.93
CA ALA C 452 -21.25 3.84 -20.32
C ALA C 452 -21.17 5.33 -19.99
N ASP C 453 -20.91 5.65 -18.72
CA ASP C 453 -20.76 7.05 -18.32
C ASP C 453 -19.69 7.76 -19.14
N ALA C 454 -18.68 7.03 -19.61
CA ALA C 454 -17.66 7.63 -20.46
C ALA C 454 -18.19 7.88 -21.86
N LEU C 455 -19.12 7.06 -22.35
CA LEU C 455 -19.73 7.31 -23.64
C LEU C 455 -20.70 8.47 -23.61
N GLU C 456 -21.26 8.79 -22.43
CA GLU C 456 -22.20 9.89 -22.31
C GLU C 456 -21.53 11.26 -22.19
N VAL C 457 -20.22 11.33 -22.38
CA VAL C 457 -19.56 12.63 -22.33
C VAL C 457 -19.69 13.36 -23.65
N ILE C 458 -19.84 12.63 -24.75
CA ILE C 458 -19.97 13.25 -26.07
C ILE C 458 -21.26 14.04 -26.12
N PRO C 459 -22.42 13.51 -25.69
CA PRO C 459 -23.62 14.37 -25.64
C PRO C 459 -23.45 15.54 -24.69
N MET C 460 -22.78 15.33 -23.56
CA MET C 460 -22.54 16.43 -22.63
C MET C 460 -21.64 17.49 -23.24
N ALA C 461 -20.53 17.06 -23.86
CA ALA C 461 -19.63 18.01 -24.51
C ALA C 461 -20.33 18.74 -25.65
N LEU C 462 -21.16 18.03 -26.42
CA LEU C 462 -21.93 18.68 -27.47
C LEU C 462 -22.92 19.68 -26.90
N SER C 463 -23.45 19.41 -25.70
CA SER C 463 -24.42 20.32 -25.10
C SER C 463 -23.75 21.57 -24.56
N GLU C 464 -22.60 21.41 -23.89
CA GLU C 464 -21.95 22.56 -23.27
C GLU C 464 -21.34 23.50 -24.29
N ASN C 465 -20.89 22.97 -25.44
CA ASN C 465 -20.32 23.83 -26.46
C ASN C 465 -21.37 24.67 -27.18
N SER C 466 -22.64 24.30 -27.07
CA SER C 466 -23.73 25.04 -27.69
C SER C 466 -24.44 25.98 -26.71
N GLY C 467 -24.09 25.93 -25.43
CA GLY C 467 -24.68 26.82 -24.44
C GLY C 467 -25.80 26.22 -23.62
N MET C 468 -26.18 24.97 -23.88
CA MET C 468 -27.23 24.33 -23.11
C MET C 468 -26.66 23.75 -21.82
N ASN C 469 -27.54 23.23 -20.98
CA ASN C 469 -27.11 22.58 -19.74
C ASN C 469 -26.56 21.20 -20.06
N PRO C 470 -25.37 20.85 -19.58
CA PRO C 470 -24.72 19.61 -20.05
C PRO C 470 -25.39 18.34 -19.54
N ILE C 471 -25.58 18.24 -18.23
CA ILE C 471 -26.16 17.02 -17.67
C ILE C 471 -27.68 17.00 -17.78
N GLN C 472 -28.33 18.17 -17.73
CA GLN C 472 -29.79 18.22 -17.77
C GLN C 472 -30.32 17.71 -19.11
N THR C 473 -29.95 18.41 -20.19
CA THR C 473 -30.41 18.01 -21.52
C THR C 473 -29.99 16.59 -21.85
N MET C 474 -28.81 16.17 -21.39
CA MET C 474 -28.35 14.80 -21.62
C MET C 474 -29.29 13.80 -20.99
N THR C 475 -29.63 13.99 -19.72
CA THR C 475 -30.55 13.08 -19.04
C THR C 475 -31.93 13.10 -19.67
N GLU C 476 -32.42 14.28 -20.04
CA GLU C 476 -33.72 14.37 -20.69
C GLU C 476 -33.75 13.59 -21.99
N VAL C 477 -32.70 13.72 -22.80
CA VAL C 477 -32.65 13.01 -24.07
C VAL C 477 -32.59 11.50 -23.84
N ARG C 478 -31.72 11.08 -22.92
CA ARG C 478 -31.61 9.65 -22.62
C ARG C 478 -32.95 9.10 -22.14
N ALA C 479 -33.74 9.93 -21.46
CA ALA C 479 -35.09 9.52 -21.07
C ALA C 479 -35.97 9.33 -22.30
N ARG C 480 -36.02 10.35 -23.17
CA ARG C 480 -36.87 10.27 -24.36
C ARG C 480 -36.45 9.15 -25.30
N GLN C 481 -35.22 8.63 -25.16
CA GLN C 481 -34.78 7.55 -26.02
C GLN C 481 -35.43 6.23 -25.63
N VAL C 482 -35.56 5.96 -24.33
CA VAL C 482 -36.21 4.73 -23.91
C VAL C 482 -37.73 4.87 -23.94
N LYS C 483 -38.24 6.05 -23.61
CA LYS C 483 -39.69 6.28 -23.66
C LYS C 483 -40.20 6.14 -25.09
N GLU C 484 -39.64 6.92 -26.02
CA GLU C 484 -40.11 6.91 -27.40
C GLU C 484 -39.46 5.81 -28.23
N MET C 485 -38.55 5.02 -27.65
CA MET C 485 -37.88 3.92 -28.34
C MET C 485 -37.28 4.40 -29.68
N ASN C 486 -36.53 5.50 -29.60
CA ASN C 486 -36.02 6.18 -30.78
C ASN C 486 -34.53 6.41 -30.61
N PRO C 487 -33.69 5.52 -31.13
CA PRO C 487 -32.23 5.70 -31.09
C PRO C 487 -31.72 6.70 -32.12
N ALA C 488 -32.31 7.89 -32.13
CA ALA C 488 -31.99 8.88 -33.16
C ALA C 488 -31.89 10.29 -32.59
N LEU C 489 -32.87 10.69 -31.77
CA LEU C 489 -32.95 12.08 -31.34
C LEU C 489 -31.95 12.36 -30.23
N GLY C 490 -31.51 13.61 -30.16
CA GLY C 490 -30.62 14.03 -29.10
C GLY C 490 -29.67 15.14 -29.47
N ILE C 491 -29.61 16.18 -28.62
CA ILE C 491 -28.71 17.31 -28.74
C ILE C 491 -29.00 18.05 -30.05
N ASP C 492 -29.57 19.26 -29.93
CA ASP C 492 -30.24 19.93 -31.06
C ASP C 492 -29.50 19.81 -32.40
N CYS C 493 -28.23 20.23 -32.51
CA CYS C 493 -27.40 20.83 -31.47
C CYS C 493 -27.24 22.32 -31.78
N LEU C 494 -27.60 22.69 -33.01
CA LEU C 494 -27.38 24.04 -33.55
C LEU C 494 -28.22 25.11 -32.90
N HIS C 495 -28.92 24.85 -31.79
CA HIS C 495 -29.82 25.79 -31.12
C HIS C 495 -31.02 26.16 -31.97
N LYS C 496 -31.23 25.47 -33.10
CA LYS C 496 -32.37 25.71 -33.97
C LYS C 496 -32.75 24.39 -34.61
N GLY C 497 -33.93 23.89 -34.29
CA GLY C 497 -34.40 22.63 -34.84
C GLY C 497 -35.41 22.00 -33.90
N THR C 498 -35.76 20.75 -34.23
CA THR C 498 -36.80 20.02 -33.51
C THR C 498 -36.25 18.94 -32.59
N ASN C 499 -34.92 18.79 -32.51
CA ASN C 499 -34.20 17.86 -31.63
C ASN C 499 -34.30 16.42 -32.13
N ASP C 500 -35.03 16.14 -33.20
CA ASP C 500 -35.30 14.76 -33.59
C ASP C 500 -34.08 14.08 -34.20
N MET C 501 -33.17 14.84 -34.81
CA MET C 501 -31.94 14.33 -35.41
C MET C 501 -32.22 13.38 -36.58
N LYS C 502 -33.45 12.87 -36.69
CA LYS C 502 -33.88 12.22 -37.93
C LYS C 502 -33.92 13.23 -39.07
N GLN C 503 -34.63 14.33 -38.86
CA GLN C 503 -34.38 15.52 -39.66
C GLN C 503 -33.00 16.09 -39.29
N GLN C 504 -32.59 17.12 -40.04
CA GLN C 504 -31.23 17.69 -39.97
C GLN C 504 -30.22 16.74 -40.62
N HIS C 505 -30.64 15.49 -40.83
CA HIS C 505 -29.85 14.44 -41.45
C HIS C 505 -28.37 14.50 -41.09
N VAL C 506 -28.06 14.22 -39.83
CA VAL C 506 -26.67 14.14 -39.37
C VAL C 506 -26.29 12.68 -39.29
N ILE C 507 -25.31 12.27 -40.09
CA ILE C 507 -24.90 10.87 -40.19
C ILE C 507 -23.42 10.77 -39.91
N GLU C 508 -23.04 9.74 -39.13
CA GLU C 508 -21.64 9.44 -38.86
C GLU C 508 -21.20 8.14 -39.52
N THR C 509 -21.99 7.62 -40.47
CA THR C 509 -21.74 6.31 -41.08
C THR C 509 -21.64 5.23 -40.01
N LEU C 510 -20.97 4.12 -40.31
CA LEU C 510 -20.82 3.03 -39.35
C LEU C 510 -19.37 2.81 -38.94
N ILE C 511 -18.48 2.55 -39.89
CA ILE C 511 -17.07 2.36 -39.57
C ILE C 511 -16.48 3.59 -38.91
N GLY C 512 -17.08 4.76 -39.13
CA GLY C 512 -16.69 5.93 -38.36
C GLY C 512 -16.83 5.70 -36.86
N LYS C 513 -18.01 5.27 -36.43
CA LYS C 513 -18.25 5.02 -35.01
C LYS C 513 -17.49 3.79 -34.52
N LYS C 514 -17.58 2.68 -35.28
CA LYS C 514 -16.88 1.47 -34.89
C LYS C 514 -15.38 1.70 -34.73
N GLN C 515 -14.79 2.49 -35.63
CA GLN C 515 -13.37 2.81 -35.51
C GLN C 515 -13.11 3.76 -34.35
N GLN C 516 -14.00 4.73 -34.13
CA GLN C 516 -13.85 5.64 -33.00
C GLN C 516 -13.81 4.88 -31.69
N ILE C 517 -14.76 3.97 -31.48
CA ILE C 517 -14.83 3.22 -30.23
C ILE C 517 -13.65 2.27 -30.12
N SER C 518 -13.39 1.49 -31.16
CA SER C 518 -12.29 0.53 -31.13
C SER C 518 -10.96 1.23 -30.87
N LEU C 519 -10.78 2.44 -31.39
CA LEU C 519 -9.52 3.16 -31.17
C LEU C 519 -9.44 3.75 -29.77
N ALA C 520 -10.52 4.35 -29.29
CA ALA C 520 -10.54 4.85 -27.92
C ALA C 520 -10.25 3.73 -26.92
N THR C 521 -10.87 2.57 -27.11
CA THR C 521 -10.65 1.46 -26.21
C THR C 521 -9.25 0.87 -26.38
N GLN C 522 -8.71 0.87 -27.59
CA GLN C 522 -7.33 0.42 -27.79
C GLN C 522 -6.35 1.34 -27.09
N MET C 523 -6.47 2.65 -27.31
CA MET C 523 -5.66 3.63 -26.59
C MET C 523 -5.73 3.39 -25.09
N VAL C 524 -6.94 3.49 -24.52
CA VAL C 524 -7.13 3.34 -23.08
C VAL C 524 -6.55 2.03 -22.59
N ARG C 525 -6.70 0.96 -23.37
CA ARG C 525 -6.09 -0.31 -23.01
C ARG C 525 -4.58 -0.18 -22.87
N MET C 526 -3.94 0.56 -23.78
CA MET C 526 -2.50 0.78 -23.68
C MET C 526 -2.15 1.61 -22.45
N ILE C 527 -2.73 2.80 -22.34
CA ILE C 527 -2.39 3.70 -21.23
C ILE C 527 -2.67 3.05 -19.89
N LEU C 528 -3.77 2.30 -19.80
CA LEU C 528 -4.10 1.59 -18.56
C LEU C 528 -3.04 0.56 -18.20
N LYS C 529 -2.28 0.07 -19.18
CA LYS C 529 -1.14 -0.78 -18.90
C LYS C 529 0.09 0.09 -18.73
N ILE C 530 1.26 -0.43 -19.08
CA ILE C 530 2.52 0.31 -18.99
C ILE C 530 2.74 0.81 -17.56
N ASP C 531 3.77 1.66 -17.40
CA ASP C 531 4.37 2.15 -16.16
C ASP C 531 5.79 2.57 -16.49
N ASP C 532 6.55 3.02 -15.49
CA ASP C 532 7.98 3.28 -15.64
C ASP C 532 8.28 4.43 -16.60
N ILE C 533 8.33 4.13 -17.89
CA ILE C 533 8.83 5.03 -18.92
C ILE C 533 10.31 5.31 -18.65
N ARG C 534 11.17 4.44 -19.17
CA ARG C 534 12.61 4.50 -18.91
C ARG C 534 13.22 5.83 -19.36
N LYS C 535 13.21 6.08 -20.67
CA LYS C 535 13.85 7.22 -21.31
C LYS C 535 15.36 7.23 -21.04
N PRO C 536 16.13 6.30 -21.63
CA PRO C 536 17.59 6.32 -21.50
C PRO C 536 18.19 7.62 -22.02
N MET D 29 32.83 0.92 -0.14
CA MET D 29 32.98 0.59 1.28
C MET D 29 33.21 -0.91 1.45
N GLY D 30 33.60 -1.31 2.66
CA GLY D 30 33.94 -2.69 2.94
C GLY D 30 32.78 -3.66 2.83
N LEU D 31 31.87 -3.64 3.81
CA LEU D 31 30.75 -4.57 3.84
C LEU D 31 29.44 -3.95 3.36
N GLU D 32 29.07 -2.78 3.89
CA GLU D 32 27.80 -2.15 3.53
C GLU D 32 27.65 -1.98 2.03
N ALA D 33 28.75 -2.04 1.28
CA ALA D 33 28.67 -2.16 -0.17
C ALA D 33 27.89 -3.41 -0.58
N LEU D 34 27.93 -4.46 0.23
CA LEU D 34 27.14 -5.66 -0.06
C LEU D 34 25.66 -5.35 0.00
N LYS D 35 25.19 -4.82 1.14
CA LYS D 35 23.79 -4.40 1.24
C LYS D 35 23.44 -3.39 0.16
N SER D 36 24.40 -2.57 -0.26
CA SER D 36 24.16 -1.64 -1.36
C SER D 36 23.94 -2.38 -2.67
N HIS D 37 24.70 -3.46 -2.92
CA HIS D 37 24.48 -4.26 -4.12
C HIS D 37 23.15 -5.00 -4.06
N ILE D 38 22.78 -5.47 -2.87
CA ILE D 38 21.47 -6.11 -2.69
C ILE D 38 20.37 -5.12 -3.05
N MET D 39 20.45 -3.91 -2.51
CA MET D 39 19.48 -2.87 -2.84
C MET D 39 19.48 -2.54 -4.32
N ALA D 40 20.66 -2.42 -4.93
CA ALA D 40 20.75 -2.03 -6.32
C ALA D 40 20.19 -3.09 -7.25
N ALA D 41 20.43 -4.37 -6.94
CA ALA D 41 19.94 -5.43 -7.80
C ALA D 41 18.45 -5.69 -7.58
N LYS D 42 18.01 -5.77 -6.32
CA LYS D 42 16.59 -5.94 -6.05
C LYS D 42 15.78 -4.74 -6.56
N ALA D 43 16.41 -3.59 -6.75
CA ALA D 43 15.75 -2.48 -7.44
C ALA D 43 15.37 -2.88 -8.85
N VAL D 44 16.29 -3.52 -9.57
CA VAL D 44 15.99 -4.00 -10.92
C VAL D 44 14.89 -5.06 -10.88
N ALA D 45 15.03 -6.02 -9.96
CA ALA D 45 14.02 -7.07 -9.83
C ALA D 45 12.63 -6.48 -9.59
N ASN D 46 12.54 -5.43 -8.78
CA ASN D 46 11.26 -4.79 -8.53
C ASN D 46 10.79 -3.98 -9.73
N THR D 47 11.73 -3.49 -10.55
CA THR D 47 11.35 -2.80 -11.78
C THR D 47 10.58 -3.74 -12.71
N MET D 48 11.09 -4.96 -12.89
CA MET D 48 10.50 -5.91 -13.81
C MET D 48 9.61 -6.95 -13.12
N ARG D 49 9.31 -6.75 -11.82
CA ARG D 49 8.40 -7.67 -11.15
C ARG D 49 6.96 -7.50 -11.64
N THR D 50 6.63 -6.35 -12.22
CA THR D 50 5.28 -6.14 -12.72
C THR D 50 5.10 -6.72 -14.12
N SER D 51 6.17 -6.82 -14.91
CA SER D 51 6.09 -7.29 -16.28
C SER D 51 6.17 -8.81 -16.40
N LEU D 52 6.07 -9.52 -15.28
CA LEU D 52 6.08 -10.98 -15.31
C LEU D 52 4.70 -11.52 -15.62
N GLY D 53 4.66 -12.66 -16.32
CA GLY D 53 3.43 -13.31 -16.66
C GLY D 53 2.72 -12.67 -17.83
N PRO D 54 1.53 -13.17 -18.17
CA PRO D 54 0.80 -12.62 -19.32
C PRO D 54 0.23 -11.25 -19.07
N ASN D 55 -0.06 -10.89 -17.82
CA ASN D 55 -0.64 -9.59 -17.48
C ASN D 55 0.41 -8.54 -17.19
N GLY D 56 1.65 -8.74 -17.65
CA GLY D 56 2.70 -7.79 -17.38
C GLY D 56 2.42 -6.43 -17.99
N LEU D 57 3.22 -5.45 -17.57
CA LEU D 57 3.09 -4.09 -18.04
C LEU D 57 4.16 -3.79 -19.09
N ASP D 58 3.84 -2.86 -20.00
CA ASP D 58 4.57 -2.77 -21.25
C ASP D 58 5.86 -1.97 -21.16
N LYS D 59 5.92 -0.97 -20.27
CA LYS D 59 7.08 -0.09 -20.13
C LYS D 59 7.35 0.71 -21.40
N MET D 60 7.19 2.03 -21.34
CA MET D 60 7.24 2.86 -22.54
C MET D 60 8.57 2.71 -23.27
N MET D 61 9.67 3.08 -22.59
CA MET D 61 11.02 2.88 -23.10
C MET D 61 11.25 3.48 -24.48
N VAL D 62 11.61 4.77 -24.52
CA VAL D 62 12.07 5.37 -25.77
C VAL D 62 13.59 5.23 -25.81
N ASP D 63 14.23 5.95 -26.74
CA ASP D 63 15.69 5.96 -26.78
C ASP D 63 16.14 7.21 -27.54
N LYS D 64 16.62 8.21 -26.81
CA LYS D 64 17.15 9.44 -27.39
C LYS D 64 16.17 10.03 -28.39
N ASP D 65 16.61 10.22 -29.63
CA ASP D 65 15.71 10.72 -30.68
C ASP D 65 14.83 9.64 -31.27
N GLY D 66 14.87 8.41 -30.74
CA GLY D 66 14.08 7.32 -31.27
C GLY D 66 12.60 7.39 -30.94
N ASP D 67 11.92 6.24 -31.01
CA ASP D 67 10.48 6.17 -30.82
C ASP D 67 10.15 5.27 -29.63
N VAL D 68 8.87 4.96 -29.48
CA VAL D 68 8.36 4.20 -28.33
C VAL D 68 8.38 2.72 -28.64
N THR D 69 8.61 1.91 -27.59
CA THR D 69 8.60 0.45 -27.71
C THR D 69 7.99 -0.14 -26.45
N VAL D 70 6.75 -0.59 -26.55
CA VAL D 70 5.96 -1.04 -25.39
C VAL D 70 5.71 -2.54 -25.52
N THR D 71 6.38 -3.33 -24.68
CA THR D 71 6.25 -4.78 -24.72
C THR D 71 6.54 -5.38 -23.36
N ASN D 72 6.03 -6.59 -23.14
CA ASN D 72 6.43 -7.38 -21.99
C ASN D 72 7.78 -8.03 -22.27
N ASP D 73 8.05 -9.17 -21.65
CA ASP D 73 9.27 -9.95 -21.92
C ASP D 73 10.52 -9.11 -21.71
N GLY D 74 11.03 -9.09 -20.48
CA GLY D 74 12.16 -8.25 -20.12
C GLY D 74 13.41 -8.45 -20.98
N ALA D 75 13.46 -9.53 -21.77
CA ALA D 75 14.62 -9.79 -22.61
C ALA D 75 14.99 -8.55 -23.43
N THR D 76 14.02 -7.94 -24.10
CA THR D 76 14.27 -6.71 -24.83
C THR D 76 14.35 -5.49 -23.92
N ILE D 77 13.90 -5.60 -22.68
CA ILE D 77 14.02 -4.50 -21.74
C ILE D 77 15.44 -4.38 -21.22
N LEU D 78 16.05 -5.50 -20.83
CA LEU D 78 17.42 -5.47 -20.33
C LEU D 78 18.39 -4.91 -21.35
N SER D 79 18.13 -5.14 -22.64
CA SER D 79 18.95 -4.52 -23.68
C SER D 79 18.90 -3.00 -23.57
N MET D 80 17.75 -2.45 -23.22
CA MET D 80 17.61 -1.00 -23.07
C MET D 80 17.93 -0.61 -21.64
N MET D 81 17.15 0.33 -21.08
CA MET D 81 17.36 0.86 -19.73
C MET D 81 18.65 1.68 -19.65
N ASP D 82 19.44 1.46 -18.59
CA ASP D 82 20.60 2.30 -18.35
C ASP D 82 21.64 1.51 -17.56
N VAL D 83 22.88 1.98 -17.62
CA VAL D 83 23.97 1.49 -16.79
C VAL D 83 23.99 2.34 -15.53
N ASP D 84 23.32 1.87 -14.48
CA ASP D 84 23.22 2.64 -13.24
C ASP D 84 24.33 2.26 -12.28
N HIS D 85 24.18 1.13 -11.59
CA HIS D 85 25.23 0.54 -10.78
C HIS D 85 25.81 -0.64 -11.54
N GLN D 86 27.12 -0.85 -11.43
CA GLN D 86 27.76 -1.95 -12.14
C GLN D 86 27.17 -3.31 -11.76
N ILE D 87 26.48 -3.39 -10.63
CA ILE D 87 25.71 -4.59 -10.31
C ILE D 87 24.41 -4.62 -11.09
N ALA D 88 23.77 -3.45 -11.26
CA ALA D 88 22.58 -3.38 -12.10
C ALA D 88 22.89 -3.71 -13.56
N LYS D 89 24.09 -3.36 -14.02
CA LYS D 89 24.52 -3.80 -15.34
C LYS D 89 24.98 -5.25 -15.32
N LEU D 90 25.49 -5.74 -14.18
CA LEU D 90 25.78 -7.15 -14.04
C LEU D 90 24.50 -7.99 -14.10
N MET D 91 23.36 -7.39 -13.71
CA MET D 91 22.08 -8.06 -13.86
C MET D 91 21.80 -8.38 -15.32
N VAL D 92 22.18 -7.49 -16.23
CA VAL D 92 22.07 -7.73 -17.67
C VAL D 92 23.10 -8.78 -18.05
N GLU D 93 23.08 -9.22 -19.31
CA GLU D 93 24.05 -10.14 -19.92
C GLU D 93 24.20 -11.46 -19.17
N LEU D 94 23.97 -11.47 -17.85
CA LEU D 94 23.73 -12.74 -17.18
C LEU D 94 22.28 -13.20 -17.36
N SER D 95 21.35 -12.24 -17.44
CA SER D 95 19.98 -12.53 -17.80
C SER D 95 19.74 -12.52 -19.30
N LYS D 96 20.74 -12.12 -20.09
CA LYS D 96 20.59 -11.97 -21.54
C LYS D 96 21.42 -12.97 -22.32
N SER D 97 22.75 -12.91 -22.21
CA SER D 97 23.64 -13.71 -23.06
C SER D 97 23.34 -15.20 -22.98
N GLN D 98 22.70 -15.66 -21.91
CA GLN D 98 22.35 -17.07 -21.79
C GLN D 98 20.90 -17.30 -22.13
N ASP D 99 19.99 -16.85 -21.26
CA ASP D 99 18.57 -17.20 -21.40
C ASP D 99 17.97 -16.61 -22.67
N ASP D 100 18.50 -15.50 -23.19
CA ASP D 100 18.01 -14.99 -24.46
C ASP D 100 18.64 -15.72 -25.64
N GLU D 101 19.86 -16.24 -25.47
CA GLU D 101 20.55 -16.99 -26.51
C GLU D 101 20.39 -18.49 -26.37
N ILE D 102 19.88 -18.98 -25.24
CA ILE D 102 19.72 -20.40 -25.03
C ILE D 102 18.24 -20.71 -24.79
N GLY D 103 17.72 -20.29 -23.64
CA GLY D 103 16.33 -20.50 -23.31
C GLY D 103 15.42 -19.44 -23.91
N ASP D 104 14.35 -19.11 -23.19
CA ASP D 104 13.45 -18.04 -23.60
C ASP D 104 13.06 -17.11 -22.46
N GLY D 105 12.77 -17.66 -21.28
CA GLY D 105 12.28 -16.86 -20.17
C GLY D 105 13.38 -16.06 -19.49
N THR D 106 13.33 -14.74 -19.66
CA THR D 106 14.33 -13.85 -19.09
C THR D 106 13.89 -13.21 -17.77
N THR D 107 12.63 -12.78 -17.69
CA THR D 107 12.18 -12.02 -16.53
C THR D 107 12.26 -12.85 -15.24
N GLY D 108 11.97 -14.15 -15.34
CA GLY D 108 12.05 -14.99 -14.16
C GLY D 108 13.43 -15.05 -13.56
N VAL D 109 14.46 -14.96 -14.39
CA VAL D 109 15.84 -15.01 -13.89
C VAL D 109 16.11 -13.84 -12.97
N VAL D 110 15.78 -12.62 -13.41
CA VAL D 110 16.11 -11.45 -12.61
C VAL D 110 15.23 -11.36 -11.38
N VAL D 111 13.94 -11.68 -11.53
CA VAL D 111 13.04 -11.67 -10.36
C VAL D 111 13.54 -12.64 -9.30
N LEU D 112 13.90 -13.86 -9.73
CA LEU D 112 14.42 -14.85 -8.78
C LEU D 112 15.69 -14.35 -8.10
N ALA D 113 16.64 -13.83 -8.89
CA ALA D 113 17.87 -13.31 -8.32
C ALA D 113 17.59 -12.25 -7.26
N GLY D 114 16.70 -11.32 -7.57
CA GLY D 114 16.35 -10.29 -6.60
C GLY D 114 15.79 -10.87 -5.31
N ALA D 115 14.87 -11.83 -5.43
CA ALA D 115 14.29 -12.46 -4.25
C ALA D 115 15.37 -13.16 -3.42
N LEU D 116 16.22 -13.96 -4.07
CA LEU D 116 17.31 -14.63 -3.36
C LEU D 116 18.17 -13.64 -2.59
N LEU D 117 18.48 -12.49 -3.21
CA LEU D 117 19.27 -11.48 -2.50
C LEU D 117 18.49 -10.89 -1.33
N GLU D 118 17.17 -10.72 -1.49
CA GLU D 118 16.37 -10.18 -0.39
C GLU D 118 16.40 -11.08 0.83
N GLU D 119 16.29 -12.40 0.63
CA GLU D 119 16.37 -13.31 1.76
C GLU D 119 17.80 -13.43 2.27
N ALA D 120 18.79 -13.41 1.37
CA ALA D 120 20.18 -13.42 1.79
C ALA D 120 20.52 -12.20 2.65
N GLU D 121 19.75 -11.12 2.54
CA GLU D 121 19.93 -9.98 3.43
C GLU D 121 19.57 -10.34 4.86
N GLN D 122 18.39 -10.95 5.06
CA GLN D 122 17.99 -11.38 6.40
C GLN D 122 18.95 -12.41 6.97
N LEU D 123 19.50 -13.27 6.11
CA LEU D 123 20.49 -14.23 6.56
C LEU D 123 21.80 -13.55 6.94
N LEU D 124 22.20 -12.53 6.18
CA LEU D 124 23.38 -11.75 6.53
C LEU D 124 23.22 -11.10 7.89
N ASP D 125 22.11 -10.37 8.09
CA ASP D 125 21.88 -9.71 9.37
C ASP D 125 21.82 -10.69 10.53
N ARG D 126 21.37 -11.93 10.27
CA ARG D 126 21.32 -12.94 11.31
C ARG D 126 22.71 -13.36 11.78
N GLY D 127 23.75 -13.05 11.01
CA GLY D 127 25.12 -13.39 11.37
C GLY D 127 25.77 -14.41 10.48
N ILE D 128 25.11 -14.84 9.41
CA ILE D 128 25.67 -15.86 8.53
C ILE D 128 26.66 -15.22 7.57
N HIS D 129 27.76 -15.90 7.31
CA HIS D 129 28.76 -15.39 6.39
C HIS D 129 28.25 -15.51 4.95
N PRO D 130 28.60 -14.56 4.07
CA PRO D 130 28.06 -14.60 2.69
C PRO D 130 28.40 -15.87 1.93
N ILE D 131 29.68 -16.26 1.91
CA ILE D 131 30.08 -17.41 1.10
C ILE D 131 29.34 -18.67 1.53
N ARG D 132 29.00 -18.79 2.82
CA ARG D 132 28.19 -19.92 3.28
C ARG D 132 26.80 -19.87 2.66
N ILE D 133 26.25 -18.66 2.49
CA ILE D 133 24.93 -18.52 1.86
C ILE D 133 24.99 -18.89 0.39
N ALA D 134 26.04 -18.46 -0.30
CA ALA D 134 26.21 -18.83 -1.71
C ALA D 134 26.30 -20.34 -1.88
N ASP D 135 27.10 -21.00 -1.02
CA ASP D 135 27.20 -22.45 -1.07
C ASP D 135 25.86 -23.10 -0.80
N GLY D 136 25.15 -22.64 0.23
CA GLY D 136 23.82 -23.18 0.48
C GLY D 136 22.88 -23.01 -0.70
N TYR D 137 22.96 -21.85 -1.36
CA TYR D 137 22.14 -21.64 -2.56
C TYR D 137 22.53 -22.61 -3.67
N GLU D 138 23.81 -22.96 -3.78
CA GLU D 138 24.23 -23.95 -4.76
C GLU D 138 23.60 -25.31 -4.48
N GLN D 139 23.73 -25.79 -3.24
CA GLN D 139 23.19 -27.10 -2.88
C GLN D 139 21.67 -27.12 -3.05
N ALA D 140 20.99 -26.07 -2.59
CA ALA D 140 19.56 -25.97 -2.83
C ALA D 140 19.23 -26.01 -4.32
N ALA D 141 20.01 -25.29 -5.13
CA ALA D 141 19.81 -25.32 -6.58
C ALA D 141 19.95 -26.74 -7.12
N ARG D 142 20.90 -27.51 -6.58
CA ARG D 142 21.02 -28.92 -6.99
C ARG D 142 19.73 -29.68 -6.69
N VAL D 143 19.16 -29.46 -5.51
CA VAL D 143 17.93 -30.14 -5.13
C VAL D 143 16.82 -29.83 -6.12
N ALA D 144 16.59 -28.53 -6.38
CA ALA D 144 15.53 -28.13 -7.29
C ALA D 144 15.76 -28.67 -8.70
N ILE D 145 16.99 -28.50 -9.22
CA ILE D 145 17.29 -28.97 -10.58
C ILE D 145 17.03 -30.46 -10.70
N GLU D 146 17.58 -31.25 -9.78
CA GLU D 146 17.35 -32.69 -9.79
C GLU D 146 15.86 -33.02 -9.65
N ARG D 147 15.09 -32.12 -9.12
CA ARG D 147 13.74 -32.50 -9.05
C ARG D 147 13.27 -32.43 -10.45
N LEU D 148 13.37 -31.25 -10.98
CA LEU D 148 12.76 -31.06 -12.29
C LEU D 148 12.85 -32.31 -13.14
N ASP D 149 13.79 -33.20 -12.84
CA ASP D 149 13.82 -34.51 -13.49
C ASP D 149 12.61 -35.35 -13.08
N LYS D 150 12.18 -35.21 -11.83
CA LYS D 150 11.04 -35.99 -11.34
C LYS D 150 9.72 -35.40 -11.80
N ILE D 151 9.62 -34.08 -11.88
CA ILE D 151 8.41 -33.42 -12.37
C ILE D 151 8.27 -33.57 -13.88
N SER D 152 9.36 -33.89 -14.58
CA SER D 152 9.39 -33.81 -16.03
C SER D 152 8.34 -34.72 -16.67
N ASP D 153 7.99 -34.37 -17.91
CA ASP D 153 7.04 -35.14 -18.72
C ASP D 153 7.58 -35.17 -20.14
N SER D 154 7.77 -36.36 -20.68
CA SER D 154 8.40 -36.50 -21.98
C SER D 154 7.41 -36.25 -23.11
N VAL D 155 7.93 -35.80 -24.24
CA VAL D 155 7.15 -35.55 -25.45
C VAL D 155 7.81 -36.28 -26.61
N LEU D 156 7.00 -36.84 -27.50
CA LEU D 156 7.52 -37.60 -28.61
C LEU D 156 7.99 -36.67 -29.74
N VAL D 157 8.80 -37.23 -30.63
CA VAL D 157 9.48 -36.49 -31.68
C VAL D 157 9.25 -37.20 -33.01
N ASP D 158 9.64 -36.53 -34.10
CA ASP D 158 9.81 -36.99 -35.47
C ASP D 158 8.58 -36.77 -36.35
N ILE D 159 7.43 -36.35 -35.75
CA ILE D 159 6.23 -36.06 -36.51
C ILE D 159 5.23 -35.40 -35.57
N LYS D 160 4.28 -34.65 -36.14
CA LYS D 160 3.13 -34.09 -35.44
C LYS D 160 3.49 -33.52 -34.06
N ASP D 161 2.95 -34.14 -33.00
CA ASP D 161 3.01 -33.71 -31.60
C ASP D 161 3.66 -32.35 -31.33
N THR D 162 4.86 -32.12 -31.87
CA THR D 162 5.52 -30.83 -31.68
C THR D 162 4.66 -29.69 -32.22
N GLU D 163 4.08 -29.88 -33.40
CA GLU D 163 3.16 -28.92 -33.99
C GLU D 163 2.04 -28.54 -33.02
N PRO D 164 1.17 -29.46 -32.58
CA PRO D 164 0.15 -29.05 -31.60
C PRO D 164 0.73 -28.58 -30.27
N LEU D 165 2.02 -28.80 -30.03
CA LEU D 165 2.70 -28.31 -28.84
C LEU D 165 3.13 -26.85 -28.97
N ILE D 166 3.09 -26.28 -30.17
CA ILE D 166 3.54 -24.91 -30.38
C ILE D 166 2.43 -23.87 -30.23
N GLN D 167 1.16 -24.28 -30.36
CA GLN D 167 0.04 -23.34 -30.23
C GLN D 167 0.11 -22.53 -28.94
N THR D 168 0.89 -22.98 -27.96
CA THR D 168 1.16 -22.18 -26.77
C THR D 168 1.72 -20.81 -27.15
N ALA D 169 2.68 -20.78 -28.07
CA ALA D 169 3.27 -19.52 -28.51
C ALA D 169 2.34 -18.79 -29.48
N HIS D 182 -2.96 -18.65 -36.61
CA HIS D 182 -2.25 -19.13 -35.44
C HIS D 182 -1.76 -20.56 -35.64
N ARG D 183 -2.38 -21.27 -36.58
CA ARG D 183 -2.08 -22.67 -36.78
C ARG D 183 -0.73 -22.90 -37.47
N GLN D 184 -0.50 -22.20 -38.58
CA GLN D 184 0.65 -22.54 -39.44
C GLN D 184 1.98 -22.23 -38.76
N MET D 185 2.00 -21.33 -37.78
CA MET D 185 3.24 -21.02 -37.07
C MET D 185 3.90 -22.29 -36.54
N ALA D 186 3.10 -23.18 -35.95
CA ALA D 186 3.61 -24.45 -35.48
C ALA D 186 4.25 -25.24 -36.62
N GLU D 187 3.54 -25.38 -37.73
CA GLU D 187 4.04 -26.18 -38.84
C GLU D 187 5.34 -25.59 -39.39
N ILE D 188 5.30 -24.33 -39.81
CA ILE D 188 6.47 -23.71 -40.43
C ILE D 188 7.68 -23.76 -39.50
N ALA D 189 7.46 -23.49 -38.21
CA ALA D 189 8.55 -23.59 -37.24
C ALA D 189 9.10 -25.00 -37.18
N VAL D 190 8.20 -25.99 -37.10
CA VAL D 190 8.63 -27.40 -37.01
C VAL D 190 9.55 -27.76 -38.16
N ASN D 191 9.05 -27.65 -39.40
CA ASN D 191 9.86 -28.07 -40.54
C ASN D 191 11.08 -27.16 -40.74
N ALA D 192 11.01 -25.91 -40.28
CA ALA D 192 12.17 -25.03 -40.40
C ALA D 192 13.32 -25.53 -39.55
N VAL D 193 13.05 -25.87 -38.29
CA VAL D 193 14.09 -26.41 -37.42
C VAL D 193 14.36 -27.87 -37.74
N LEU D 194 13.41 -28.56 -38.38
CA LEU D 194 13.67 -29.93 -38.79
C LEU D 194 14.69 -29.99 -39.93
N THR D 195 14.60 -29.07 -40.88
CA THR D 195 15.55 -29.04 -41.99
C THR D 195 16.96 -28.74 -41.50
N VAL D 196 17.10 -27.86 -40.52
CA VAL D 196 18.39 -27.50 -39.95
C VAL D 196 18.46 -28.10 -38.56
N ALA D 197 19.09 -29.27 -38.44
CA ALA D 197 19.23 -29.93 -37.15
C ALA D 197 20.31 -31.00 -37.26
N ASP D 198 20.93 -31.31 -36.12
CA ASP D 198 21.89 -32.42 -36.07
C ASP D 198 21.16 -33.75 -36.00
N MET D 199 20.35 -33.94 -34.96
CA MET D 199 19.34 -34.99 -34.88
C MET D 199 19.91 -36.39 -34.65
N GLU D 200 21.18 -36.62 -35.00
CA GLU D 200 21.80 -37.93 -34.80
C GLU D 200 23.26 -37.78 -34.35
N ARG D 201 23.48 -37.39 -33.09
CA ARG D 201 22.43 -36.92 -32.19
C ARG D 201 22.80 -35.51 -31.71
N ARG D 202 23.38 -35.45 -30.50
CA ARG D 202 23.92 -34.24 -29.88
C ARG D 202 23.00 -33.01 -29.92
N ASP D 203 22.19 -32.87 -30.98
CA ASP D 203 20.96 -32.08 -30.96
C ASP D 203 21.21 -30.62 -30.57
N VAL D 204 21.82 -29.88 -31.50
CA VAL D 204 22.16 -28.47 -31.31
C VAL D 204 22.27 -27.79 -32.67
N ASP D 205 21.71 -26.58 -32.77
CA ASP D 205 21.97 -25.69 -33.92
C ASP D 205 21.31 -24.32 -33.76
N PHE D 206 21.97 -23.29 -34.32
CA PHE D 206 21.59 -21.88 -34.31
C PHE D 206 22.94 -21.18 -34.52
N GLU D 207 23.07 -20.17 -35.38
CA GLU D 207 21.99 -19.43 -36.01
C GLU D 207 22.00 -19.48 -37.54
N LEU D 208 21.00 -20.15 -38.10
CA LEU D 208 20.77 -20.15 -39.54
C LEU D 208 19.39 -19.63 -39.90
N ILE D 209 18.67 -19.03 -38.95
CA ILE D 209 17.27 -18.64 -39.13
C ILE D 209 17.11 -17.17 -38.74
N LYS D 210 16.28 -16.45 -39.49
CA LYS D 210 15.91 -15.07 -39.20
C LYS D 210 14.73 -14.72 -40.10
N VAL D 211 14.45 -13.43 -40.25
CA VAL D 211 13.40 -12.96 -41.16
C VAL D 211 13.89 -11.76 -41.96
N THR D 222 2.50 -14.74 -45.53
CA THR D 222 3.61 -15.52 -45.02
C THR D 222 3.83 -16.75 -45.91
N LYS D 223 5.09 -17.03 -46.24
CA LYS D 223 5.43 -18.08 -47.19
C LYS D 223 6.42 -19.06 -46.58
N LEU D 224 6.52 -20.24 -47.19
CA LEU D 224 7.57 -21.18 -46.84
C LEU D 224 8.89 -20.65 -47.40
N ILE D 225 9.97 -21.38 -47.13
CA ILE D 225 11.32 -20.86 -47.32
C ILE D 225 12.24 -21.97 -47.78
N LYS D 226 13.18 -21.62 -48.66
CA LYS D 226 14.15 -22.57 -49.18
C LYS D 226 15.58 -22.26 -48.75
N GLY D 227 15.83 -21.11 -48.15
CA GLY D 227 17.17 -20.76 -47.72
C GLY D 227 17.19 -19.42 -47.04
N VAL D 228 18.35 -18.77 -47.06
CA VAL D 228 18.49 -17.43 -46.51
C VAL D 228 18.38 -16.42 -47.65
N ILE D 229 17.82 -15.25 -47.34
CA ILE D 229 17.46 -14.27 -48.36
C ILE D 229 17.95 -12.89 -47.94
N VAL D 230 18.16 -12.04 -48.94
CA VAL D 230 18.68 -10.69 -48.74
C VAL D 230 17.85 -9.72 -49.58
N ASP D 231 17.96 -8.44 -49.26
CA ASP D 231 17.25 -7.40 -49.98
C ASP D 231 18.19 -6.76 -51.02
N LYS D 232 17.89 -5.52 -51.42
CA LYS D 232 18.69 -4.74 -52.35
C LYS D 232 18.69 -5.37 -53.74
N ASP D 233 19.72 -5.07 -54.54
CA ASP D 233 19.80 -5.54 -55.91
C ASP D 233 21.27 -5.70 -56.27
N PHE D 234 21.53 -6.32 -57.42
CA PHE D 234 22.91 -6.35 -57.86
C PHE D 234 23.37 -5.03 -58.45
N SER D 235 22.51 -4.00 -58.47
CA SER D 235 22.78 -2.68 -59.01
C SER D 235 23.01 -2.69 -60.52
N HIS D 236 22.05 -2.13 -61.29
CA HIS D 236 22.02 -1.95 -62.75
C HIS D 236 21.39 -3.14 -63.47
N PRO D 237 20.07 -3.17 -63.64
CA PRO D 237 19.37 -4.43 -64.01
C PRO D 237 19.81 -5.05 -65.33
N GLN D 238 20.65 -4.39 -66.13
CA GLN D 238 21.11 -5.01 -67.36
C GLN D 238 21.93 -6.27 -67.10
N MET D 239 22.31 -6.51 -65.86
CA MET D 239 23.14 -7.64 -65.53
C MET D 239 22.27 -8.90 -65.50
N PRO D 240 22.87 -10.09 -65.51
CA PRO D 240 22.05 -11.30 -65.48
C PRO D 240 21.42 -11.51 -64.10
N LYS D 241 20.15 -11.94 -64.11
CA LYS D 241 19.46 -12.33 -62.89
C LYS D 241 19.71 -13.78 -62.50
N LYS D 242 20.25 -14.59 -63.40
CA LYS D 242 20.52 -16.00 -63.16
C LYS D 242 22.02 -16.17 -62.97
N VAL D 243 22.46 -16.24 -61.72
CA VAL D 243 23.87 -16.35 -61.39
C VAL D 243 24.18 -17.75 -60.85
N GLU D 244 23.36 -18.74 -61.19
CA GLU D 244 23.49 -20.08 -60.60
C GLU D 244 24.91 -20.60 -60.71
N ASP D 245 25.32 -21.37 -59.72
CA ASP D 245 26.70 -21.83 -59.56
C ASP D 245 27.64 -20.62 -59.43
N ALA D 246 27.42 -19.86 -58.37
CA ALA D 246 28.11 -18.59 -58.16
C ALA D 246 29.23 -18.74 -57.14
N LYS D 247 30.37 -18.13 -57.44
CA LYS D 247 31.51 -18.05 -56.51
C LYS D 247 31.52 -16.65 -55.94
N ILE D 248 31.07 -16.52 -54.70
CA ILE D 248 30.83 -15.21 -54.09
C ILE D 248 32.13 -14.65 -53.55
N ALA D 249 32.45 -13.42 -53.94
CA ALA D 249 33.66 -12.73 -53.51
C ALA D 249 33.27 -11.67 -52.49
N ILE D 250 33.41 -12.01 -51.21
CA ILE D 250 33.02 -11.11 -50.12
C ILE D 250 34.18 -10.17 -49.84
N LEU D 251 33.99 -8.90 -50.18
CA LEU D 251 35.03 -7.89 -50.05
C LEU D 251 34.49 -6.70 -49.28
N THR D 252 35.05 -6.43 -48.10
CA THR D 252 34.77 -5.22 -47.34
C THR D 252 35.97 -4.30 -47.51
N CYS D 253 35.88 -3.40 -48.49
CA CYS D 253 37.04 -2.59 -48.88
C CYS D 253 36.60 -1.46 -49.80
N PRO D 254 37.46 -0.46 -50.05
CA PRO D 254 37.15 0.54 -51.07
C PRO D 254 37.66 0.13 -52.45
N PHE D 255 37.32 0.94 -53.44
CA PHE D 255 37.76 0.75 -54.84
C PHE D 255 38.32 2.08 -55.31
N GLU D 256 39.62 2.27 -55.11
CA GLU D 256 40.30 3.52 -55.39
C GLU D 256 41.70 3.23 -55.92
N PRO D 257 42.27 4.13 -56.70
CA PRO D 257 43.67 3.97 -57.13
C PRO D 257 44.60 4.05 -55.94
N PRO D 258 45.54 3.12 -55.81
CA PRO D 258 46.43 3.11 -54.64
C PRO D 258 47.30 4.36 -54.58
N LYS D 259 46.82 5.36 -53.85
CA LYS D 259 47.53 6.63 -53.73
C LYS D 259 48.92 6.40 -53.14
N PRO D 260 49.98 6.85 -53.80
CA PRO D 260 51.32 6.73 -53.22
C PRO D 260 51.53 7.71 -52.09
N LYS D 261 52.59 7.47 -51.30
CA LYS D 261 52.90 8.28 -50.12
C LYS D 261 54.10 9.17 -50.42
N THR D 262 53.83 10.44 -50.74
CA THR D 262 54.84 11.46 -50.99
C THR D 262 54.09 12.80 -51.06
N LYS D 263 54.84 13.90 -50.95
CA LYS D 263 54.27 15.21 -51.23
C LYS D 263 53.58 15.18 -52.59
N HIS D 264 52.28 15.42 -52.59
CA HIS D 264 51.45 15.08 -53.74
C HIS D 264 51.09 16.37 -54.47
N LYS D 265 49.92 16.97 -54.22
CA LYS D 265 49.44 18.14 -54.95
C LYS D 265 49.51 17.95 -56.45
N LEU D 266 48.52 17.26 -57.02
CA LEU D 266 48.45 17.15 -58.47
C LEU D 266 48.11 18.51 -59.08
N ASP D 267 48.60 18.73 -60.31
CA ASP D 267 48.28 19.91 -61.09
C ASP D 267 47.94 19.48 -62.50
N VAL D 268 46.79 19.92 -63.00
CA VAL D 268 46.22 19.41 -64.23
C VAL D 268 45.72 20.59 -65.06
N THR D 269 45.84 20.48 -66.39
CA THR D 269 45.39 21.52 -67.32
C THR D 269 44.40 20.91 -68.33
N SER D 270 43.12 20.95 -67.99
CA SER D 270 42.01 20.69 -68.90
C SER D 270 42.17 19.31 -69.56
N VAL D 271 41.71 19.20 -70.81
CA VAL D 271 41.67 17.98 -71.60
C VAL D 271 42.85 17.06 -71.32
N GLU D 272 44.02 17.46 -71.81
CA GLU D 272 45.26 16.70 -71.77
C GLU D 272 45.38 15.77 -70.57
N ASP D 273 45.52 16.34 -69.39
CA ASP D 273 45.78 15.54 -68.19
C ASP D 273 44.49 15.10 -67.49
N TYR D 274 43.43 15.91 -67.54
CA TYR D 274 42.21 15.60 -66.80
C TYR D 274 41.52 14.36 -67.34
N LYS D 275 41.17 14.37 -68.63
CA LYS D 275 40.55 13.20 -69.24
C LYS D 275 41.45 11.98 -69.11
N ALA D 276 42.77 12.17 -69.10
CA ALA D 276 43.69 11.08 -68.83
C ALA D 276 43.59 10.59 -67.40
N LEU D 277 43.17 11.46 -66.47
CA LEU D 277 42.97 11.04 -65.08
C LEU D 277 41.73 10.15 -64.95
N GLN D 278 40.60 10.59 -65.50
CA GLN D 278 39.40 9.78 -65.52
C GLN D 278 39.68 8.42 -66.16
N LYS D 279 40.23 8.43 -67.39
CA LYS D 279 40.62 7.19 -68.05
C LYS D 279 41.56 6.36 -67.18
N TYR D 280 42.48 7.02 -66.47
CA TYR D 280 43.43 6.30 -65.63
C TYR D 280 42.72 5.45 -64.59
N GLU D 281 41.92 6.08 -63.72
CA GLU D 281 41.29 5.34 -62.64
C GLU D 281 40.21 4.38 -63.16
N LYS D 282 39.71 4.59 -64.38
CA LYS D 282 38.87 3.57 -64.99
C LYS D 282 39.68 2.33 -65.34
N GLU D 283 40.89 2.51 -65.89
CA GLU D 283 41.77 1.37 -66.13
C GLU D 283 42.13 0.68 -64.82
N LYS D 284 42.53 1.46 -63.81
CA LYS D 284 42.84 0.88 -62.50
C LYS D 284 41.64 0.13 -61.94
N PHE D 285 40.42 0.58 -62.25
CA PHE D 285 39.23 -0.18 -61.87
C PHE D 285 39.19 -1.52 -62.61
N GLU D 286 39.55 -1.51 -63.90
CA GLU D 286 39.59 -2.76 -64.65
C GLU D 286 40.64 -3.73 -64.10
N GLU D 287 41.66 -3.20 -63.42
CA GLU D 287 42.62 -4.06 -62.74
C GLU D 287 41.93 -4.94 -61.70
N MET D 288 41.16 -4.32 -60.81
CA MET D 288 40.44 -5.08 -59.79
C MET D 288 39.39 -5.98 -60.42
N ILE D 289 38.72 -5.49 -61.48
CA ILE D 289 37.73 -6.32 -62.18
C ILE D 289 38.36 -7.61 -62.67
N GLN D 290 39.43 -7.48 -63.45
CA GLN D 290 40.13 -8.65 -63.96
C GLN D 290 40.79 -9.46 -62.85
N GLN D 291 40.96 -8.89 -61.66
CA GLN D 291 41.50 -9.64 -60.54
C GLN D 291 40.45 -10.54 -59.91
N ILE D 292 39.23 -10.03 -59.75
CA ILE D 292 38.15 -10.82 -59.15
C ILE D 292 37.77 -11.99 -60.06
N LYS D 293 37.89 -11.81 -61.38
CA LYS D 293 37.53 -12.87 -62.31
C LYS D 293 38.61 -13.94 -62.44
N GLU D 294 39.85 -13.64 -62.06
CA GLU D 294 40.91 -14.64 -62.14
C GLU D 294 40.76 -15.70 -61.05
N THR D 295 40.42 -15.29 -59.84
CA THR D 295 40.14 -16.19 -58.73
C THR D 295 38.64 -16.17 -58.47
N GLY D 296 37.96 -17.23 -58.89
CA GLY D 296 36.51 -17.25 -58.86
C GLY D 296 35.93 -16.74 -60.16
N ALA D 297 34.68 -16.31 -60.07
CA ALA D 297 33.95 -15.80 -61.23
C ALA D 297 32.66 -15.15 -60.73
N ASN D 298 31.77 -14.84 -61.68
CA ASN D 298 30.43 -14.31 -61.44
C ASN D 298 30.36 -13.25 -60.35
N LEU D 299 29.36 -13.34 -59.48
CA LEU D 299 29.00 -12.22 -58.61
C LEU D 299 30.02 -12.02 -57.50
N ALA D 300 30.01 -10.81 -56.94
CA ALA D 300 30.78 -10.44 -55.76
C ALA D 300 29.88 -9.66 -54.81
N ILE D 301 30.42 -9.32 -53.65
CA ILE D 301 29.71 -8.53 -52.65
C ILE D 301 30.68 -7.51 -52.07
N CYS D 302 30.21 -6.27 -51.93
CA CYS D 302 31.10 -5.17 -51.58
C CYS D 302 30.41 -4.20 -50.62
N GLN D 303 31.19 -3.66 -49.70
CA GLN D 303 30.76 -2.53 -48.87
C GLN D 303 31.17 -1.23 -49.55
N TRP D 304 30.95 -0.12 -48.86
CA TRP D 304 31.52 1.19 -49.22
C TRP D 304 31.08 1.56 -50.64
N GLY D 305 31.93 2.30 -51.37
CA GLY D 305 31.51 2.98 -52.57
C GLY D 305 31.60 2.18 -53.84
N PHE D 306 30.75 2.55 -54.80
CA PHE D 306 30.77 2.04 -56.16
C PHE D 306 30.53 3.23 -57.09
N ASP D 307 29.28 3.64 -57.19
CA ASP D 307 28.83 4.89 -57.84
C ASP D 307 29.50 5.05 -59.19
N ASP D 308 29.68 6.30 -59.63
CA ASP D 308 30.43 6.63 -60.84
C ASP D 308 29.95 5.84 -62.05
N GLU D 309 30.81 5.70 -63.05
CA GLU D 309 30.54 4.76 -64.12
C GLU D 309 30.71 3.35 -63.56
N ALA D 310 31.96 3.01 -63.20
CA ALA D 310 32.34 1.87 -62.38
C ALA D 310 31.39 0.67 -62.48
N ASN D 311 30.22 0.79 -61.85
CA ASN D 311 29.19 -0.25 -61.97
C ASN D 311 28.86 -0.53 -63.42
N HIS D 312 29.00 0.48 -64.29
CA HIS D 312 28.85 0.25 -65.73
C HIS D 312 29.90 -0.73 -66.23
N LEU D 313 31.18 -0.46 -65.93
CA LEU D 313 32.26 -1.28 -66.47
C LEU D 313 32.12 -2.74 -66.09
N LEU D 314 31.72 -3.03 -64.84
CA LEU D 314 31.57 -4.42 -64.42
C LEU D 314 30.53 -5.15 -65.24
N LEU D 315 29.49 -4.45 -65.70
CA LEU D 315 28.52 -5.06 -66.62
C LEU D 315 29.20 -5.54 -67.88
N GLN D 316 30.03 -4.69 -68.50
CA GLN D 316 30.73 -5.08 -69.71
C GLN D 316 31.71 -6.22 -69.49
N ASN D 317 32.15 -6.43 -68.25
CA ASN D 317 33.05 -7.54 -67.91
C ASN D 317 32.32 -8.71 -67.28
N ASN D 318 30.99 -8.64 -67.16
CA ASN D 318 30.17 -9.70 -66.58
C ASN D 318 30.66 -10.06 -65.17
N LEU D 319 30.40 -9.13 -64.24
CA LEU D 319 30.76 -9.30 -62.84
C LEU D 319 29.67 -8.66 -61.98
N PRO D 320 28.50 -9.28 -61.91
CA PRO D 320 27.37 -8.65 -61.22
C PRO D 320 27.51 -8.65 -59.71
N ALA D 321 28.19 -7.64 -59.16
CA ALA D 321 28.39 -7.54 -57.73
C ALA D 321 27.18 -6.87 -57.07
N VAL D 322 27.32 -6.51 -55.79
CA VAL D 322 26.22 -5.91 -55.04
C VAL D 322 26.83 -4.93 -54.03
N ARG D 323 26.08 -3.88 -53.71
CA ARG D 323 26.51 -2.82 -52.81
C ARG D 323 25.29 -2.06 -52.33
N TRP D 324 25.33 -1.58 -51.09
CA TRP D 324 26.39 -1.85 -50.12
C TRP D 324 25.76 -2.05 -48.74
N VAL D 325 26.40 -2.85 -47.88
CA VAL D 325 25.83 -3.19 -46.58
C VAL D 325 26.95 -3.46 -45.59
N GLY D 326 26.66 -3.26 -44.30
CA GLY D 326 27.63 -3.45 -43.24
C GLY D 326 27.76 -4.91 -42.83
N GLY D 327 28.07 -5.11 -41.55
CA GLY D 327 28.23 -6.42 -40.96
C GLY D 327 27.16 -7.42 -41.34
N PRO D 328 25.91 -7.16 -40.99
CA PRO D 328 24.82 -8.04 -41.44
C PRO D 328 24.75 -8.07 -42.95
N GLU D 329 24.33 -9.22 -43.48
CA GLU D 329 24.19 -9.49 -44.91
C GLU D 329 25.55 -9.64 -45.58
N ILE D 330 26.62 -9.25 -44.89
CA ILE D 330 27.98 -9.60 -45.30
C ILE D 330 28.34 -10.90 -44.61
N GLU D 331 28.35 -10.90 -43.28
CA GLU D 331 28.61 -12.12 -42.53
C GLU D 331 27.48 -13.15 -42.70
N LEU D 332 26.28 -12.69 -43.07
CA LEU D 332 25.19 -13.63 -43.35
C LEU D 332 25.55 -14.53 -44.53
N ILE D 333 25.86 -13.92 -45.69
CA ILE D 333 26.27 -14.68 -46.85
C ILE D 333 27.64 -15.31 -46.65
N ALA D 334 28.44 -14.77 -45.71
CA ALA D 334 29.72 -15.39 -45.41
C ALA D 334 29.53 -16.74 -44.71
N ILE D 335 28.76 -16.75 -43.63
CA ILE D 335 28.52 -18.02 -42.94
C ILE D 335 27.67 -18.96 -43.80
N ALA D 336 26.80 -18.40 -44.64
CA ALA D 336 25.93 -19.22 -45.48
C ALA D 336 26.74 -19.96 -46.56
N THR D 337 27.33 -19.21 -47.49
CA THR D 337 28.04 -19.78 -48.63
C THR D 337 29.50 -19.30 -48.57
N GLY D 338 30.41 -20.25 -48.46
CA GLY D 338 31.80 -19.89 -48.22
C GLY D 338 31.92 -19.28 -46.85
N GLY D 339 32.46 -18.07 -46.77
CA GLY D 339 33.03 -17.41 -47.93
C GLY D 339 34.18 -16.56 -47.44
N ARG D 340 34.43 -16.71 -46.13
CA ARG D 340 35.39 -15.90 -45.39
C ARG D 340 35.18 -14.41 -45.65
N ILE D 341 36.19 -13.59 -45.35
CA ILE D 341 36.14 -12.16 -45.61
C ILE D 341 37.51 -11.72 -46.10
N VAL D 342 37.53 -10.79 -47.05
CA VAL D 342 38.76 -10.27 -47.63
C VAL D 342 38.88 -8.80 -47.22
N PRO D 343 39.91 -8.42 -46.46
CA PRO D 343 40.11 -6.99 -46.18
C PRO D 343 40.45 -6.20 -47.41
N ARG D 344 41.08 -6.83 -48.40
CA ARG D 344 41.39 -6.21 -49.68
C ARG D 344 40.16 -6.27 -50.60
N PHE D 345 40.09 -5.41 -51.64
CA PHE D 345 41.11 -4.55 -52.31
C PHE D 345 42.13 -5.38 -53.10
N SER D 346 41.63 -6.26 -53.96
CA SER D 346 42.33 -6.93 -55.06
C SER D 346 43.37 -7.97 -54.60
N GLU D 347 43.68 -8.09 -53.32
CA GLU D 347 44.71 -9.01 -52.85
C GLU D 347 44.02 -10.16 -52.11
N LEU D 348 43.86 -11.29 -52.79
CA LEU D 348 43.17 -12.44 -52.22
C LEU D 348 43.45 -13.66 -53.07
N THR D 349 43.19 -14.83 -52.48
CA THR D 349 43.20 -16.11 -53.18
C THR D 349 41.91 -16.83 -52.88
N ALA D 350 41.42 -17.61 -53.85
CA ALA D 350 40.12 -18.26 -53.74
C ALA D 350 40.26 -19.72 -54.17
N GLU D 351 40.09 -20.69 -53.27
CA GLU D 351 39.86 -20.58 -51.81
C GLU D 351 38.56 -19.87 -51.38
N LYS D 352 38.70 -18.67 -50.80
CA LYS D 352 37.67 -18.01 -50.02
C LYS D 352 36.24 -18.14 -50.56
N LEU D 353 36.07 -18.00 -51.88
CA LEU D 353 34.75 -17.75 -52.45
C LEU D 353 33.76 -18.85 -52.09
N GLY D 354 32.48 -18.45 -52.00
CA GLY D 354 31.43 -19.36 -51.61
C GLY D 354 30.81 -20.09 -52.79
N PHE D 355 30.22 -21.25 -52.50
CA PHE D 355 29.72 -22.16 -53.52
C PHE D 355 28.20 -22.12 -53.66
N ALA D 356 27.58 -20.96 -53.44
CA ALA D 356 26.13 -20.84 -53.55
C ALA D 356 25.65 -21.36 -54.89
N GLY D 357 24.62 -22.20 -54.85
CA GLY D 357 24.15 -22.89 -56.03
C GLY D 357 23.30 -22.03 -56.95
N LEU D 358 22.39 -21.25 -56.38
CA LEU D 358 21.48 -20.40 -57.14
C LEU D 358 21.43 -19.01 -56.54
N VAL D 359 21.39 -18.00 -57.41
CA VAL D 359 21.21 -16.60 -57.01
C VAL D 359 20.28 -15.93 -58.02
N GLN D 360 19.16 -15.39 -57.54
CA GLN D 360 18.16 -14.81 -58.42
C GLN D 360 17.71 -13.45 -57.89
N GLU D 361 16.91 -12.76 -58.69
CA GLU D 361 16.39 -11.44 -58.36
C GLU D 361 14.89 -11.41 -58.59
N ILE D 362 14.13 -10.95 -57.60
CA ILE D 362 12.69 -10.78 -57.71
C ILE D 362 12.31 -9.45 -57.04
N SER D 363 11.31 -8.78 -57.61
CA SER D 363 10.83 -7.51 -57.06
C SER D 363 9.79 -7.75 -55.96
N ASP D 369 14.20 -7.36 -54.09
CA ASP D 369 15.05 -8.15 -53.20
C ASP D 369 15.56 -9.42 -53.89
N LYS D 370 16.88 -9.55 -53.99
CA LYS D 370 17.50 -10.70 -54.62
C LYS D 370 17.81 -11.77 -53.58
N MET D 371 17.56 -13.03 -53.95
CA MET D 371 17.60 -14.13 -53.00
C MET D 371 18.42 -15.28 -53.58
N LEU D 372 19.16 -15.97 -52.72
CA LEU D 372 20.02 -17.07 -53.14
C LEU D 372 19.61 -18.36 -52.43
N VAL D 373 19.73 -19.48 -53.15
CA VAL D 373 19.29 -20.78 -52.69
C VAL D 373 20.42 -21.77 -52.93
N ILE D 374 20.31 -22.95 -52.29
CA ILE D 374 21.25 -24.05 -52.43
C ILE D 374 22.63 -23.56 -51.98
N GLU D 375 22.85 -23.52 -50.68
CA GLU D 375 24.01 -22.87 -50.11
C GLU D 375 24.96 -23.88 -49.49
N GLN D 376 26.24 -23.55 -49.49
CA GLN D 376 27.28 -24.39 -48.92
C GLN D 376 27.21 -24.43 -47.40
N ALA D 382 20.95 -24.45 -43.93
CA ALA D 382 20.84 -23.00 -44.01
C ALA D 382 19.51 -22.57 -44.63
N VAL D 383 18.47 -22.48 -43.79
CA VAL D 383 17.14 -22.07 -44.21
C VAL D 383 16.63 -21.01 -43.23
N THR D 384 15.96 -19.99 -43.76
CA THR D 384 15.60 -18.79 -43.02
C THR D 384 14.19 -18.36 -43.36
N ILE D 385 13.38 -18.02 -42.34
CA ILE D 385 11.95 -17.82 -42.52
C ILE D 385 11.66 -16.44 -43.11
N PHE D 386 10.51 -16.33 -43.78
CA PHE D 386 10.04 -15.10 -44.39
C PHE D 386 8.59 -14.87 -44.01
N ILE D 387 8.23 -13.59 -43.82
CA ILE D 387 6.86 -13.21 -43.51
C ILE D 387 6.18 -12.60 -44.73
N HIS D 403 9.67 -14.67 -33.30
CA HIS D 403 10.67 -15.42 -32.54
C HIS D 403 9.99 -16.56 -31.79
N ASP D 404 10.15 -16.58 -30.47
CA ASP D 404 9.41 -17.47 -29.58
C ASP D 404 9.75 -18.93 -29.79
N ALA D 405 8.78 -19.72 -30.29
CA ALA D 405 8.86 -21.17 -30.29
C ALA D 405 10.14 -21.73 -30.92
N LEU D 406 10.78 -20.97 -31.82
CA LEU D 406 11.99 -21.46 -32.47
C LEU D 406 13.06 -21.87 -31.46
N CYS D 407 13.14 -21.15 -30.34
CA CYS D 407 14.04 -21.56 -29.27
C CYS D 407 13.50 -22.76 -28.51
N VAL D 408 12.20 -22.74 -28.19
CA VAL D 408 11.58 -23.84 -27.46
C VAL D 408 11.84 -25.17 -28.17
N ILE D 409 11.56 -25.22 -29.47
CA ILE D 409 11.78 -26.44 -30.24
C ILE D 409 13.22 -26.92 -30.10
N ARG D 410 14.17 -25.99 -30.23
CA ARG D 410 15.58 -26.32 -30.02
C ARG D 410 15.80 -27.06 -28.70
N ASN D 411 15.27 -26.51 -27.62
CA ASN D 411 15.37 -27.17 -26.32
C ASN D 411 14.74 -28.55 -26.34
N LEU D 412 13.55 -28.67 -26.94
CA LEU D 412 12.91 -29.98 -27.05
C LEU D 412 13.75 -30.94 -27.88
N ILE D 413 14.48 -30.43 -28.86
CA ILE D 413 15.40 -31.26 -29.61
C ILE D 413 16.55 -31.73 -28.72
N ARG D 414 17.01 -30.87 -27.82
CA ARG D 414 18.07 -31.26 -26.88
C ARG D 414 17.54 -32.27 -25.86
N ASP D 415 16.46 -31.93 -25.17
CA ASP D 415 15.78 -32.86 -24.27
C ASP D 415 14.28 -32.72 -24.46
N ASN D 416 13.61 -33.84 -24.71
CA ASN D 416 12.20 -33.85 -25.07
C ASN D 416 11.26 -33.79 -23.87
N ARG D 417 11.78 -33.53 -22.67
CA ARG D 417 10.95 -33.46 -21.47
C ARG D 417 10.47 -32.04 -21.23
N VAL D 418 9.31 -31.91 -20.58
CA VAL D 418 8.74 -30.63 -20.22
C VAL D 418 8.21 -30.70 -18.79
N VAL D 419 8.21 -29.54 -18.12
CA VAL D 419 7.53 -29.37 -16.85
C VAL D 419 6.51 -28.24 -17.02
N TYR D 420 5.39 -28.37 -16.32
CA TYR D 420 4.33 -27.38 -16.43
C TYR D 420 4.75 -26.08 -15.73
N GLY D 421 4.37 -24.96 -16.33
CA GLY D 421 4.78 -23.66 -15.84
C GLY D 421 3.78 -23.01 -14.89
N GLY D 422 3.60 -21.71 -15.03
CA GLY D 422 2.71 -20.99 -14.14
C GLY D 422 3.14 -21.01 -12.69
N GLY D 423 4.43 -21.09 -12.43
CA GLY D 423 4.94 -21.15 -11.07
C GLY D 423 4.79 -22.50 -10.39
N ALA D 424 4.17 -23.48 -11.05
CA ALA D 424 3.97 -24.79 -10.44
C ALA D 424 5.30 -25.47 -10.18
N ALA D 425 6.16 -25.54 -11.21
CA ALA D 425 7.47 -26.14 -11.04
C ALA D 425 8.25 -25.46 -9.92
N GLU D 426 8.06 -24.14 -9.77
CA GLU D 426 8.70 -23.42 -8.68
C GLU D 426 8.17 -23.88 -7.33
N ILE D 427 6.85 -24.13 -7.25
CA ILE D 427 6.25 -24.54 -5.99
C ILE D 427 6.76 -25.92 -5.59
N SER D 428 6.68 -26.88 -6.50
CA SER D 428 7.16 -28.24 -6.20
C SER D 428 8.65 -28.23 -5.88
N CYS D 429 9.43 -27.42 -6.61
CA CYS D 429 10.86 -27.29 -6.28
C CYS D 429 11.06 -26.73 -4.89
N ALA D 430 10.23 -25.75 -4.50
CA ALA D 430 10.33 -25.18 -3.16
C ALA D 430 10.00 -26.23 -2.11
N LEU D 431 8.94 -27.02 -2.33
CA LEU D 431 8.60 -28.08 -1.40
C LEU D 431 9.74 -29.08 -1.26
N ALA D 432 10.46 -29.34 -2.35
CA ALA D 432 11.56 -30.28 -2.30
C ALA D 432 12.75 -29.70 -1.54
N VAL D 433 13.14 -28.47 -1.88
CA VAL D 433 14.28 -27.85 -1.21
C VAL D 433 14.02 -27.70 0.28
N SER D 434 12.79 -27.36 0.65
CA SER D 434 12.46 -27.21 2.08
C SER D 434 12.38 -28.57 2.76
N GLN D 435 11.79 -29.57 2.11
CA GLN D 435 11.73 -30.91 2.69
C GLN D 435 13.12 -31.46 2.93
N GLU D 436 14.05 -31.20 2.01
CA GLU D 436 15.44 -31.60 2.20
C GLU D 436 16.19 -30.67 3.15
N ALA D 437 15.69 -29.45 3.38
CA ALA D 437 16.36 -28.53 4.28
C ALA D 437 16.05 -28.83 5.74
N ASP D 438 14.90 -29.44 6.03
CA ASP D 438 14.56 -29.78 7.41
C ASP D 438 15.62 -30.70 8.03
N LYS D 439 16.23 -31.56 7.23
CA LYS D 439 17.31 -32.44 7.68
C LYS D 439 18.62 -31.89 7.12
N CYS D 440 19.25 -30.98 7.87
CA CYS D 440 20.51 -30.40 7.46
C CYS D 440 21.18 -29.80 8.69
N PRO D 441 22.48 -29.97 8.85
CA PRO D 441 23.19 -29.37 9.99
C PRO D 441 23.77 -28.01 9.62
N THR D 442 24.30 -27.35 10.64
CA THR D 442 25.06 -26.09 10.53
C THR D 442 24.15 -25.02 9.91
N LEU D 443 24.75 -24.11 9.13
CA LEU D 443 24.05 -22.92 8.67
C LEU D 443 23.36 -23.09 7.33
N GLU D 444 23.82 -24.03 6.50
CA GLU D 444 23.22 -24.25 5.19
C GLU D 444 21.72 -24.53 5.29
N GLN D 445 21.25 -24.99 6.45
CA GLN D 445 19.82 -25.15 6.70
C GLN D 445 19.06 -23.87 6.36
N TYR D 446 19.45 -22.76 6.99
CA TYR D 446 18.75 -21.49 6.77
C TYR D 446 18.90 -21.03 5.33
N ALA D 447 20.06 -21.29 4.72
CA ALA D 447 20.27 -20.90 3.32
C ALA D 447 19.29 -21.61 2.40
N MET D 448 19.12 -22.92 2.59
CA MET D 448 18.21 -23.68 1.75
C MET D 448 16.77 -23.23 1.96
N ARG D 449 16.37 -23.02 3.20
CA ARG D 449 15.02 -22.52 3.48
C ARG D 449 14.79 -21.17 2.81
N ALA D 450 15.78 -20.27 2.90
CA ALA D 450 15.68 -19.00 2.20
C ALA D 450 15.52 -19.22 0.70
N PHE D 451 16.22 -20.23 0.15
CA PHE D 451 16.08 -20.53 -1.26
C PHE D 451 14.65 -20.95 -1.60
N ALA D 452 14.03 -21.75 -0.74
CA ALA D 452 12.64 -22.14 -0.95
C ALA D 452 11.73 -20.92 -1.01
N ASP D 453 11.79 -20.07 0.02
CA ASP D 453 11.03 -18.82 0.03
C ASP D 453 11.37 -17.94 -1.16
N ALA D 454 12.55 -18.11 -1.75
CA ALA D 454 12.91 -17.35 -2.95
C ALA D 454 12.18 -17.86 -4.18
N LEU D 455 12.15 -19.19 -4.37
CA LEU D 455 11.43 -19.75 -5.50
C LEU D 455 9.94 -19.45 -5.42
N GLU D 456 9.39 -19.34 -4.21
CA GLU D 456 7.96 -19.06 -4.09
C GLU D 456 7.60 -17.62 -4.48
N VAL D 457 8.52 -16.80 -5.00
CA VAL D 457 8.15 -15.44 -5.40
C VAL D 457 7.52 -15.43 -6.79
N ILE D 458 7.79 -16.44 -7.61
CA ILE D 458 7.23 -16.51 -8.96
C ILE D 458 5.71 -16.68 -8.87
N PRO D 459 5.17 -17.62 -8.08
CA PRO D 459 3.70 -17.70 -7.99
C PRO D 459 3.07 -16.46 -7.40
N MET D 460 3.73 -15.83 -6.44
CA MET D 460 3.17 -14.62 -5.84
C MET D 460 3.14 -13.47 -6.83
N ALA D 461 4.26 -13.20 -7.49
CA ALA D 461 4.30 -12.16 -8.52
C ALA D 461 3.27 -12.41 -9.60
N LEU D 462 3.19 -13.66 -10.08
CA LEU D 462 2.17 -14.04 -11.05
C LEU D 462 0.77 -13.73 -10.53
N SER D 463 0.54 -13.97 -9.23
CA SER D 463 -0.78 -13.75 -8.66
C SER D 463 -1.12 -12.27 -8.61
N GLU D 464 -0.19 -11.44 -8.11
CA GLU D 464 -0.49 -10.02 -7.95
C GLU D 464 -0.59 -9.30 -9.29
N ASN D 465 0.15 -9.76 -10.31
CA ASN D 465 0.07 -9.13 -11.62
C ASN D 465 -1.30 -9.30 -12.26
N SER D 466 -2.04 -10.32 -11.87
CA SER D 466 -3.42 -10.49 -12.34
C SER D 466 -4.45 -9.88 -11.42
N GLY D 467 -4.07 -9.55 -10.18
CA GLY D 467 -4.98 -8.92 -9.24
C GLY D 467 -5.39 -9.81 -8.08
N MET D 468 -5.00 -11.09 -8.09
CA MET D 468 -5.39 -11.99 -7.01
C MET D 468 -4.59 -11.68 -5.75
N ASN D 469 -5.13 -12.10 -4.62
CA ASN D 469 -4.43 -11.97 -3.35
C ASN D 469 -3.18 -12.83 -3.39
N PRO D 470 -1.99 -12.26 -3.20
CA PRO D 470 -0.75 -13.02 -3.41
C PRO D 470 -0.61 -14.22 -2.48
N ILE D 471 -0.48 -13.95 -1.17
CA ILE D 471 -0.18 -15.03 -0.24
C ILE D 471 -1.34 -16.01 -0.12
N GLN D 472 -2.58 -15.55 -0.36
CA GLN D 472 -3.73 -16.43 -0.23
C GLN D 472 -3.71 -17.52 -1.30
N THR D 473 -3.78 -17.10 -2.57
CA THR D 473 -3.74 -18.06 -3.67
C THR D 473 -2.48 -18.91 -3.63
N MET D 474 -1.33 -18.27 -3.34
CA MET D 474 -0.08 -19.01 -3.28
C MET D 474 -0.15 -20.11 -2.22
N THR D 475 -0.57 -19.78 -1.01
CA THR D 475 -0.61 -20.77 0.06
C THR D 475 -1.56 -21.92 -0.27
N GLU D 476 -2.78 -21.59 -0.70
CA GLU D 476 -3.77 -22.63 -1.01
C GLU D 476 -3.22 -23.60 -2.06
N VAL D 477 -2.50 -23.08 -3.06
CA VAL D 477 -1.93 -23.95 -4.08
C VAL D 477 -0.84 -24.83 -3.49
N ARG D 478 0.06 -24.23 -2.68
CA ARG D 478 1.14 -25.00 -2.09
C ARG D 478 0.61 -26.13 -1.22
N ALA D 479 -0.58 -25.95 -0.65
CA ALA D 479 -1.22 -27.03 0.09
C ALA D 479 -1.83 -28.07 -0.85
N ARG D 480 -2.57 -27.62 -1.86
CA ARG D 480 -3.19 -28.56 -2.79
C ARG D 480 -2.17 -29.40 -3.55
N GLN D 481 -0.92 -28.94 -3.65
CA GLN D 481 0.09 -29.72 -4.33
C GLN D 481 0.50 -30.94 -3.51
N VAL D 482 0.61 -30.80 -2.18
CA VAL D 482 0.99 -31.96 -1.38
C VAL D 482 -0.20 -32.85 -1.09
N LYS D 483 -1.40 -32.28 -0.96
CA LYS D 483 -2.58 -33.11 -0.69
C LYS D 483 -3.02 -33.86 -1.95
N GLU D 484 -3.04 -33.20 -3.10
CA GLU D 484 -3.44 -33.85 -4.35
C GLU D 484 -2.28 -34.54 -5.05
N MET D 485 -1.04 -34.33 -4.60
CA MET D 485 0.15 -34.94 -5.20
C MET D 485 0.21 -34.64 -6.69
N ASN D 486 0.24 -33.35 -7.01
CA ASN D 486 0.13 -32.89 -8.39
C ASN D 486 1.07 -31.71 -8.59
N PRO D 487 2.30 -31.96 -9.07
CA PRO D 487 3.22 -30.86 -9.35
C PRO D 487 2.86 -30.10 -10.61
N ALA D 488 1.60 -29.67 -10.71
CA ALA D 488 1.11 -29.05 -11.94
C ALA D 488 0.23 -27.84 -11.67
N LEU D 489 -0.78 -28.01 -10.82
CA LEU D 489 -1.75 -26.95 -10.62
C LEU D 489 -1.14 -25.77 -9.88
N GLY D 490 -1.53 -24.56 -10.28
CA GLY D 490 -1.07 -23.36 -9.62
C GLY D 490 -1.09 -22.12 -10.49
N ILE D 491 -1.79 -21.09 -10.00
CA ILE D 491 -1.89 -19.77 -10.63
C ILE D 491 -2.55 -19.91 -12.00
N ASP D 492 -3.79 -19.42 -12.13
CA ASP D 492 -4.65 -19.81 -13.26
C ASP D 492 -3.96 -19.67 -14.61
N CYS D 493 -3.48 -18.48 -15.00
CA CYS D 493 -3.49 -17.22 -14.26
C CYS D 493 -4.50 -16.27 -14.90
N LEU D 494 -4.92 -16.60 -16.13
CA LEU D 494 -5.73 -15.74 -16.99
C LEU D 494 -7.14 -15.46 -16.43
N HIS D 495 -7.45 -15.80 -15.17
CA HIS D 495 -8.76 -15.57 -14.56
C HIS D 495 -9.87 -16.36 -15.23
N LYS D 496 -9.51 -17.39 -16.00
CA LYS D 496 -10.49 -18.28 -16.61
C LYS D 496 -9.83 -19.62 -16.83
N GLY D 497 -10.23 -20.62 -16.05
CA GLY D 497 -9.63 -21.93 -16.13
C GLY D 497 -9.90 -22.70 -14.85
N THR D 498 -9.41 -23.94 -14.85
CA THR D 498 -9.63 -24.85 -13.72
C THR D 498 -8.45 -24.92 -12.78
N ASN D 499 -7.42 -24.10 -12.98
CA ASN D 499 -6.26 -23.98 -12.10
C ASN D 499 -5.35 -25.21 -12.18
N ASP D 500 -5.76 -26.25 -12.91
CA ASP D 500 -5.00 -27.49 -12.92
C ASP D 500 -3.68 -27.36 -13.68
N MET D 501 -3.61 -26.43 -14.64
CA MET D 501 -2.40 -26.14 -15.42
C MET D 501 -2.05 -27.30 -16.35
N LYS D 502 -2.60 -28.50 -16.09
CA LYS D 502 -2.48 -29.58 -17.08
C LYS D 502 -3.18 -29.19 -18.38
N GLN D 503 -4.44 -28.79 -18.28
CA GLN D 503 -5.07 -28.07 -19.38
C GLN D 503 -4.41 -26.70 -19.54
N GLN D 504 -4.81 -25.98 -20.59
CA GLN D 504 -4.19 -24.74 -21.03
C GLN D 504 -2.84 -25.01 -21.68
N HIS D 505 -2.31 -26.21 -21.46
CA HIS D 505 -1.03 -26.67 -21.98
C HIS D 505 0.05 -25.60 -21.83
N VAL D 506 0.39 -25.27 -20.60
CA VAL D 506 1.45 -24.31 -20.30
C VAL D 506 2.69 -25.11 -19.92
N ILE D 507 3.72 -25.04 -20.75
CA ILE D 507 4.91 -25.85 -20.60
C ILE D 507 6.14 -24.96 -20.69
N GLU D 508 7.12 -25.21 -19.82
CA GLU D 508 8.38 -24.49 -19.83
C GLU D 508 9.56 -25.37 -20.20
N THR D 509 9.30 -26.55 -20.78
CA THR D 509 10.34 -27.51 -21.13
C THR D 509 11.20 -27.84 -19.91
N LEU D 510 12.45 -28.27 -20.13
CA LEU D 510 13.36 -28.58 -19.03
C LEU D 510 14.57 -27.67 -19.00
N ILE D 511 15.27 -27.54 -20.13
CA ILE D 511 16.47 -26.70 -20.17
C ILE D 511 16.13 -25.25 -19.82
N GLY D 512 14.91 -24.82 -20.12
CA GLY D 512 14.51 -23.46 -19.75
C GLY D 512 14.57 -23.23 -18.25
N LYS D 513 13.95 -24.11 -17.48
CA LYS D 513 13.91 -23.92 -16.02
C LYS D 513 15.26 -24.23 -15.39
N LYS D 514 15.88 -25.33 -15.79
CA LYS D 514 17.20 -25.69 -15.25
C LYS D 514 18.21 -24.57 -15.50
N GLN D 515 18.24 -24.05 -16.72
CA GLN D 515 19.13 -22.92 -17.01
C GLN D 515 18.73 -21.68 -16.22
N GLN D 516 17.42 -21.45 -16.06
CA GLN D 516 16.96 -20.30 -15.27
C GLN D 516 17.53 -20.35 -13.86
N ILE D 517 17.32 -21.48 -13.17
CA ILE D 517 17.78 -21.59 -11.78
C ILE D 517 19.30 -21.47 -11.71
N SER D 518 20.01 -22.19 -12.58
CA SER D 518 21.47 -22.12 -12.60
C SER D 518 21.96 -20.70 -12.79
N LEU D 519 21.29 -19.93 -13.65
CA LEU D 519 21.74 -18.56 -13.91
C LEU D 519 21.46 -17.65 -12.73
N ALA D 520 20.26 -17.75 -12.15
CA ALA D 520 19.93 -16.94 -10.98
C ALA D 520 20.88 -17.21 -9.82
N THR D 521 21.13 -18.48 -9.54
CA THR D 521 22.05 -18.83 -8.47
C THR D 521 23.47 -18.35 -8.79
N GLN D 522 23.88 -18.44 -10.05
CA GLN D 522 25.18 -17.92 -10.45
C GLN D 522 25.28 -16.42 -10.17
N MET D 523 24.25 -15.66 -10.55
CA MET D 523 24.20 -14.24 -10.24
C MET D 523 24.37 -14.00 -8.74
N VAL D 524 23.48 -14.58 -7.94
CA VAL D 524 23.48 -14.31 -6.50
C VAL D 524 24.83 -14.68 -5.88
N ARG D 525 25.39 -15.81 -6.30
CA ARG D 525 26.71 -16.19 -5.81
C ARG D 525 27.76 -15.14 -6.15
N MET D 526 27.76 -14.67 -7.41
CA MET D 526 28.70 -13.63 -7.82
C MET D 526 28.56 -12.39 -6.94
N ILE D 527 27.36 -11.81 -6.88
CA ILE D 527 27.13 -10.62 -6.06
C ILE D 527 27.59 -10.84 -4.62
N LEU D 528 27.31 -12.03 -4.08
CA LEU D 528 27.69 -12.33 -2.70
C LEU D 528 29.19 -12.31 -2.51
N LYS D 529 29.95 -12.84 -3.48
CA LYS D 529 31.40 -12.83 -3.37
C LYS D 529 31.96 -11.41 -3.43
N ILE D 530 31.35 -10.54 -4.24
CA ILE D 530 31.92 -9.23 -4.51
C ILE D 530 31.87 -8.35 -3.25
N ASP D 531 32.93 -7.57 -3.06
CA ASP D 531 32.98 -6.56 -2.00
C ASP D 531 34.03 -5.53 -2.38
N ASP D 532 33.87 -4.32 -1.83
CA ASP D 532 34.74 -3.17 -2.11
C ASP D 532 34.52 -2.68 -3.54
N ILE D 533 35.20 -3.31 -4.51
CA ILE D 533 35.00 -3.14 -5.95
C ILE D 533 34.75 -1.70 -6.39
N ARG D 534 35.69 -0.81 -6.09
CA ARG D 534 35.64 0.58 -6.55
C ARG D 534 34.40 1.33 -6.06
PB ADP E . 15.64 -10.70 33.65
O1B ADP E . 15.15 -11.26 32.33
O2B ADP E . 15.74 -11.71 34.76
O3B ADP E . 14.99 -9.41 34.06
PA ADP E . 18.42 -11.28 33.55
O1A ADP E . 19.44 -10.94 32.49
O2A ADP E . 18.82 -11.24 35.02
O3A ADP E . 17.16 -10.28 33.37
O5' ADP E . 17.89 -12.76 33.21
C5' ADP E . 17.47 -13.06 31.89
C4' ADP E . 18.00 -14.41 31.40
O4' ADP E . 19.27 -14.73 31.97
C3' ADP E . 17.09 -15.59 31.72
O3' ADP E . 16.27 -15.88 30.59
C2' ADP E . 18.04 -16.74 31.99
O2' ADP E . 17.84 -17.77 31.03
C1' ADP E . 19.44 -16.15 31.85
N9 ADP E . 20.36 -16.71 32.88
C8 ADP E . 20.46 -16.34 34.17
N7 ADP E . 21.41 -17.08 34.81
C5 ADP E . 21.92 -17.95 33.92
C6 ADP E . 22.93 -19.02 33.94
N6 ADP E . 23.63 -19.31 35.07
N1 ADP E . 23.16 -19.70 32.80
C2 ADP E . 22.48 -19.42 31.67
N3 ADP E . 21.54 -18.46 31.58
C4 ADP E . 21.22 -17.71 32.66
MG MG F . 17.14 -11.21 36.21
PB ADP G . -20.02 1.67 16.10
O1B ADP G . -20.42 1.80 14.64
O2B ADP G . -20.89 0.74 16.91
O3B ADP G . -19.70 2.97 16.77
PA ADP G . -18.44 -0.69 16.15
O1A ADP G . -17.15 -1.06 15.47
O2A ADP G . -18.68 -1.10 17.59
O3A ADP G . -18.59 0.91 16.07
O5' ADP G . -19.62 -1.31 15.24
C5' ADP G . -19.67 -1.01 13.85
C4' ADP G . -20.09 -2.19 12.98
O4' ADP G . -19.58 -3.44 13.45
C3' ADP G . -21.59 -2.38 12.86
O3' ADP G . -22.04 -1.81 11.64
C2' ADP G . -21.79 -3.89 12.81
O2' ADP G . -22.41 -4.27 11.58
C1' ADP G . -20.40 -4.47 12.89
N9 ADP G . -20.39 -5.73 13.68
C8 ADP G . -20.46 -5.86 15.01
N7 ADP G . -20.44 -7.17 15.38
C5 ADP G . -20.36 -7.91 14.26
C6 ADP G . -20.30 -9.35 13.95
N6 ADP G . -20.32 -10.29 14.93
N1 ADP G . -20.22 -9.70 12.64
C2 ADP G . -20.20 -8.78 11.67
N3 ADP G . -20.25 -7.45 11.89
C4 ADP G . -20.33 -6.95 13.15
MG MG H . -21.31 -1.05 17.90
PB ADP I . -14.54 15.36 -35.45
O1B ADP I . -13.10 15.26 -35.88
O2B ADP I . -14.86 14.62 -34.17
O3B ADP I . -15.52 15.16 -36.58
PA ADP I . -16.09 17.72 -35.11
O1A ADP I . -16.21 18.37 -36.47
O2A ADP I . -16.18 18.57 -33.86
O3A ADP I . -14.69 16.92 -35.08
O5' ADP I . -17.27 16.62 -35.00
C5' ADP I . -17.51 15.96 -33.75
C4' ADP I . -18.99 15.75 -33.48
O4' ADP I . -19.80 16.81 -33.98
C3' ADP I . -19.55 14.47 -34.09
O3' ADP I . -19.56 13.43 -33.11
C2' ADP I . -20.97 14.82 -34.47
O2' ADP I . -21.91 14.05 -33.71
C1' ADP I . -21.13 16.30 -34.12
N9 ADP I . -21.93 17.00 -35.16
C8 ADP I . -21.56 17.29 -36.43
N7 ADP I . -22.56 17.93 -37.08
C5 ADP I . -23.59 18.06 -36.23
C6 ADP I . -24.95 18.65 -36.30
N6 ADP I . -25.42 19.24 -37.43
N1 ADP I . -25.71 18.58 -35.19
C2 ADP I . -25.26 17.99 -34.06
N3 ADP I . -24.04 17.44 -33.94
C4 ADP I . -23.17 17.45 -34.97
MG MG J . -17.16 15.92 -37.83
PB ADP K . 9.81 -14.35 -19.69
O1B ADP K . 10.93 -13.63 -20.39
O2B ADP K . 10.08 -14.66 -18.23
O3B ADP K . 9.24 -15.49 -20.49
PA ADP K . 7.07 -13.60 -19.46
O1A ADP K . 6.43 -13.59 -20.82
O2A ADP K . 6.52 -12.71 -18.37
O3A ADP K . 8.64 -13.25 -19.66
O5' ADP K . 6.98 -15.11 -18.88
C5' ADP K . 7.30 -15.38 -17.52
C4' ADP K . 6.33 -16.35 -16.86
O4' ADP K . 5.01 -16.25 -17.38
C3' ADP K . 6.73 -17.81 -17.02
O3' ADP K . 7.43 -18.25 -15.85
C2' ADP K . 5.41 -18.56 -17.11
O2' ADP K . 5.26 -19.43 -15.99
C1' ADP K . 4.34 -17.48 -17.08
N9 ADP K . 3.23 -17.81 -18.01
C8 ADP K . 3.26 -17.74 -19.36
N7 ADP K . 2.06 -18.12 -19.88
C5 ADP K . 1.25 -18.46 -18.86
C6 ADP K . -0.14 -18.94 -18.72
N6 ADP K . -0.93 -19.16 -19.79
N1 ADP K . -0.59 -19.17 -17.46
C2 ADP K . 0.18 -18.95 -16.38
N3 ADP K . 1.44 -18.51 -16.44
C4 ADP K . 2.03 -18.25 -17.63
#